data_8XL1
#
_entry.id   8XL1
#
_cell.length_a   1.00
_cell.length_b   1.00
_cell.length_c   1.00
_cell.angle_alpha   90.00
_cell.angle_beta   90.00
_cell.angle_gamma   90.00
#
_symmetry.space_group_name_H-M   'P 1'
#
loop_
_entity.id
_entity.type
_entity.pdbx_description
1 polymer 'Acetyl-CoA carboxylase 1'
2 non-polymer 'ACETYL COENZYME *A'
#
_entity_poly.entity_id   1
_entity_poly.type   'polypeptide(L)'
_entity_poly.pdbx_seq_one_letter_code
;MDEPSPLAQPLELNQHSRFIIGSVSEDNSEDEISNLVKLDLLEEKEGSLSPASVGSDTLSDLGISSLQDGLALHIRSSMS
GLHLVKQGRDRKKIDSQRDFTVASPAEFVTRFGGNKVIEKVLIANNGIAAVKCMRSIRRWSYEMFRNERAIRFVVMVTPE
DLKANAEYIKMADHYVPVPGGPNNNNYANVELILDIAKRIPVQAVWAGWGHASENPKLPELLLKNGIAFMGPPSQAMWAL
GDKIASSIVAQTAGIPTLPWSGSGLRVDWQENDFSKRILNVPQELYEKGYVKDVDDGLQAAEEVGYPVMIKASEGGGGKG
IRKVNNADDFPNLFRQVQAEVPGSPIFVMRLAKQSRHLEVQILADQYGNAISLFGRDCSVQRRHQKIIEEAPATIATPAV
FEHMEQCAVKLAKMVGYVSAGTVEYLYSQDGSFYFLELNPRLQVEHPCTEMVADVNLPAAQLQIAMGIPLYRIKDIRMMY
GVSPWGDSPIDFEDSAHVPCPRGHVIAARITSENPDEGFKPSSGTVQELNFRSNKNVWGYFSVAAAGGLHEFADSQFGHC
FSWGENREEAISNMVVALKELSIRGDFRTTVEYLIKLLETESFQMNRIDTGWLDRLIAEKVQAERPDTMLGVVCGALHVA
DVSLRNSVSNFLHSLERGQVLPAHTLLNTVDVELIYEGVKYVLKVTRQSPNSYVVIMNGSCVEVDVHRLSDGGLLLSYDG
SSYTTYMKEEVDRYRITIGNKTCVFEKENDPSVMRSPSAGKLIQYIVEDGGHVFAGQCYAEIEVMKMVMTLTAVESGCIH
YVKRPGAALDPGCVLAKMQLDNPSKVQQAELHTGSLPRIQSTALRGEKLHRVFHYVLDNLVNVMNGYCLPDPFFSSKVKD
WVERLMKTLRDPSLPLLELQDIMTSVSGRIPPNVEKSIKKEMAQYASNITSVLCQFPSQQIANILDSHAATLNRKSEREV
FFMNTQSIVQLVQRYRSGIRGHMKAVVMDLLRQYLRVETQFQNGHYDKCVFALREENKSDMNTVLNYIFSHAQVTKKNLL
VTMLIDQLCGRDPTLTDELLNILTELTQLSKTTNAKVALRARQVLIASHLPSYELRHNQVESIFLSAIDMYGHQFCIENL
QKLILSETSIFDVLPNFFYHSNQVVRMAALEVYVRRAYIAYELNSVQHRQLKDNTCVVEFQFMLPTSHPNRGNIPTLNRM
SFSSNLNHYGMTHVASVSDVLLDNSFTPPCQRMGGMVSFRTFEDFVRIFDEVMGCFSDSPPQSPTFPEAGHTSLYDEDKV
PRDEPIHILNVAIKTDCDIEDDRLAAMFREFTQQNKATLVDHGIRRLTFLVAQKDFRKQVNYEVDRRFHREFPKFFTFRA
RDKFEEDRIYRHLEPALAFQLELNRMRNFDLTAIPCANHKMHLYLGAAKVEVGTEVTDYRFFVRAIIRHSDLVTKEASFE
YLQNEGERLLLEAMDELEVAFNNTNVRTDCNHIFLNFVPTVIMDPSKIEESVRSMVMRYGSRLWKLRVLQAELKINIRLT
PTGKAIPIRLFLTNESGYYLDISLYKEVTDSRTAQIMFQAYGDKQGPLHGMLINTPYVTKDLLQSKRFQAQSLGTTYIYD
IPEMFRQSLIKLWESMSTQAFLPSPPLPSDMLTYTELVLDDQGQLVHMNRLPGGNEIGMVAWKMTFKSPEYPEGRDIIVI
GNDITYRIGSFGPQEDLLFLRASELARAEGIPRIYVSANSGARIGLAEEIRHMFHVAWVDPEDPYKGYRYLYLTPQDYKR
VSALNSVHCEHVEDEGESRYKITDIIGKEEGIGPENLRGSGMIAGESSLAYNEIITISLVTCRAIGIGAYLVRLGQRTIQ
VENSHLILTGAGALNKVLGREVYTSNNQLGGIQIMHNNGVTHCTVCDDFEGVFTVLHWLSYMPKSVHSSVPLLNSKDPID
RIIEFVPTKTPYDPRWMLAGRPHPTQKGQWLSGFFDYGSFSEIMQPWAQTVVVGRARLGGIPVGVVAVETRTVELSIPAD
PANLDSEAKIIQQAGQVWFPDSAFKTYQAIKDFNREGLPLMVFANWRGFSGGMKDMYDQVLKFGAYIVDGLRECCQPVLV
YIPPQAELRGGSWVVIDSSINPRHMEMYADRESRGSVLEPEGTVEIKFRRKDLVKTMRRVDPVYIHLAERLGTPELSTAE
RKELENKLKEREEFLIPIYHQVAVQFADLHDTPGRMQEKGVISDILDWKTSRTFFYWRLRRLLLEDLVKKKIHNANPELT
DGQIQAMLRRWFVEVEGTVKAYVWDNNKDLAEWLEKQLTEEDGVHSVIEENIKCISRDYVLKQIRSLVQANPEVAMDSII
HMTQHISPTQRAEVIRILSTMDSPST
;
_entity_poly.pdbx_strand_id   A,B
#
loop_
_chem_comp.id
_chem_comp.type
_chem_comp.name
_chem_comp.formula
ACO non-polymer 'ACETYL COENZYME *A' 'C23 H38 N7 O17 P3 S'
#
# COMPACT_ATOMS: atom_id res chain seq x y z
N GLU A 619 24.41 59.65 22.52
CA GLU A 619 24.95 60.97 22.21
C GLU A 619 24.00 61.82 21.35
N LYS A 620 22.89 61.22 20.89
CA LYS A 620 21.93 61.91 20.02
C LYS A 620 22.59 62.36 18.73
N VAL A 621 23.44 61.49 18.17
CA VAL A 621 24.21 61.78 16.96
C VAL A 621 23.86 60.85 15.82
N GLN A 622 22.82 60.02 15.96
CA GLN A 622 22.41 59.10 14.90
C GLN A 622 21.53 59.87 13.91
N ALA A 623 22.18 60.75 13.15
CA ALA A 623 21.55 61.60 12.16
C ALA A 623 22.06 61.23 10.77
N GLU A 624 21.65 62.00 9.76
CA GLU A 624 22.04 61.79 8.37
C GLU A 624 21.62 60.39 7.90
N ARG A 625 20.38 60.03 8.22
CA ARG A 625 19.73 58.83 7.72
C ARG A 625 18.61 59.21 6.75
N PRO A 626 18.34 58.42 5.73
CA PRO A 626 17.18 58.71 4.87
C PRO A 626 15.88 58.39 5.60
N ASP A 627 14.78 58.86 5.01
CA ASP A 627 13.46 58.51 5.53
C ASP A 627 13.29 56.99 5.53
N THR A 628 12.72 56.48 6.63
CA THR A 628 12.60 55.04 6.83
C THR A 628 11.83 54.37 5.69
N MET A 629 10.80 55.03 5.18
CA MET A 629 10.02 54.47 4.09
C MET A 629 10.87 54.25 2.84
N LEU A 630 11.60 55.28 2.42
CA LEU A 630 12.44 55.14 1.25
C LEU A 630 13.58 54.15 1.51
N GLY A 631 14.15 54.18 2.72
CA GLY A 631 15.23 53.25 3.02
C GLY A 631 14.81 51.80 2.95
N VAL A 632 13.65 51.47 3.55
CA VAL A 632 13.22 50.08 3.56
C VAL A 632 12.76 49.66 2.16
N VAL A 633 12.13 50.58 1.41
CA VAL A 633 11.75 50.25 0.04
C VAL A 633 12.98 49.96 -0.81
N CYS A 634 14.02 50.79 -0.65
CA CYS A 634 15.25 50.58 -1.41
C CYS A 634 15.92 49.26 -1.05
N GLY A 635 16.02 48.96 0.25
CA GLY A 635 16.63 47.71 0.65
C GLY A 635 15.88 46.50 0.13
N ALA A 636 14.54 46.54 0.19
CA ALA A 636 13.74 45.46 -0.36
C ALA A 636 13.96 45.32 -1.86
N LEU A 637 14.06 46.45 -2.56
CA LEU A 637 14.29 46.40 -4.02
C LEU A 637 15.63 45.76 -4.32
N HIS A 638 16.68 46.14 -3.58
CA HIS A 638 18.01 45.58 -3.85
C HIS A 638 18.03 44.08 -3.58
N VAL A 639 17.48 43.65 -2.44
CA VAL A 639 17.48 42.23 -2.10
C VAL A 639 16.69 41.43 -3.12
N ALA A 640 15.48 41.89 -3.46
CA ALA A 640 14.65 41.19 -4.43
C ALA A 640 15.31 41.13 -5.79
N ASP A 641 15.96 42.21 -6.23
CA ASP A 641 16.58 42.21 -7.55
C ASP A 641 17.74 41.23 -7.60
N VAL A 642 18.57 41.18 -6.56
CA VAL A 642 19.67 40.23 -6.55
C VAL A 642 19.14 38.80 -6.58
N SER A 643 18.13 38.52 -5.75
CA SER A 643 17.59 37.16 -5.67
C SER A 643 16.95 36.74 -6.99
N LEU A 644 16.18 37.64 -7.61
CA LEU A 644 15.53 37.31 -8.88
C LEU A 644 16.56 37.09 -9.98
N ARG A 645 17.59 37.92 -10.04
CA ARG A 645 18.61 37.74 -11.08
C ARG A 645 19.34 36.43 -10.92
N ASN A 646 19.71 36.06 -9.68
CA ASN A 646 20.38 34.78 -9.46
C ASN A 646 19.46 33.61 -9.79
N SER A 647 18.18 33.71 -9.41
CA SER A 647 17.25 32.62 -9.69
C SER A 647 17.07 32.42 -11.19
N VAL A 648 16.91 33.52 -11.93
CA VAL A 648 16.74 33.41 -13.38
C VAL A 648 18.00 32.86 -14.03
N SER A 649 19.17 33.30 -13.56
CA SER A 649 20.42 32.82 -14.14
C SER A 649 20.59 31.32 -13.92
N ASN A 650 20.35 30.85 -12.69
CA ASN A 650 20.51 29.43 -12.42
C ASN A 650 19.45 28.59 -13.14
N PHE A 651 18.23 29.11 -13.25
CA PHE A 651 17.19 28.40 -13.99
C PHE A 651 17.58 28.23 -15.45
N LEU A 652 18.06 29.32 -16.08
CA LEU A 652 18.47 29.22 -17.47
C LEU A 652 19.69 28.32 -17.61
N HIS A 653 20.62 28.38 -16.66
CA HIS A 653 21.77 27.48 -16.70
C HIS A 653 21.34 26.03 -16.66
N SER A 654 20.39 25.69 -15.79
CA SER A 654 19.86 24.33 -15.76
C SER A 654 19.22 23.96 -17.09
N LEU A 655 18.47 24.89 -17.68
CA LEU A 655 17.83 24.63 -18.97
C LEU A 655 18.86 24.35 -20.05
N GLU A 656 19.95 25.13 -20.08
CA GLU A 656 20.94 25.01 -21.14
C GLU A 656 21.59 23.63 -21.13
N ARG A 657 21.73 23.03 -19.95
CA ARG A 657 22.40 21.75 -19.81
C ARG A 657 21.51 20.56 -20.18
N GLY A 658 20.24 20.80 -20.50
CA GLY A 658 19.32 19.73 -20.84
C GLY A 658 18.40 19.28 -19.72
N GLN A 659 18.36 20.00 -18.61
CA GLN A 659 17.47 19.70 -17.51
C GLN A 659 16.13 20.43 -17.69
N VAL A 660 15.12 19.92 -16.99
CA VAL A 660 13.79 20.52 -16.95
C VAL A 660 13.45 20.78 -15.48
N LEU A 661 13.19 22.04 -15.14
CA LEU A 661 12.78 22.46 -13.81
C LEU A 661 11.31 22.84 -13.81
N PRO A 662 10.57 22.58 -12.71
CA PRO A 662 9.13 22.89 -12.73
C PRO A 662 8.87 24.38 -12.69
N ALA A 663 7.71 24.77 -13.22
CA ALA A 663 7.34 26.18 -13.34
C ALA A 663 6.64 26.69 -12.07
N HIS A 664 7.33 26.51 -10.94
CA HIS A 664 6.95 27.21 -9.71
C HIS A 664 8.17 27.72 -8.95
N THR A 665 9.37 27.55 -9.52
CA THR A 665 10.61 28.09 -8.95
C THR A 665 11.07 29.35 -9.65
N LEU A 666 10.64 29.57 -10.88
CA LEU A 666 10.98 30.78 -11.63
C LEU A 666 9.98 31.88 -11.28
N LEU A 667 10.07 32.30 -10.03
CA LEU A 667 9.08 33.20 -9.44
C LEU A 667 9.53 34.64 -9.57
N ASN A 668 8.55 35.54 -9.62
CA ASN A 668 8.76 36.97 -9.83
C ASN A 668 8.45 37.80 -8.59
N THR A 669 8.44 37.16 -7.41
CA THR A 669 8.13 37.83 -6.16
C THR A 669 9.10 37.39 -5.08
N VAL A 670 9.53 38.35 -4.27
CA VAL A 670 10.49 38.12 -3.19
C VAL A 670 9.93 38.73 -1.91
N ASP A 671 9.94 37.94 -0.83
CA ASP A 671 9.63 38.44 0.50
C ASP A 671 10.91 38.90 1.16
N VAL A 672 10.92 40.13 1.66
CA VAL A 672 12.08 40.72 2.32
C VAL A 672 11.65 41.23 3.69
N GLU A 673 12.37 40.80 4.73
CA GLU A 673 12.07 41.17 6.10
C GLU A 673 13.22 41.99 6.65
N LEU A 674 12.97 43.26 6.96
CA LEU A 674 13.99 44.17 7.46
C LEU A 674 13.52 44.75 8.78
N ILE A 675 14.37 44.63 9.80
CA ILE A 675 14.08 45.12 11.13
C ILE A 675 14.86 46.42 11.31
N TYR A 676 14.13 47.50 11.61
CA TYR A 676 14.70 48.82 11.83
C TYR A 676 14.34 49.25 13.25
N GLU A 677 15.37 49.39 14.10
CA GLU A 677 15.21 49.86 15.47
C GLU A 677 14.16 49.05 16.23
N GLY A 678 14.15 47.74 15.98
CA GLY A 678 13.25 46.83 16.67
C GLY A 678 11.91 46.63 16.00
N VAL A 679 11.56 47.45 15.00
CA VAL A 679 10.30 47.31 14.28
C VAL A 679 10.57 46.49 13.02
N LYS A 680 9.88 45.36 12.89
CA LYS A 680 10.06 44.48 11.75
C LYS A 680 9.09 44.89 10.64
N TYR A 681 9.62 45.20 9.48
CA TYR A 681 8.85 45.50 8.28
C TYR A 681 8.97 44.33 7.31
N VAL A 682 7.83 43.75 6.98
CA VAL A 682 7.76 42.64 6.03
C VAL A 682 7.25 43.20 4.71
N LEU A 683 8.10 43.21 3.70
CA LEU A 683 7.80 43.82 2.42
C LEU A 683 7.79 42.75 1.34
N LYS A 684 6.96 42.98 0.32
CA LYS A 684 6.91 42.12 -0.85
C LYS A 684 7.34 42.91 -2.07
N VAL A 685 8.20 42.33 -2.90
CA VAL A 685 8.71 43.00 -4.08
C VAL A 685 8.44 42.11 -5.28
N THR A 686 7.72 42.66 -6.27
CA THR A 686 7.53 41.99 -7.55
C THR A 686 7.68 43.04 -8.64
N ARG A 687 7.27 42.70 -9.85
CA ARG A 687 7.49 43.57 -11.00
C ARG A 687 6.27 43.57 -11.92
N GLN A 688 6.04 44.73 -12.53
CA GLN A 688 5.16 44.87 -13.69
C GLN A 688 5.92 44.86 -15.00
N SER A 689 7.25 44.93 -14.97
CA SER A 689 8.06 44.86 -16.17
C SER A 689 9.51 44.63 -15.73
N PRO A 690 10.42 44.36 -16.67
CA PRO A 690 11.83 44.21 -16.29
C PRO A 690 12.40 45.39 -15.51
N ASN A 691 11.86 46.60 -15.70
CA ASN A 691 12.33 47.80 -15.02
C ASN A 691 11.30 48.43 -14.09
N SER A 692 10.04 47.99 -14.13
CA SER A 692 8.98 48.55 -13.29
C SER A 692 8.76 47.62 -12.10
N TYR A 693 9.02 48.12 -10.89
CA TYR A 693 8.96 47.33 -9.67
C TYR A 693 7.80 47.79 -8.81
N VAL A 694 7.22 46.85 -8.06
CA VAL A 694 6.11 47.10 -7.16
C VAL A 694 6.54 46.61 -5.78
N VAL A 695 6.48 47.51 -4.80
CA VAL A 695 6.88 47.21 -3.44
C VAL A 695 5.67 47.39 -2.53
N ILE A 696 5.32 46.33 -1.82
CA ILE A 696 4.25 46.34 -0.82
C ILE A 696 4.92 46.51 0.54
N MET A 697 4.56 47.60 1.22
CA MET A 697 5.09 47.96 2.53
C MET A 697 3.93 48.48 3.36
N ASN A 698 3.78 47.94 4.58
CA ASN A 698 2.72 48.36 5.51
C ASN A 698 1.33 48.22 4.86
N GLY A 699 1.17 47.19 4.03
CA GLY A 699 -0.11 46.95 3.40
C GLY A 699 -0.40 47.81 2.18
N SER A 700 0.46 48.77 1.85
CA SER A 700 0.25 49.67 0.72
C SER A 700 1.30 49.43 -0.35
N CYS A 701 0.90 49.64 -1.60
CA CYS A 701 1.77 49.42 -2.75
C CYS A 701 2.36 50.74 -3.24
N VAL A 702 3.62 50.70 -3.65
CA VAL A 702 4.27 51.81 -4.34
C VAL A 702 4.94 51.26 -5.59
N GLU A 703 4.78 51.99 -6.69
CA GLU A 703 5.42 51.66 -7.95
C GLU A 703 6.70 52.48 -8.08
N VAL A 704 7.78 51.82 -8.48
CA VAL A 704 9.10 52.43 -8.58
C VAL A 704 9.67 52.11 -9.94
N ASP A 705 10.25 53.11 -10.59
CA ASP A 705 11.00 52.89 -11.83
C ASP A 705 12.45 52.65 -11.46
N VAL A 706 12.94 51.43 -11.71
CA VAL A 706 14.27 51.02 -11.29
C VAL A 706 15.08 50.67 -12.53
N HIS A 707 16.25 51.29 -12.66
CA HIS A 707 17.19 51.02 -13.73
C HIS A 707 18.50 50.52 -13.14
N ARG A 708 19.08 49.49 -13.75
CA ARG A 708 20.31 48.91 -13.26
C ARG A 708 21.50 49.75 -13.69
N LEU A 709 22.39 50.04 -12.74
CA LEU A 709 23.63 50.76 -12.99
C LEU A 709 24.77 49.77 -13.15
N SER A 710 25.77 50.18 -13.95
CA SER A 710 26.91 49.32 -14.20
C SER A 710 27.80 49.15 -12.97
N ASP A 711 27.68 50.02 -11.98
CA ASP A 711 28.49 49.95 -10.76
C ASP A 711 27.84 49.13 -9.66
N GLY A 712 26.76 48.41 -9.95
CA GLY A 712 26.09 47.56 -8.98
C GLY A 712 24.94 48.22 -8.26
N GLY A 713 24.80 49.54 -8.34
CA GLY A 713 23.71 50.25 -7.70
C GLY A 713 22.46 50.25 -8.56
N LEU A 714 21.47 51.02 -8.08
CA LEU A 714 20.20 51.18 -8.78
C LEU A 714 19.85 52.67 -8.88
N LEU A 715 19.25 53.03 -10.01
CA LEU A 715 18.63 54.34 -10.20
C LEU A 715 17.13 54.18 -9.99
N LEU A 716 16.61 54.83 -8.94
CA LEU A 716 15.22 54.73 -8.56
C LEU A 716 14.49 56.04 -8.83
N SER A 717 13.25 55.91 -9.29
CA SER A 717 12.28 57.00 -9.32
C SER A 717 11.10 56.53 -8.49
N TYR A 718 10.91 57.17 -7.34
CA TYR A 718 10.01 56.72 -6.29
C TYR A 718 8.82 57.65 -6.08
N ASP A 719 9.09 58.94 -5.85
CA ASP A 719 8.06 59.95 -5.60
C ASP A 719 8.20 61.14 -6.54
N GLY A 720 8.76 60.94 -7.73
CA GLY A 720 9.06 62.01 -8.66
C GLY A 720 10.51 62.44 -8.63
N SER A 721 11.19 62.24 -7.50
CA SER A 721 12.60 62.54 -7.37
C SER A 721 13.44 61.31 -7.68
N SER A 722 14.60 61.55 -8.29
CA SER A 722 15.52 60.48 -8.63
C SER A 722 16.49 60.21 -7.48
N TYR A 723 16.85 58.94 -7.31
CA TYR A 723 17.78 58.51 -6.27
C TYR A 723 18.76 57.50 -6.87
N THR A 724 20.01 57.57 -6.41
CA THR A 724 21.03 56.58 -6.74
C THR A 724 21.39 55.84 -5.47
N THR A 725 21.12 54.53 -5.45
CA THR A 725 21.16 53.76 -4.22
C THR A 725 22.06 52.55 -4.37
N TYR A 726 22.60 52.10 -3.23
CA TYR A 726 23.47 50.95 -3.17
C TYR A 726 23.13 50.13 -1.93
N MET A 727 23.50 48.86 -1.97
CA MET A 727 23.33 47.95 -0.85
C MET A 727 24.65 47.25 -0.57
N LYS A 728 24.95 47.05 0.70
CA LYS A 728 26.05 46.20 1.15
C LYS A 728 25.49 45.18 2.13
N GLU A 729 25.77 43.90 1.84
CA GLU A 729 25.33 42.80 2.68
C GLU A 729 26.43 42.42 3.66
N GLU A 730 26.10 42.45 4.95
CA GLU A 730 26.99 42.03 6.03
C GLU A 730 26.49 40.72 6.61
N VAL A 731 27.17 40.25 7.66
CA VAL A 731 26.83 38.99 8.29
C VAL A 731 25.40 39.02 8.81
N ASP A 732 25.00 40.14 9.45
CA ASP A 732 23.67 40.24 10.03
C ASP A 732 23.05 41.63 9.83
N ARG A 733 23.49 42.36 8.80
CA ARG A 733 23.02 43.71 8.55
C ARG A 733 22.86 43.94 7.05
N TYR A 734 21.89 44.79 6.70
CA TYR A 734 21.72 45.31 5.35
C TYR A 734 22.00 46.80 5.41
N ARG A 735 23.09 47.23 4.78
CA ARG A 735 23.49 48.64 4.78
C ARG A 735 23.03 49.25 3.45
N ILE A 736 22.01 50.10 3.52
CA ILE A 736 21.43 50.74 2.33
C ILE A 736 21.94 52.18 2.30
N THR A 737 22.65 52.53 1.23
CA THR A 737 23.15 53.88 1.04
C THR A 737 22.30 54.56 -0.01
N ILE A 738 21.76 55.73 0.34
CA ILE A 738 20.96 56.57 -0.56
C ILE A 738 21.64 57.94 -0.56
N GLY A 739 22.17 58.32 -1.71
CA GLY A 739 22.89 59.58 -1.80
C GLY A 739 24.13 59.53 -0.93
N ASN A 740 24.16 60.39 0.08
CA ASN A 740 25.22 60.42 1.08
C ASN A 740 24.72 60.06 2.47
N LYS A 741 23.55 59.41 2.56
CA LYS A 741 22.99 58.98 3.83
C LYS A 741 22.87 57.46 3.84
N THR A 742 22.85 56.88 5.05
CA THR A 742 22.86 55.45 5.24
C THR A 742 21.75 55.04 6.19
N CYS A 743 21.11 53.91 5.89
CA CYS A 743 20.14 53.26 6.77
C CYS A 743 20.56 51.81 6.91
N VAL A 744 20.75 51.37 8.15
CA VAL A 744 21.21 50.02 8.45
C VAL A 744 20.05 49.26 9.04
N PHE A 745 19.64 48.18 8.37
CA PHE A 745 18.57 47.32 8.82
C PHE A 745 19.16 46.04 9.40
N GLU A 746 18.50 45.52 10.43
CA GLU A 746 18.98 44.31 11.09
C GLU A 746 18.42 43.08 10.40
N LYS A 747 19.26 42.05 10.32
CA LYS A 747 18.87 40.75 9.78
C LYS A 747 18.48 39.82 10.93
N GLU A 748 17.28 39.25 10.85
CA GLU A 748 16.81 38.36 11.89
C GLU A 748 17.50 37.01 11.82
N GLU A 847 -6.06 62.17 -19.43
CA GLU A 847 -4.92 62.89 -20.00
C GLU A 847 -4.78 62.63 -21.50
N LYS A 848 -5.51 63.43 -22.29
CA LYS A 848 -5.39 63.49 -23.74
C LYS A 848 -6.00 62.30 -24.48
N LEU A 849 -6.41 61.25 -23.75
CA LEU A 849 -7.14 60.09 -24.27
C LEU A 849 -6.34 59.11 -25.13
N HIS A 850 -5.15 59.50 -25.61
CA HIS A 850 -4.33 58.64 -26.47
C HIS A 850 -3.01 58.25 -25.82
N ARG A 851 -2.64 58.93 -24.74
CA ARG A 851 -1.61 58.43 -23.84
C ARG A 851 -2.18 57.34 -22.93
N VAL A 852 -3.45 57.48 -22.54
CA VAL A 852 -4.11 56.47 -21.72
C VAL A 852 -4.15 55.14 -22.44
N PHE A 853 -4.42 55.17 -23.75
CA PHE A 853 -4.44 53.97 -24.57
C PHE A 853 -3.13 53.19 -24.43
N HIS A 854 -2.01 53.86 -24.67
CA HIS A 854 -0.71 53.20 -24.57
C HIS A 854 -0.40 52.75 -23.15
N TYR A 855 -0.72 53.60 -22.17
CA TYR A 855 -0.47 53.25 -20.77
C TYR A 855 -1.16 51.94 -20.39
N VAL A 856 -2.48 51.89 -20.57
CA VAL A 856 -3.22 50.72 -20.14
C VAL A 856 -2.90 49.52 -21.03
N LEU A 857 -2.66 49.73 -22.32
CA LEU A 857 -2.35 48.60 -23.18
C LEU A 857 -1.01 47.98 -22.82
N ASP A 858 -0.01 48.81 -22.51
CA ASP A 858 1.28 48.28 -22.09
C ASP A 858 1.17 47.55 -20.77
N ASN A 859 0.37 48.07 -19.83
CA ASN A 859 0.19 47.37 -18.56
C ASN A 859 -0.48 46.02 -18.77
N LEU A 860 -1.50 45.97 -19.63
CA LEU A 860 -2.19 44.71 -19.88
C LEU A 860 -1.29 43.71 -20.59
N VAL A 861 -0.50 44.17 -21.55
CA VAL A 861 0.45 43.30 -22.23
C VAL A 861 1.46 42.75 -21.24
N ASN A 862 1.92 43.60 -20.31
CA ASN A 862 2.82 43.12 -19.26
C ASN A 862 2.16 42.04 -18.42
N VAL A 863 0.87 42.19 -18.12
CA VAL A 863 0.15 41.14 -17.41
C VAL A 863 0.13 39.87 -18.25
N MET A 864 -0.11 40.00 -19.55
CA MET A 864 -0.15 38.82 -20.43
C MET A 864 1.21 38.13 -20.55
N ASN A 865 2.30 38.85 -20.32
CA ASN A 865 3.64 38.28 -20.41
C ASN A 865 4.13 37.71 -19.09
N GLY A 866 3.27 37.65 -18.06
CA GLY A 866 3.62 37.06 -16.79
C GLY A 866 4.00 38.04 -15.70
N TYR A 867 4.08 39.33 -16.01
CA TYR A 867 4.43 40.36 -15.02
C TYR A 867 3.14 40.87 -14.41
N CYS A 868 2.79 40.34 -13.24
CA CYS A 868 1.53 40.63 -12.58
C CYS A 868 1.77 41.22 -11.19
N LEU A 869 0.77 41.96 -10.72
CA LEU A 869 0.83 42.54 -9.39
C LEU A 869 0.76 41.44 -8.33
N PRO A 870 1.11 41.75 -7.08
CA PRO A 870 0.98 40.76 -6.01
C PRO A 870 -0.46 40.29 -5.83
N ASP A 871 -0.61 39.07 -5.31
CA ASP A 871 -1.92 38.43 -5.12
C ASP A 871 -2.93 39.31 -4.38
N PRO A 872 -2.58 39.97 -3.26
CA PRO A 872 -3.58 40.82 -2.59
C PRO A 872 -3.94 42.08 -3.36
N PHE A 873 -3.16 42.44 -4.39
CA PHE A 873 -3.36 43.66 -5.16
C PHE A 873 -3.73 43.39 -6.61
N PHE A 874 -3.52 42.17 -7.11
CA PHE A 874 -3.90 41.85 -8.48
C PHE A 874 -5.41 41.86 -8.63
N SER A 875 -5.87 42.27 -9.82
CA SER A 875 -7.27 42.42 -10.21
C SER A 875 -7.90 43.67 -9.61
N SER A 876 -7.21 44.40 -8.74
CA SER A 876 -7.72 45.66 -8.25
C SER A 876 -7.52 46.78 -9.26
N LYS A 877 -6.47 46.68 -10.08
CA LYS A 877 -6.14 47.67 -11.09
C LYS A 877 -6.34 47.16 -12.51
N VAL A 878 -6.32 45.84 -12.71
CA VAL A 878 -6.39 45.31 -14.08
C VAL A 878 -7.78 45.53 -14.67
N LYS A 879 -8.83 45.37 -13.86
CA LYS A 879 -10.18 45.64 -14.34
C LYS A 879 -10.32 47.08 -14.81
N ASP A 880 -9.67 48.01 -14.13
CA ASP A 880 -9.71 49.40 -14.55
C ASP A 880 -8.92 49.62 -15.83
N TRP A 881 -7.78 48.94 -15.97
CA TRP A 881 -7.04 49.01 -17.23
C TRP A 881 -7.89 48.50 -18.39
N VAL A 882 -8.63 47.41 -18.19
CA VAL A 882 -9.45 46.85 -19.26
C VAL A 882 -10.59 47.81 -19.60
N GLU A 883 -11.26 48.31 -18.57
CA GLU A 883 -12.39 49.22 -18.81
C GLU A 883 -11.92 50.50 -19.50
N ARG A 884 -10.77 51.03 -19.08
CA ARG A 884 -10.24 52.24 -19.69
C ARG A 884 -9.80 51.99 -21.12
N LEU A 885 -9.23 50.81 -21.39
CA LEU A 885 -8.88 50.46 -22.77
C LEU A 885 -10.12 50.42 -23.64
N MET A 886 -11.19 49.79 -23.15
CA MET A 886 -12.43 49.72 -23.90
C MET A 886 -13.00 51.10 -24.17
N LYS A 887 -13.08 51.94 -23.12
CA LYS A 887 -13.68 53.26 -23.29
C LYS A 887 -12.83 54.15 -24.19
N THR A 888 -11.50 54.06 -24.08
CA THR A 888 -10.63 54.82 -24.94
C THR A 888 -10.79 54.39 -26.40
N LEU A 889 -10.77 53.09 -26.64
CA LEU A 889 -10.85 52.59 -28.01
C LEU A 889 -12.19 52.93 -28.65
N ARG A 890 -13.27 52.95 -27.89
CA ARG A 890 -14.59 53.30 -28.41
C ARG A 890 -14.79 54.81 -28.57
N ASP A 891 -13.87 55.64 -28.07
CA ASP A 891 -14.05 57.08 -28.17
C ASP A 891 -13.67 57.55 -29.58
N PRO A 892 -14.59 58.17 -30.35
CA PRO A 892 -14.26 58.49 -31.75
C PRO A 892 -13.08 59.43 -31.95
N SER A 893 -12.68 60.18 -30.92
CA SER A 893 -11.66 61.20 -31.08
C SER A 893 -10.22 60.66 -31.00
N LEU A 894 -10.04 59.39 -30.67
CA LEU A 894 -8.71 58.82 -30.56
C LEU A 894 -7.89 58.90 -31.84
N PRO A 895 -8.37 58.39 -33.00
CA PRO A 895 -7.53 58.45 -34.20
C PRO A 895 -7.28 59.87 -34.69
N LEU A 896 -8.14 60.83 -34.34
CA LEU A 896 -7.83 62.23 -34.61
C LEU A 896 -6.59 62.67 -33.85
N LEU A 897 -6.46 62.28 -32.58
CA LEU A 897 -5.28 62.65 -31.82
C LEU A 897 -4.04 61.94 -32.37
N GLU A 898 -4.17 60.67 -32.76
CA GLU A 898 -3.03 59.99 -33.37
C GLU A 898 -2.62 60.67 -34.68
N LEU A 899 -3.61 61.07 -35.49
CA LEU A 899 -3.32 61.78 -36.73
C LEU A 899 -2.64 63.11 -36.46
N GLN A 900 -3.12 63.85 -35.46
CA GLN A 900 -2.50 65.12 -35.10
C GLN A 900 -1.07 64.94 -34.65
N ASP A 901 -0.79 63.88 -33.90
CA ASP A 901 0.56 63.66 -33.38
C ASP A 901 1.52 63.27 -34.51
N ILE A 902 1.08 62.41 -35.43
CA ILE A 902 1.99 62.02 -36.51
C ILE A 902 2.17 63.16 -37.51
N MET A 903 1.15 64.00 -37.70
CA MET A 903 1.25 65.08 -38.68
C MET A 903 2.02 66.28 -38.13
N THR A 904 1.86 66.60 -36.85
CA THR A 904 2.55 67.75 -36.28
C THR A 904 4.06 67.52 -36.24
N SER A 905 4.48 66.29 -35.93
CA SER A 905 5.91 65.99 -35.89
C SER A 905 6.54 65.91 -37.28
N VAL A 906 5.73 65.93 -38.34
CA VAL A 906 6.22 66.03 -39.71
C VAL A 906 5.49 67.18 -40.38
N SER A 907 6.05 68.39 -40.29
CA SER A 907 5.43 69.55 -40.93
C SER A 907 5.77 69.63 -42.40
N GLY A 908 6.98 69.21 -42.77
CA GLY A 908 7.45 69.23 -44.14
C GLY A 908 7.71 67.82 -44.65
N ARG A 909 8.29 67.71 -45.84
CA ARG A 909 8.58 66.45 -46.51
C ARG A 909 7.33 65.67 -46.90
N ILE A 910 6.16 66.30 -46.85
CA ILE A 910 4.91 65.71 -47.31
C ILE A 910 4.35 66.64 -48.38
N PRO A 911 3.88 66.14 -49.53
CA PRO A 911 3.32 67.04 -50.55
C PRO A 911 2.13 67.83 -50.02
N PRO A 912 1.98 69.11 -50.39
CA PRO A 912 0.84 69.87 -49.86
C PRO A 912 -0.52 69.31 -50.24
N ASN A 913 -0.63 68.60 -51.36
CA ASN A 913 -1.94 68.11 -51.81
C ASN A 913 -2.52 67.08 -50.84
N VAL A 914 -1.72 66.07 -50.50
CA VAL A 914 -2.21 65.02 -49.60
C VAL A 914 -2.39 65.58 -48.19
N GLU A 915 -1.53 66.51 -47.77
CA GLU A 915 -1.68 67.13 -46.46
C GLU A 915 -2.97 67.92 -46.36
N LYS A 916 -3.29 68.70 -47.40
CA LYS A 916 -4.54 69.47 -47.39
C LYS A 916 -5.75 68.55 -47.42
N SER A 917 -5.71 67.47 -48.22
CA SER A 917 -6.83 66.53 -48.26
C SER A 917 -7.05 65.89 -46.89
N ILE A 918 -5.97 65.45 -46.25
CA ILE A 918 -6.06 64.84 -44.92
C ILE A 918 -6.61 65.85 -43.92
N LYS A 919 -6.14 67.10 -44.01
CA LYS A 919 -6.63 68.15 -43.11
C LYS A 919 -8.13 68.34 -43.26
N LYS A 920 -8.62 68.39 -44.50
CA LYS A 920 -10.06 68.59 -44.71
C LYS A 920 -10.86 67.42 -44.18
N GLU A 921 -10.41 66.19 -44.45
CA GLU A 921 -11.18 65.02 -44.01
C GLU A 921 -11.20 64.91 -42.49
N MET A 922 -10.06 65.15 -41.83
CA MET A 922 -10.04 65.09 -40.38
C MET A 922 -10.80 66.26 -39.77
N ALA A 923 -10.84 67.41 -40.44
CA ALA A 923 -11.66 68.52 -39.97
C ALA A 923 -13.14 68.15 -39.98
N GLN A 924 -13.59 67.52 -41.07
CA GLN A 924 -14.97 67.05 -41.12
C GLN A 924 -15.25 66.06 -39.99
N TYR A 925 -14.37 65.06 -39.82
CA TYR A 925 -14.59 64.05 -38.80
C TYR A 925 -14.61 64.65 -37.41
N ALA A 926 -13.69 65.56 -37.13
CA ALA A 926 -13.70 66.29 -35.86
C ALA A 926 -15.01 67.04 -35.67
N SER A 927 -15.49 67.71 -36.72
CA SER A 927 -16.74 68.44 -36.63
C SER A 927 -17.97 67.54 -36.57
N ASN A 928 -17.81 66.22 -36.73
CA ASN A 928 -18.93 65.28 -36.68
C ASN A 928 -18.74 64.29 -35.53
N ILE A 929 -18.03 64.68 -34.48
CA ILE A 929 -17.74 63.75 -33.39
C ILE A 929 -19.02 63.42 -32.65
N THR A 930 -19.20 62.13 -32.31
CA THR A 930 -20.32 61.64 -31.52
C THR A 930 -21.66 61.99 -32.17
N SER A 931 -21.85 61.40 -33.35
CA SER A 931 -23.05 61.63 -34.15
C SER A 931 -23.29 60.44 -35.05
N VAL A 932 -24.57 60.18 -35.33
CA VAL A 932 -24.92 59.12 -36.27
C VAL A 932 -24.32 59.41 -37.64
N LEU A 933 -24.01 58.34 -38.39
CA LEU A 933 -23.50 58.46 -39.76
C LEU A 933 -22.13 59.13 -39.78
N CYS A 934 -21.28 58.79 -38.81
CA CYS A 934 -19.93 59.33 -38.68
C CYS A 934 -18.95 58.20 -38.44
N GLN A 935 -17.94 58.11 -39.30
CA GLN A 935 -16.87 57.13 -39.15
C GLN A 935 -15.55 57.79 -39.55
N PHE A 936 -14.45 57.30 -38.97
CA PHE A 936 -13.15 57.90 -39.23
C PHE A 936 -12.80 57.75 -40.71
N PRO A 937 -12.39 58.83 -41.42
CA PRO A 937 -12.10 58.69 -42.87
C PRO A 937 -10.70 58.11 -43.12
N SER A 938 -10.49 56.86 -42.71
CA SER A 938 -9.24 56.19 -43.04
C SER A 938 -9.13 55.94 -44.54
N GLN A 939 -10.25 55.60 -45.19
CA GLN A 939 -10.21 55.23 -46.59
C GLN A 939 -9.92 56.44 -47.46
N GLN A 940 -10.38 57.63 -47.07
CA GLN A 940 -10.16 58.82 -47.90
C GLN A 940 -8.69 59.25 -47.84
N ILE A 941 -8.08 59.14 -46.66
CA ILE A 941 -6.64 59.41 -46.53
C ILE A 941 -5.85 58.39 -47.35
N ALA A 942 -6.22 57.11 -47.24
CA ALA A 942 -5.58 56.09 -48.07
C ALA A 942 -5.77 56.39 -49.56
N ASN A 943 -6.94 56.90 -49.93
CA ASN A 943 -7.23 57.18 -51.34
C ASN A 943 -6.35 58.30 -51.88
N ILE A 944 -6.22 59.39 -51.13
CA ILE A 944 -5.41 60.49 -51.65
C ILE A 944 -3.94 60.11 -51.68
N LEU A 945 -3.45 59.37 -50.67
CA LEU A 945 -2.05 58.95 -50.69
C LEU A 945 -1.79 57.96 -51.82
N ASP A 946 -2.72 57.02 -52.06
CA ASP A 946 -2.55 56.06 -53.13
C ASP A 946 -2.67 56.73 -54.50
N SER A 947 -3.49 57.78 -54.61
CA SER A 947 -3.57 58.51 -55.88
C SER A 947 -2.27 59.22 -56.20
N HIS A 948 -1.70 59.92 -55.20
CA HIS A 948 -0.41 60.56 -55.40
C HIS A 948 0.67 59.53 -55.74
N ALA A 949 0.64 58.38 -55.06
CA ALA A 949 1.59 57.31 -55.40
C ALA A 949 1.37 56.80 -56.82
N ALA A 950 0.11 56.70 -57.24
CA ALA A 950 -0.21 56.25 -58.59
C ALA A 950 0.36 57.21 -59.63
N THR A 951 0.28 58.52 -59.35
CA THR A 951 0.96 59.48 -60.21
C THR A 951 2.46 59.22 -60.25
N LEU A 952 3.06 58.90 -59.11
CA LEU A 952 4.46 58.49 -59.02
C LEU A 952 5.41 59.53 -59.59
N ASN A 953 5.52 60.68 -58.93
CA ASN A 953 6.55 61.66 -59.28
C ASN A 953 7.94 61.11 -58.98
N ARG A 954 8.87 61.33 -59.90
CA ARG A 954 10.21 60.75 -59.85
C ARG A 954 11.21 61.70 -59.19
N LYS A 955 12.38 61.15 -58.86
CA LYS A 955 13.55 61.93 -58.47
C LYS A 955 13.32 62.82 -57.25
N SER A 956 13.20 62.18 -56.08
CA SER A 956 13.15 62.80 -54.75
C SER A 956 11.75 63.30 -54.40
N GLU A 957 10.85 63.35 -55.39
CA GLU A 957 9.43 63.36 -55.07
C GLU A 957 8.95 61.96 -54.72
N ARG A 958 9.61 60.94 -55.25
CA ARG A 958 9.24 59.55 -54.96
C ARG A 958 9.66 59.17 -53.55
N GLU A 959 10.96 59.23 -53.28
CA GLU A 959 11.48 58.67 -52.03
C GLU A 959 10.97 59.42 -50.82
N VAL A 960 10.96 60.76 -50.89
CA VAL A 960 10.54 61.55 -49.74
C VAL A 960 9.06 61.32 -49.44
N PHE A 961 8.23 61.30 -50.48
CA PHE A 961 6.81 61.06 -50.30
C PHE A 961 6.54 59.67 -49.71
N PHE A 962 7.12 58.63 -50.32
CA PHE A 962 6.88 57.28 -49.82
C PHE A 962 7.42 57.06 -48.42
N MET A 963 8.49 57.77 -48.04
CA MET A 963 9.09 57.55 -46.73
C MET A 963 8.37 58.33 -45.63
N ASN A 964 8.05 59.60 -45.88
CA ASN A 964 7.56 60.49 -44.83
C ASN A 964 6.05 60.43 -44.64
N THR A 965 5.36 59.51 -45.30
CA THR A 965 3.93 59.29 -45.12
C THR A 965 3.61 57.94 -44.50
N GLN A 966 4.64 57.18 -44.07
CA GLN A 966 4.40 55.83 -43.57
C GLN A 966 3.60 55.83 -42.28
N SER A 967 3.76 56.85 -41.42
CA SER A 967 2.98 56.89 -40.18
C SER A 967 1.49 57.05 -40.46
N ILE A 968 1.14 57.80 -41.50
CA ILE A 968 -0.26 57.97 -41.86
C ILE A 968 -0.82 56.67 -42.43
N VAL A 969 -0.03 55.97 -43.24
CA VAL A 969 -0.43 54.66 -43.75
C VAL A 969 -0.66 53.69 -42.60
N GLN A 970 0.22 53.72 -41.59
CA GLN A 970 0.06 52.84 -40.44
C GLN A 970 -1.21 53.19 -39.66
N LEU A 971 -1.50 54.49 -39.52
CA LEU A 971 -2.69 54.91 -38.78
C LEU A 971 -3.96 54.46 -39.49
N VAL A 972 -4.03 54.65 -40.81
CA VAL A 972 -5.23 54.23 -41.54
C VAL A 972 -5.32 52.71 -41.59
N GLN A 973 -4.19 52.01 -41.56
CA GLN A 973 -4.24 50.55 -41.49
C GLN A 973 -4.79 50.08 -40.15
N ARG A 974 -4.38 50.73 -39.05
CA ARG A 974 -4.91 50.37 -37.75
C ARG A 974 -6.41 50.63 -37.68
N TYR A 975 -6.88 51.69 -38.34
CA TYR A 975 -8.29 52.09 -38.33
C TYR A 975 -8.96 51.85 -39.69
N ARG A 976 -8.48 50.86 -40.44
CA ARG A 976 -9.09 50.54 -41.73
C ARG A 976 -10.52 50.05 -41.57
N SER A 977 -10.87 49.49 -40.41
CA SER A 977 -12.21 48.99 -40.12
C SER A 977 -12.99 49.90 -39.18
N GLY A 978 -12.51 51.13 -38.97
CA GLY A 978 -13.19 52.05 -38.08
C GLY A 978 -12.74 51.93 -36.64
N ILE A 979 -13.31 52.81 -35.81
CA ILE A 979 -12.95 52.85 -34.40
C ILE A 979 -13.41 51.57 -33.70
N ARG A 980 -14.58 51.04 -34.05
CA ARG A 980 -15.09 49.82 -33.44
C ARG A 980 -14.26 48.61 -33.87
N GLY A 981 -13.88 48.57 -35.15
CA GLY A 981 -13.03 47.48 -35.62
C GLY A 981 -11.66 47.50 -34.96
N HIS A 982 -11.09 48.70 -34.80
CA HIS A 982 -9.81 48.82 -34.11
C HIS A 982 -9.94 48.38 -32.65
N MET A 983 -11.02 48.82 -31.99
CA MET A 983 -11.31 48.40 -30.63
C MET A 983 -11.29 46.88 -30.50
N LYS A 984 -12.02 46.19 -31.38
CA LYS A 984 -12.05 44.74 -31.32
C LYS A 984 -10.67 44.14 -31.63
N ALA A 985 -9.96 44.75 -32.57
CA ALA A 985 -8.69 44.19 -33.04
C ALA A 985 -7.63 44.19 -31.95
N VAL A 986 -7.63 45.23 -31.11
CA VAL A 986 -6.63 45.29 -30.04
C VAL A 986 -6.81 44.14 -29.06
N VAL A 987 -8.04 43.90 -28.62
CA VAL A 987 -8.30 42.80 -27.69
C VAL A 987 -8.02 41.47 -28.35
N MET A 988 -8.33 41.37 -29.65
CA MET A 988 -7.96 40.16 -30.39
C MET A 988 -6.45 39.94 -30.38
N ASP A 989 -5.68 41.02 -30.49
CA ASP A 989 -4.22 40.90 -30.44
C ASP A 989 -3.76 40.39 -29.08
N LEU A 990 -4.40 40.87 -28.00
CA LEU A 990 -4.09 40.36 -26.68
C LEU A 990 -4.39 38.87 -26.55
N LEU A 991 -5.52 38.43 -27.11
CA LEU A 991 -5.83 37.00 -27.06
C LEU A 991 -4.85 36.17 -27.91
N ARG A 992 -4.37 36.74 -29.01
CA ARG A 992 -3.34 36.08 -29.79
C ARG A 992 -2.04 35.99 -29.00
N GLN A 993 -1.74 37.01 -28.18
CA GLN A 993 -0.57 36.93 -27.31
C GLN A 993 -0.73 35.80 -26.29
N TYR A 994 -1.94 35.63 -25.76
CA TYR A 994 -2.21 34.51 -24.87
C TYR A 994 -1.93 33.17 -25.56
N LEU A 995 -2.51 32.99 -26.74
CA LEU A 995 -2.38 31.72 -27.45
C LEU A 995 -0.93 31.46 -27.85
N ARG A 996 -0.20 32.54 -28.18
CA ARG A 996 1.20 32.44 -28.59
C ARG A 996 2.02 31.63 -27.59
N VAL A 997 1.74 31.80 -26.30
CA VAL A 997 2.42 31.03 -25.27
C VAL A 997 1.71 29.72 -25.00
N GLU A 998 0.39 29.75 -24.82
CA GLU A 998 -0.25 28.58 -24.23
C GLU A 998 -0.39 27.43 -25.23
N THR A 999 -0.32 27.71 -26.53
CA THR A 999 -0.39 26.61 -27.50
C THR A 999 0.86 25.74 -27.50
N GLN A 1000 1.92 26.13 -26.80
CA GLN A 1000 3.13 25.33 -26.70
C GLN A 1000 3.09 24.34 -25.55
N PHE A 1001 2.21 24.52 -24.57
CA PHE A 1001 2.11 23.64 -23.41
C PHE A 1001 0.99 22.62 -23.54
N GLN A 1002 0.36 22.53 -24.72
CA GLN A 1002 -0.66 21.53 -24.98
C GLN A 1002 -0.03 20.32 -25.66
N ASN A 1003 -0.85 19.30 -25.91
CA ASN A 1003 -0.42 18.10 -26.63
C ASN A 1003 0.74 17.39 -25.93
N GLY A 1004 0.79 17.47 -24.61
CA GLY A 1004 1.79 16.71 -23.87
C GLY A 1004 2.05 17.26 -22.49
N HIS A 1005 3.05 16.65 -21.85
CA HIS A 1005 3.44 16.97 -20.49
C HIS A 1005 4.39 18.16 -20.49
N TYR A 1006 4.66 18.68 -19.29
CA TYR A 1006 5.55 19.83 -19.15
C TYR A 1006 6.96 19.52 -19.66
N ASP A 1007 7.49 18.34 -19.33
CA ASP A 1007 8.83 17.97 -19.77
C ASP A 1007 8.92 17.93 -21.29
N LYS A 1008 7.89 17.41 -21.95
CA LYS A 1008 7.87 17.40 -23.41
C LYS A 1008 7.95 18.81 -23.96
N CYS A 1009 7.14 19.73 -23.40
CA CYS A 1009 7.14 21.11 -23.87
C CYS A 1009 8.51 21.76 -23.69
N VAL A 1010 9.09 21.64 -22.50
CA VAL A 1010 10.37 22.29 -22.24
C VAL A 1010 11.46 21.70 -23.13
N PHE A 1011 11.48 20.38 -23.30
CA PHE A 1011 12.49 19.76 -24.13
C PHE A 1011 12.34 20.18 -25.59
N ALA A 1012 11.10 20.18 -26.09
CA ALA A 1012 10.85 20.60 -27.46
C ALA A 1012 11.26 22.05 -27.68
N LEU A 1013 10.99 22.91 -26.70
CA LEU A 1013 11.38 24.31 -26.83
C LEU A 1013 12.90 24.45 -26.83
N ARG A 1014 13.59 23.65 -26.02
CA ARG A 1014 15.05 23.66 -26.04
C ARG A 1014 15.58 23.21 -27.40
N GLU A 1015 14.91 22.22 -28.01
CA GLU A 1015 15.39 21.71 -29.30
C GLU A 1015 15.08 22.67 -30.43
N GLU A 1016 13.97 23.41 -30.34
CA GLU A 1016 13.60 24.35 -31.39
C GLU A 1016 14.42 25.63 -31.32
N ASN A 1017 14.82 26.04 -30.12
CA ASN A 1017 15.50 27.31 -29.88
C ASN A 1017 16.91 27.09 -29.37
N LYS A 1018 17.65 26.19 -30.02
CA LYS A 1018 19.02 25.87 -29.60
C LYS A 1018 19.88 27.11 -29.45
N SER A 1019 19.68 28.11 -30.32
CA SER A 1019 20.54 29.29 -30.34
C SER A 1019 20.23 30.28 -29.23
N ASP A 1020 19.16 30.09 -28.47
CA ASP A 1020 18.79 31.03 -27.41
C ASP A 1020 17.95 30.31 -26.38
N MET A 1021 18.44 30.26 -25.14
CA MET A 1021 17.70 29.68 -24.04
C MET A 1021 16.79 30.68 -23.31
N ASN A 1022 16.96 31.98 -23.57
CA ASN A 1022 16.08 32.97 -22.95
C ASN A 1022 14.64 32.83 -23.45
N THR A 1023 14.45 32.39 -24.70
CA THR A 1023 13.10 32.17 -25.21
C THR A 1023 12.36 31.11 -24.40
N VAL A 1024 13.04 30.00 -24.11
CA VAL A 1024 12.43 28.93 -23.32
C VAL A 1024 12.07 29.44 -21.94
N LEU A 1025 12.98 30.23 -21.34
CA LEU A 1025 12.72 30.79 -20.02
C LEU A 1025 11.53 31.73 -20.05
N ASN A 1026 11.40 32.52 -21.11
CA ASN A 1026 10.23 33.38 -21.26
C ASN A 1026 8.94 32.57 -21.32
N TYR A 1027 8.96 31.47 -22.09
CA TYR A 1027 7.79 30.61 -22.15
C TYR A 1027 7.40 30.07 -20.78
N ILE A 1028 8.39 29.56 -20.03
CA ILE A 1028 8.13 28.98 -18.72
C ILE A 1028 7.64 30.05 -17.75
N PHE A 1029 8.30 31.22 -17.77
CA PHE A 1029 7.95 32.31 -16.88
C PHE A 1029 6.52 32.76 -17.11
N SER A 1030 6.15 32.99 -18.37
CA SER A 1030 4.79 33.44 -18.67
C SER A 1030 3.77 32.35 -18.38
N HIS A 1031 4.16 31.09 -18.47
CA HIS A 1031 3.23 30.00 -18.14
C HIS A 1031 3.02 29.88 -16.64
N ALA A 1032 4.01 30.27 -15.83
CA ALA A 1032 3.90 30.15 -14.38
C ALA A 1032 2.69 30.91 -13.83
N GLN A 1033 2.36 32.07 -14.42
CA GLN A 1033 1.28 32.93 -13.94
C GLN A 1033 0.06 32.83 -14.85
N VAL A 1034 -0.18 31.63 -15.39
CA VAL A 1034 -1.27 31.41 -16.33
C VAL A 1034 -2.63 31.67 -15.69
N THR A 1035 -2.75 31.49 -14.37
CA THR A 1035 -4.04 31.73 -13.72
C THR A 1035 -4.41 33.22 -13.75
N LYS A 1036 -3.45 34.09 -13.46
CA LYS A 1036 -3.69 35.52 -13.57
C LYS A 1036 -3.92 35.93 -15.02
N LYS A 1037 -3.13 35.37 -15.94
CA LYS A 1037 -3.41 35.56 -17.36
C LYS A 1037 -4.84 35.15 -17.71
N ASN A 1038 -5.33 34.07 -17.11
CA ASN A 1038 -6.67 33.59 -17.43
C ASN A 1038 -7.74 34.54 -16.91
N LEU A 1039 -7.52 35.11 -15.73
CA LEU A 1039 -8.45 36.13 -15.24
C LEU A 1039 -8.52 37.31 -16.20
N LEU A 1040 -7.36 37.79 -16.65
CA LEU A 1040 -7.39 38.90 -17.61
C LEU A 1040 -8.01 38.47 -18.93
N VAL A 1041 -7.81 37.21 -19.33
CA VAL A 1041 -8.38 36.75 -20.60
C VAL A 1041 -9.90 36.73 -20.51
N THR A 1042 -10.44 36.29 -19.38
CA THR A 1042 -11.89 36.33 -19.19
C THR A 1042 -12.40 37.75 -19.29
N MET A 1043 -11.74 38.69 -18.60
CA MET A 1043 -12.17 40.09 -18.66
C MET A 1043 -12.06 40.64 -20.08
N LEU A 1044 -11.05 40.21 -20.83
CA LEU A 1044 -10.88 40.70 -22.19
C LEU A 1044 -11.94 40.14 -23.11
N ILE A 1045 -12.33 38.87 -22.90
CA ILE A 1045 -13.34 38.25 -23.74
C ILE A 1045 -14.69 38.89 -23.49
N ASP A 1046 -14.97 39.25 -22.24
CA ASP A 1046 -16.25 39.88 -21.94
C ASP A 1046 -16.46 41.19 -22.70
N GLN A 1047 -15.39 41.95 -22.95
CA GLN A 1047 -15.47 43.24 -23.63
C GLN A 1047 -15.35 43.14 -25.15
N LEU A 1048 -15.11 41.94 -25.70
CA LEU A 1048 -14.93 41.74 -27.13
C LEU A 1048 -16.18 41.22 -27.82
N CYS A 1049 -16.86 40.27 -27.19
CA CYS A 1049 -18.00 39.57 -27.78
C CYS A 1049 -19.14 39.50 -26.78
N GLY A 1050 -19.45 40.63 -26.16
CA GLY A 1050 -20.50 40.70 -25.15
C GLY A 1050 -21.84 41.03 -25.76
N ARG A 1051 -22.28 42.28 -25.63
CA ARG A 1051 -23.55 42.73 -26.18
C ARG A 1051 -23.42 43.08 -27.66
N ASP A 1052 -23.07 42.06 -28.45
CA ASP A 1052 -22.94 42.17 -29.89
C ASP A 1052 -23.03 40.76 -30.47
N PRO A 1053 -24.24 40.19 -30.62
CA PRO A 1053 -24.34 38.77 -31.02
C PRO A 1053 -23.95 38.52 -32.48
N THR A 1054 -22.66 38.69 -32.77
CA THR A 1054 -22.11 38.33 -34.08
C THR A 1054 -20.63 38.06 -33.94
N LEU A 1055 -20.11 37.17 -34.78
CA LEU A 1055 -18.71 36.80 -34.80
C LEU A 1055 -18.19 36.77 -36.23
N THR A 1056 -17.01 37.35 -36.43
CA THR A 1056 -16.36 37.34 -37.74
C THR A 1056 -15.53 36.08 -37.92
N ASP A 1057 -14.95 35.95 -39.12
CA ASP A 1057 -14.10 34.82 -39.44
C ASP A 1057 -12.67 34.98 -38.93
N GLU A 1058 -12.40 36.02 -38.15
CA GLU A 1058 -11.15 36.19 -37.44
C GLU A 1058 -11.30 35.94 -35.95
N LEU A 1059 -12.37 36.47 -35.36
CA LEU A 1059 -12.71 36.13 -33.98
C LEU A 1059 -12.93 34.64 -33.81
N LEU A 1060 -13.58 34.01 -34.81
CA LEU A 1060 -13.90 32.59 -34.69
C LEU A 1060 -12.64 31.73 -34.67
N ASN A 1061 -11.57 32.14 -35.36
CA ASN A 1061 -10.34 31.37 -35.33
C ASN A 1061 -9.69 31.44 -33.94
N ILE A 1062 -9.64 32.63 -33.35
CA ILE A 1062 -9.09 32.78 -32.02
C ILE A 1062 -9.89 31.96 -31.01
N LEU A 1063 -11.21 32.04 -31.09
CA LEU A 1063 -12.05 31.29 -30.17
C LEU A 1063 -11.89 29.79 -30.38
N THR A 1064 -11.84 29.34 -31.63
CA THR A 1064 -11.70 27.91 -31.90
C THR A 1064 -10.40 27.37 -31.35
N GLU A 1065 -9.31 28.13 -31.50
CA GLU A 1065 -8.04 27.68 -30.93
C GLU A 1065 -8.06 27.74 -29.41
N LEU A 1066 -8.71 28.76 -28.84
CA LEU A 1066 -8.72 28.93 -27.39
C LEU A 1066 -9.53 27.84 -26.70
N THR A 1067 -10.64 27.41 -27.32
CA THR A 1067 -11.46 26.38 -26.72
C THR A 1067 -10.84 24.99 -26.78
N GLN A 1068 -9.73 24.83 -27.51
CA GLN A 1068 -9.05 23.54 -27.64
C GLN A 1068 -7.89 23.37 -26.67
N LEU A 1069 -7.74 24.28 -25.71
CA LEU A 1069 -6.70 24.14 -24.68
C LEU A 1069 -7.20 23.14 -23.65
N SER A 1070 -7.00 21.87 -23.98
CA SER A 1070 -7.55 20.78 -23.17
C SER A 1070 -6.90 20.68 -21.79
N LYS A 1071 -5.74 21.29 -21.59
CA LYS A 1071 -5.12 21.30 -20.27
C LYS A 1071 -6.02 22.02 -19.27
N THR A 1072 -6.26 21.38 -18.13
CA THR A 1072 -7.27 21.84 -17.19
C THR A 1072 -6.96 23.21 -16.61
N THR A 1073 -5.69 23.59 -16.53
CA THR A 1073 -5.31 24.87 -15.93
C THR A 1073 -5.89 26.06 -16.67
N ASN A 1074 -6.28 25.90 -17.94
CA ASN A 1074 -6.85 26.96 -18.76
C ASN A 1074 -8.35 26.78 -18.98
N ALA A 1075 -9.00 25.89 -18.22
CA ALA A 1075 -10.43 25.62 -18.43
C ALA A 1075 -11.25 26.89 -18.34
N LYS A 1076 -10.91 27.78 -17.39
CA LYS A 1076 -11.66 29.02 -17.22
C LYS A 1076 -11.74 29.81 -18.51
N VAL A 1077 -10.64 29.86 -19.28
CA VAL A 1077 -10.68 30.67 -20.49
C VAL A 1077 -11.35 29.88 -21.63
N ALA A 1078 -11.23 28.56 -21.61
CA ALA A 1078 -11.84 27.76 -22.67
C ALA A 1078 -13.35 27.81 -22.58
N LEU A 1079 -13.88 27.59 -21.37
CA LEU A 1079 -15.32 27.50 -21.17
C LEU A 1079 -16.00 28.79 -21.59
N ARG A 1080 -15.50 29.93 -21.12
CA ARG A 1080 -16.07 31.21 -21.52
C ARG A 1080 -16.01 31.38 -23.02
N ALA A 1081 -14.90 30.98 -23.65
CA ALA A 1081 -14.81 31.11 -25.10
C ALA A 1081 -15.88 30.27 -25.77
N ARG A 1082 -16.12 29.06 -25.26
CA ARG A 1082 -17.19 28.23 -25.79
C ARG A 1082 -18.53 28.93 -25.66
N GLN A 1083 -18.77 29.60 -24.52
CA GLN A 1083 -20.02 30.33 -24.33
C GLN A 1083 -20.20 31.36 -25.44
N VAL A 1084 -19.12 32.06 -25.80
CA VAL A 1084 -19.24 33.08 -26.83
C VAL A 1084 -19.65 32.44 -28.15
N LEU A 1085 -19.05 31.29 -28.48
CA LEU A 1085 -19.35 30.63 -29.74
C LEU A 1085 -20.83 30.25 -29.82
N ILE A 1086 -21.47 30.01 -28.68
CA ILE A 1086 -22.90 29.72 -28.69
C ILE A 1086 -23.74 30.97 -28.42
N ALA A 1087 -23.15 31.97 -27.74
CA ALA A 1087 -23.95 33.10 -27.29
C ALA A 1087 -24.33 34.01 -28.45
N SER A 1088 -23.42 34.19 -29.41
CA SER A 1088 -23.66 35.08 -30.53
C SER A 1088 -24.42 34.40 -31.67
N HIS A 1089 -25.47 33.65 -31.35
CA HIS A 1089 -26.40 33.15 -32.35
C HIS A 1089 -27.83 33.18 -31.82
N LEU A 1090 -28.19 34.25 -31.13
CA LEU A 1090 -29.48 34.39 -30.47
C LEU A 1090 -30.23 35.61 -30.99
N PRO A 1091 -31.56 35.64 -30.89
CA PRO A 1091 -32.29 36.86 -31.24
C PRO A 1091 -32.01 37.97 -30.24
N SER A 1092 -32.13 39.21 -30.71
CA SER A 1092 -31.88 40.39 -29.89
C SER A 1092 -33.14 41.04 -29.36
N TYR A 1093 -34.32 40.44 -29.59
CA TYR A 1093 -35.63 40.90 -29.11
C TYR A 1093 -36.15 42.12 -29.89
N GLU A 1094 -35.31 42.72 -30.72
CA GLU A 1094 -35.76 43.82 -31.57
C GLU A 1094 -36.60 43.28 -32.72
N LEU A 1095 -36.18 42.15 -33.28
CA LEU A 1095 -36.89 41.55 -34.40
C LEU A 1095 -38.30 41.14 -34.00
N ARG A 1096 -38.42 40.37 -32.91
CA ARG A 1096 -39.72 39.93 -32.44
C ARG A 1096 -40.57 41.11 -32.03
N HIS A 1097 -39.99 42.07 -31.30
CA HIS A 1097 -40.75 43.22 -30.85
C HIS A 1097 -41.31 44.01 -32.03
N ASN A 1098 -40.46 44.31 -33.02
CA ASN A 1098 -40.91 45.10 -34.15
C ASN A 1098 -41.96 44.35 -34.98
N GLN A 1099 -41.72 43.08 -35.29
CA GLN A 1099 -42.67 42.35 -36.14
C GLN A 1099 -44.01 42.15 -35.42
N VAL A 1100 -43.98 41.67 -34.18
CA VAL A 1100 -45.21 41.40 -33.44
C VAL A 1100 -45.97 42.69 -33.18
N GLU A 1101 -45.27 43.75 -32.76
CA GLU A 1101 -45.93 45.02 -32.49
C GLU A 1101 -46.52 45.61 -33.76
N SER A 1102 -45.81 45.50 -34.89
CA SER A 1102 -46.35 46.02 -36.15
C SER A 1102 -47.62 45.28 -36.55
N ILE A 1103 -47.61 43.95 -36.43
CA ILE A 1103 -48.80 43.16 -36.75
C ILE A 1103 -49.95 43.54 -35.83
N PHE A 1104 -49.68 43.69 -34.52
CA PHE A 1104 -50.76 43.93 -33.58
C PHE A 1104 -51.34 45.33 -33.74
N LEU A 1105 -50.50 46.32 -34.04
CA LEU A 1105 -50.98 47.70 -34.13
C LEU A 1105 -51.58 48.02 -35.49
N SER A 1106 -51.06 47.43 -36.57
CA SER A 1106 -51.54 47.76 -37.90
C SER A 1106 -52.90 47.15 -38.20
N ALA A 1107 -53.28 46.07 -37.52
CA ALA A 1107 -54.58 45.44 -37.74
C ALA A 1107 -55.74 46.23 -37.15
N ILE A 1108 -55.47 47.23 -36.31
CA ILE A 1108 -56.52 47.83 -35.50
C ILE A 1108 -57.31 48.88 -36.28
N ASP A 1109 -56.63 49.65 -37.15
CA ASP A 1109 -57.29 50.77 -37.83
C ASP A 1109 -58.52 50.33 -38.59
N MET A 1110 -58.44 49.20 -39.28
CA MET A 1110 -59.61 48.57 -39.88
C MET A 1110 -59.24 47.13 -40.14
N TYR A 1111 -59.93 46.20 -39.48
CA TYR A 1111 -59.57 44.79 -39.48
C TYR A 1111 -60.42 44.05 -40.50
N GLY A 1112 -59.78 43.15 -41.25
CA GLY A 1112 -60.46 42.36 -42.27
C GLY A 1112 -60.06 42.73 -43.68
N HIS A 1113 -58.80 43.12 -43.85
CA HIS A 1113 -58.24 43.39 -45.18
C HIS A 1113 -57.64 42.15 -45.83
N GLN A 1114 -57.79 40.98 -45.22
CA GLN A 1114 -57.34 39.69 -45.74
C GLN A 1114 -55.82 39.54 -45.76
N PHE A 1115 -55.08 40.37 -45.00
CA PHE A 1115 -53.68 40.12 -44.73
C PHE A 1115 -53.35 40.17 -43.24
N CYS A 1116 -54.01 41.04 -42.47
CA CYS A 1116 -53.80 41.05 -41.02
C CYS A 1116 -54.33 39.79 -40.37
N ILE A 1117 -55.35 39.17 -40.95
CA ILE A 1117 -55.83 37.89 -40.46
C ILE A 1117 -54.73 36.85 -40.57
N GLU A 1118 -54.08 36.76 -41.73
CA GLU A 1118 -53.00 35.80 -41.92
C GLU A 1118 -51.81 36.11 -41.02
N ASN A 1119 -51.56 37.40 -40.74
CA ASN A 1119 -50.47 37.75 -39.84
C ASN A 1119 -50.76 37.29 -38.41
N LEU A 1120 -51.98 37.51 -37.92
CA LEU A 1120 -52.34 37.00 -36.60
C LEU A 1120 -52.31 35.48 -36.56
N GLN A 1121 -52.73 34.83 -37.64
CA GLN A 1121 -52.65 33.37 -37.73
C GLN A 1121 -51.22 32.90 -37.69
N LYS A 1122 -50.32 33.61 -38.38
CA LYS A 1122 -48.90 33.26 -38.34
C LYS A 1122 -48.35 33.42 -36.93
N LEU A 1123 -48.78 34.47 -36.23
CA LEU A 1123 -48.33 34.66 -34.85
C LEU A 1123 -48.80 33.52 -33.96
N ILE A 1124 -50.02 33.04 -34.18
CA ILE A 1124 -50.57 31.97 -33.33
C ILE A 1124 -49.91 30.63 -33.67
N LEU A 1125 -49.74 30.34 -34.96
CA LEU A 1125 -49.31 29.02 -35.41
C LEU A 1125 -47.80 28.88 -35.50
N SER A 1126 -47.03 29.85 -35.02
CA SER A 1126 -45.58 29.79 -35.08
C SER A 1126 -45.04 29.08 -33.85
N GLU A 1127 -43.89 28.42 -34.02
CA GLU A 1127 -43.24 27.75 -32.91
C GLU A 1127 -42.45 28.71 -32.05
N THR A 1128 -41.99 29.83 -32.62
CA THR A 1128 -41.21 30.79 -31.86
C THR A 1128 -42.05 31.42 -30.76
N SER A 1129 -41.46 31.53 -29.58
CA SER A 1129 -42.12 32.19 -28.47
C SER A 1129 -42.27 33.68 -28.76
N ILE A 1130 -43.47 34.20 -28.53
CA ILE A 1130 -43.72 35.64 -28.61
C ILE A 1130 -44.27 36.14 -27.27
N PHE A 1131 -44.13 35.32 -26.21
CA PHE A 1131 -44.64 35.70 -24.91
C PHE A 1131 -43.78 36.74 -24.21
N ASP A 1132 -42.64 37.10 -24.78
CA ASP A 1132 -41.85 38.23 -24.32
C ASP A 1132 -42.31 39.55 -24.91
N VAL A 1133 -43.22 39.52 -25.88
CA VAL A 1133 -43.78 40.72 -26.48
C VAL A 1133 -45.27 40.86 -26.19
N LEU A 1134 -46.00 39.75 -26.17
CA LEU A 1134 -47.44 39.77 -25.95
C LEU A 1134 -47.89 40.48 -24.66
N PRO A 1135 -47.26 40.30 -23.49
CA PRO A 1135 -47.82 40.92 -22.27
C PRO A 1135 -47.81 42.43 -22.28
N ASN A 1136 -47.06 43.09 -23.17
CA ASN A 1136 -46.98 44.54 -23.19
C ASN A 1136 -48.10 45.19 -24.00
N PHE A 1137 -48.97 44.41 -24.66
CA PHE A 1137 -50.09 44.97 -25.39
C PHE A 1137 -51.26 45.20 -24.44
N PHE A 1138 -51.12 46.22 -23.59
CA PHE A 1138 -52.23 46.67 -22.76
C PHE A 1138 -53.10 47.70 -23.46
N TYR A 1139 -52.51 48.77 -23.99
CA TYR A 1139 -53.20 49.56 -25.01
C TYR A 1139 -52.26 50.07 -26.09
N HIS A 1140 -51.06 50.48 -25.66
CA HIS A 1140 -49.96 51.06 -26.43
C HIS A 1140 -50.27 52.38 -27.14
N SER A 1141 -51.48 52.52 -27.70
CA SER A 1141 -52.21 53.78 -27.79
C SER A 1141 -53.70 53.58 -28.13
N ASN A 1142 -54.10 52.37 -28.53
CA ASN A 1142 -55.27 52.19 -29.38
C ASN A 1142 -56.47 51.60 -28.68
N GLN A 1143 -56.27 50.83 -27.61
CA GLN A 1143 -57.34 50.34 -26.74
C GLN A 1143 -58.19 49.24 -27.36
N VAL A 1144 -58.07 48.98 -28.67
CA VAL A 1144 -58.66 47.77 -29.26
C VAL A 1144 -57.66 46.63 -29.23
N VAL A 1145 -56.37 46.93 -29.30
CA VAL A 1145 -55.32 45.91 -29.33
C VAL A 1145 -55.41 44.98 -28.13
N ARG A 1146 -55.98 45.46 -27.02
CA ARG A 1146 -56.40 44.60 -25.92
C ARG A 1146 -56.99 43.29 -26.41
N MET A 1147 -58.13 43.37 -27.10
CA MET A 1147 -58.78 42.14 -27.56
C MET A 1147 -57.87 41.38 -28.51
N ALA A 1148 -57.16 42.09 -29.41
CA ALA A 1148 -56.25 41.41 -30.34
C ALA A 1148 -55.17 40.66 -29.59
N ALA A 1149 -54.69 41.22 -28.47
CA ALA A 1149 -53.72 40.48 -27.68
C ALA A 1149 -54.39 39.32 -26.95
N LEU A 1150 -55.57 39.58 -26.38
CA LEU A 1150 -56.20 38.60 -25.51
C LEU A 1150 -56.55 37.33 -26.29
N GLU A 1151 -56.97 37.48 -27.55
CA GLU A 1151 -57.26 36.32 -28.37
C GLU A 1151 -55.98 35.57 -28.75
N VAL A 1152 -54.90 36.30 -29.07
CA VAL A 1152 -53.72 35.63 -29.61
C VAL A 1152 -53.02 34.82 -28.53
N TYR A 1153 -52.76 35.44 -27.38
CA TYR A 1153 -52.01 34.79 -26.30
C TYR A 1153 -52.63 33.45 -25.95
N VAL A 1154 -53.92 33.44 -25.64
CA VAL A 1154 -54.63 32.20 -25.36
C VAL A 1154 -54.49 31.24 -26.54
N ARG A 1155 -54.80 31.72 -27.75
CA ARG A 1155 -54.69 30.86 -28.93
C ARG A 1155 -53.24 30.44 -29.17
N ARG A 1156 -52.28 31.23 -28.72
CA ARG A 1156 -50.88 30.82 -28.86
C ARG A 1156 -50.51 29.84 -27.77
N ALA A 1157 -51.07 30.00 -26.56
CA ALA A 1157 -50.66 29.18 -25.43
C ALA A 1157 -51.39 27.83 -25.43
N TYR A 1158 -52.67 27.83 -25.77
CA TYR A 1158 -53.51 26.63 -25.67
C TYR A 1158 -53.40 25.83 -26.97
N ILE A 1159 -52.21 25.25 -27.17
CA ILE A 1159 -51.96 24.45 -28.37
C ILE A 1159 -52.44 23.01 -28.22
N ALA A 1160 -52.43 22.47 -27.00
CA ALA A 1160 -52.89 21.11 -26.74
C ALA A 1160 -54.41 21.02 -26.55
N TYR A 1161 -55.12 22.14 -26.62
CA TYR A 1161 -56.56 22.19 -26.38
C TYR A 1161 -57.28 22.34 -27.72
N GLU A 1162 -58.46 21.75 -27.81
CA GLU A 1162 -59.33 21.91 -28.97
C GLU A 1162 -60.21 23.13 -28.71
N LEU A 1163 -59.89 24.25 -29.36
CA LEU A 1163 -60.60 25.50 -29.14
C LEU A 1163 -61.66 25.64 -30.22
N ASN A 1164 -62.93 25.70 -29.79
CA ASN A 1164 -64.07 25.74 -30.69
C ASN A 1164 -64.82 27.07 -30.70
N SER A 1165 -64.66 27.92 -29.68
CA SER A 1165 -65.33 29.21 -29.71
C SER A 1165 -64.51 30.28 -29.00
N VAL A 1166 -64.46 31.47 -29.61
CA VAL A 1166 -63.86 32.66 -29.03
C VAL A 1166 -64.86 33.80 -29.18
N GLN A 1167 -65.00 34.62 -28.12
CA GLN A 1167 -65.94 35.72 -28.12
C GLN A 1167 -65.28 36.95 -27.49
N HIS A 1168 -65.55 38.13 -28.07
CA HIS A 1168 -65.07 39.39 -27.55
C HIS A 1168 -66.20 40.06 -26.78
N ARG A 1169 -65.91 40.53 -25.58
CA ARG A 1169 -66.88 41.25 -24.76
C ARG A 1169 -66.16 42.43 -24.12
N GLN A 1170 -66.90 43.50 -23.84
CA GLN A 1170 -66.37 44.65 -23.13
C GLN A 1170 -67.34 45.04 -22.03
N LEU A 1171 -66.80 45.55 -20.93
CA LEU A 1171 -67.62 46.19 -19.92
C LEU A 1171 -67.75 47.68 -20.23
N LYS A 1172 -68.70 48.33 -19.55
CA LYS A 1172 -68.96 49.75 -19.78
C LYS A 1172 -67.90 50.62 -19.11
N ASP A 1173 -66.66 50.41 -19.53
CA ASP A 1173 -65.46 51.01 -18.94
C ASP A 1173 -64.43 50.94 -20.06
N ASN A 1174 -63.15 50.77 -19.73
CA ASN A 1174 -62.10 50.48 -20.70
C ASN A 1174 -61.51 49.12 -20.32
N THR A 1175 -62.40 48.14 -20.11
CA THR A 1175 -62.04 46.77 -19.71
C THR A 1175 -62.58 45.80 -20.77
N CYS A 1176 -61.68 45.34 -21.65
CA CYS A 1176 -61.98 44.32 -22.64
C CYS A 1176 -61.69 42.93 -22.08
N VAL A 1177 -62.56 41.97 -22.39
CA VAL A 1177 -62.43 40.59 -21.97
C VAL A 1177 -62.67 39.70 -23.18
N VAL A 1178 -61.97 38.58 -23.26
CA VAL A 1178 -62.20 37.59 -24.29
C VAL A 1178 -62.52 36.27 -23.63
N GLU A 1179 -63.64 35.66 -24.03
CA GLU A 1179 -64.10 34.38 -23.51
C GLU A 1179 -63.78 33.28 -24.51
N PHE A 1180 -63.42 32.10 -23.99
CA PHE A 1180 -63.00 30.97 -24.78
C PHE A 1180 -63.75 29.73 -24.32
N GLN A 1181 -64.13 28.88 -25.28
CA GLN A 1181 -64.71 27.58 -24.99
C GLN A 1181 -63.96 26.53 -25.81
N PHE A 1182 -63.40 25.55 -25.10
CA PHE A 1182 -62.48 24.58 -25.66
C PHE A 1182 -62.69 23.26 -24.93
N MET A 1183 -62.00 22.22 -25.38
CA MET A 1183 -62.10 20.93 -24.71
C MET A 1183 -60.84 20.11 -24.94
N LEU A 1184 -60.74 19.01 -24.19
CA LEU A 1184 -59.64 18.06 -24.30
C LEU A 1184 -60.13 16.85 -25.10
N PRO A 1185 -59.62 16.59 -26.31
CA PRO A 1185 -60.14 15.42 -27.06
C PRO A 1185 -59.95 14.08 -26.36
N THR A 1186 -58.74 13.76 -25.90
CA THR A 1186 -58.42 12.46 -25.31
C THR A 1186 -57.63 12.64 -24.03
N SER A 1187 -58.07 13.56 -23.18
CA SER A 1187 -57.42 13.79 -21.90
C SER A 1187 -58.45 14.30 -20.90
N HIS A 1188 -58.41 13.73 -19.70
CA HIS A 1188 -59.31 14.05 -18.59
C HIS A 1188 -60.77 14.11 -19.04
N PRO A 1189 -61.34 13.03 -19.58
CA PRO A 1189 -62.74 13.09 -19.99
C PRO A 1189 -63.72 12.97 -18.83
N GLN A 1231 -65.50 19.19 -21.30
CA GLN A 1231 -65.69 20.52 -21.86
C GLN A 1231 -65.19 21.58 -20.88
N ARG A 1232 -64.23 22.39 -21.33
CA ARG A 1232 -63.65 23.46 -20.55
C ARG A 1232 -63.99 24.82 -21.16
N MET A 1233 -63.86 25.84 -20.31
CA MET A 1233 -64.13 27.22 -20.70
C MET A 1233 -63.14 28.11 -19.97
N GLY A 1234 -63.10 29.37 -20.38
CA GLY A 1234 -62.21 30.31 -19.73
C GLY A 1234 -62.33 31.69 -20.32
N GLY A 1235 -61.41 32.55 -19.90
CA GLY A 1235 -61.38 33.91 -20.43
C GLY A 1235 -60.19 34.67 -19.88
N MET A 1236 -59.94 35.83 -20.50
CA MET A 1236 -58.80 36.65 -20.14
C MET A 1236 -59.17 38.13 -20.20
N VAL A 1237 -58.58 38.90 -19.29
CA VAL A 1237 -58.76 40.34 -19.16
C VAL A 1237 -57.42 40.96 -18.80
N SER A 1238 -57.24 42.23 -19.17
CA SER A 1238 -56.04 43.01 -18.84
C SER A 1238 -56.42 44.28 -18.11
N PHE A 1239 -55.52 44.74 -17.23
CA PHE A 1239 -55.75 45.89 -16.37
C PHE A 1239 -54.50 46.77 -16.35
N ARG A 1240 -54.58 47.86 -15.58
CA ARG A 1240 -53.46 48.77 -15.42
C ARG A 1240 -53.10 48.99 -13.95
N THR A 1241 -51.86 48.64 -13.64
CA THR A 1241 -51.01 49.01 -12.50
C THR A 1241 -51.36 48.42 -11.14
N PHE A 1242 -52.63 48.31 -10.75
CA PHE A 1242 -53.18 47.16 -10.05
C PHE A 1242 -54.71 47.18 -10.00
N GLU A 1243 -55.28 48.39 -9.95
CA GLU A 1243 -56.51 48.59 -9.18
C GLU A 1243 -57.74 48.08 -9.92
N ASP A 1244 -57.76 48.23 -11.25
CA ASP A 1244 -58.92 47.82 -12.02
C ASP A 1244 -59.15 46.31 -11.94
N PHE A 1245 -58.11 45.55 -11.60
CA PHE A 1245 -58.31 44.13 -11.34
C PHE A 1245 -59.27 43.90 -10.19
N VAL A 1246 -58.98 44.47 -9.03
CA VAL A 1246 -59.79 44.21 -7.84
C VAL A 1246 -61.08 45.04 -7.86
N ARG A 1247 -61.07 46.20 -8.51
CA ARG A 1247 -62.25 47.07 -8.50
C ARG A 1247 -63.44 46.40 -9.19
N ILE A 1248 -63.20 45.75 -10.33
CA ILE A 1248 -64.26 45.15 -11.13
C ILE A 1248 -63.97 43.65 -11.30
N PHE A 1249 -63.39 43.04 -10.27
CA PHE A 1249 -63.05 41.62 -10.33
C PHE A 1249 -64.29 40.77 -10.58
N ASP A 1250 -65.36 41.00 -9.83
CA ASP A 1250 -66.56 40.18 -9.95
C ASP A 1250 -67.27 40.39 -11.29
N GLU A 1251 -67.09 41.57 -11.91
CA GLU A 1251 -67.76 41.86 -13.17
C GLU A 1251 -67.05 41.18 -14.34
N VAL A 1252 -65.71 41.26 -14.40
CA VAL A 1252 -64.98 40.61 -15.47
C VAL A 1252 -65.07 39.09 -15.36
N MET A 1253 -65.33 38.55 -14.17
CA MET A 1253 -65.50 37.11 -14.02
C MET A 1253 -66.73 36.60 -14.74
N GLY A 1254 -67.72 37.46 -15.00
CA GLY A 1254 -68.95 37.03 -15.62
C GLY A 1254 -68.82 36.74 -17.11
N CYS A 1255 -68.06 35.69 -17.43
CA CYS A 1255 -67.89 35.26 -18.82
C CYS A 1255 -68.95 34.24 -19.21
N GLU A 1284 -68.43 20.98 -11.64
CA GLU A 1284 -66.98 20.86 -11.68
C GLU A 1284 -66.36 22.24 -11.99
N PRO A 1285 -65.23 22.60 -11.35
CA PRO A 1285 -64.58 23.87 -11.70
C PRO A 1285 -63.82 23.76 -13.01
N ILE A 1286 -64.53 23.96 -14.13
CA ILE A 1286 -63.91 23.82 -15.45
C ILE A 1286 -63.38 25.15 -15.99
N HIS A 1287 -63.72 26.27 -15.36
CA HIS A 1287 -63.36 27.57 -15.90
C HIS A 1287 -61.91 27.91 -15.57
N ILE A 1288 -61.23 28.52 -16.54
CA ILE A 1288 -59.84 28.94 -16.40
C ILE A 1288 -59.80 30.46 -16.63
N LEU A 1289 -59.30 31.20 -15.65
CA LEU A 1289 -59.31 32.66 -15.67
C LEU A 1289 -57.88 33.17 -15.62
N ASN A 1290 -57.49 33.94 -16.63
CA ASN A 1290 -56.17 34.56 -16.73
C ASN A 1290 -56.29 36.07 -16.61
N VAL A 1291 -55.36 36.69 -15.91
CA VAL A 1291 -55.30 38.15 -15.75
C VAL A 1291 -53.87 38.61 -15.98
N ALA A 1292 -53.72 39.73 -16.70
CA ALA A 1292 -52.43 40.33 -16.97
C ALA A 1292 -52.47 41.80 -16.55
N ILE A 1293 -51.48 42.23 -15.77
CA ILE A 1293 -51.46 43.56 -15.18
C ILE A 1293 -50.14 44.24 -15.54
N LYS A 1294 -50.22 45.53 -15.86
CA LYS A 1294 -49.08 46.34 -16.27
C LYS A 1294 -48.29 46.82 -15.04
N THR A 1295 -47.37 45.97 -14.58
CA THR A 1295 -46.33 46.35 -13.64
C THR A 1295 -44.98 46.00 -14.27
N ASP A 1296 -44.47 46.92 -15.09
CA ASP A 1296 -43.26 46.69 -15.91
C ASP A 1296 -42.01 47.17 -15.17
N CYS A 1297 -41.65 46.46 -14.11
CA CYS A 1297 -40.53 46.89 -13.28
C CYS A 1297 -40.02 45.73 -12.42
N ASP A 1298 -38.70 45.46 -12.49
CA ASP A 1298 -37.99 44.79 -11.39
C ASP A 1298 -38.47 43.39 -11.03
N ILE A 1299 -37.99 42.36 -11.72
CA ILE A 1299 -38.41 40.98 -11.48
C ILE A 1299 -38.14 40.70 -10.00
N GLU A 1300 -39.23 40.73 -9.21
CA GLU A 1300 -39.22 40.50 -7.77
C GLU A 1300 -40.42 39.60 -7.49
N ASP A 1301 -40.18 38.28 -7.45
CA ASP A 1301 -41.26 37.31 -7.32
C ASP A 1301 -42.05 37.48 -6.03
N ASP A 1302 -41.37 37.81 -4.93
CA ASP A 1302 -42.05 37.86 -3.65
C ASP A 1302 -43.03 39.02 -3.57
N ARG A 1303 -42.61 40.20 -4.05
CA ARG A 1303 -43.48 41.37 -4.00
C ARG A 1303 -44.73 41.17 -4.85
N LEU A 1304 -44.57 40.69 -6.08
CA LEU A 1304 -45.70 40.50 -6.97
C LEU A 1304 -46.62 39.39 -6.45
N ALA A 1305 -46.03 38.29 -5.99
CA ALA A 1305 -46.83 37.19 -5.45
C ALA A 1305 -47.62 37.64 -4.23
N ALA A 1306 -47.02 38.43 -3.34
CA ALA A 1306 -47.75 38.94 -2.19
C ALA A 1306 -48.85 39.91 -2.62
N MET A 1307 -48.56 40.79 -3.58
CA MET A 1307 -49.53 41.76 -4.06
C MET A 1307 -50.78 41.07 -4.60
N PHE A 1308 -50.59 39.99 -5.36
CA PHE A 1308 -51.75 39.28 -5.89
C PHE A 1308 -52.39 38.39 -4.83
N ARG A 1309 -51.58 37.74 -4.01
CA ARG A 1309 -52.09 36.78 -3.03
C ARG A 1309 -52.95 37.47 -2.00
N GLU A 1310 -52.60 38.70 -1.62
CA GLU A 1310 -53.41 39.44 -0.65
C GLU A 1310 -54.85 39.59 -1.11
N PHE A 1311 -55.05 39.82 -2.41
CA PHE A 1311 -56.41 39.86 -2.93
C PHE A 1311 -57.02 38.46 -3.00
N THR A 1312 -56.28 37.49 -3.54
CA THR A 1312 -56.90 36.17 -3.71
C THR A 1312 -57.21 35.50 -2.38
N GLN A 1313 -56.60 35.96 -1.28
CA GLN A 1313 -56.88 35.41 0.04
C GLN A 1313 -58.19 35.92 0.64
N GLN A 1314 -58.76 36.99 0.08
CA GLN A 1314 -60.02 37.55 0.57
C GLN A 1314 -61.18 37.32 -0.39
N ASN A 1315 -60.99 37.53 -1.69
CA ASN A 1315 -62.04 37.32 -2.68
C ASN A 1315 -62.01 35.86 -3.11
N LYS A 1316 -63.05 35.12 -2.74
CA LYS A 1316 -63.20 33.71 -3.07
C LYS A 1316 -64.30 33.50 -4.12
N ALA A 1317 -64.50 34.50 -4.99
CA ALA A 1317 -65.45 34.36 -6.10
C ALA A 1317 -65.10 33.19 -7.01
N THR A 1318 -63.82 32.82 -7.08
CA THR A 1318 -63.40 31.72 -7.93
C THR A 1318 -64.00 30.39 -7.51
N LEU A 1319 -64.45 30.26 -6.25
CA LEU A 1319 -65.04 29.04 -5.72
C LEU A 1319 -66.55 29.12 -5.60
N VAL A 1320 -67.08 30.27 -5.17
CA VAL A 1320 -68.48 30.40 -4.84
C VAL A 1320 -69.31 30.92 -6.01
N ASP A 1321 -68.69 31.46 -7.06
CA ASP A 1321 -69.47 31.96 -8.18
C ASP A 1321 -69.97 30.82 -9.05
N HIS A 1322 -69.07 30.13 -9.74
CA HIS A 1322 -69.40 28.91 -10.46
C HIS A 1322 -68.34 27.81 -10.29
N GLY A 1323 -67.11 28.20 -9.96
CA GLY A 1323 -65.99 27.27 -9.86
C GLY A 1323 -64.93 27.46 -10.92
N ILE A 1324 -63.84 28.13 -10.57
CA ILE A 1324 -62.73 28.42 -11.48
C ILE A 1324 -61.54 27.61 -10.98
N ARG A 1325 -61.03 26.71 -11.84
CA ARG A 1325 -59.98 25.79 -11.44
C ARG A 1325 -58.74 26.52 -10.93
N ARG A 1326 -58.29 27.54 -11.67
CA ARG A 1326 -57.08 28.26 -11.33
C ARG A 1326 -57.21 29.70 -11.80
N LEU A 1327 -56.53 30.60 -11.10
CA LEU A 1327 -56.38 31.99 -11.50
C LEU A 1327 -54.91 32.25 -11.77
N THR A 1328 -54.60 32.67 -13.00
CA THR A 1328 -53.24 32.87 -13.46
C THR A 1328 -52.95 34.37 -13.50
N PHE A 1329 -51.89 34.78 -12.82
CA PHE A 1329 -51.48 36.18 -12.73
C PHE A 1329 -50.25 36.36 -13.60
N LEU A 1330 -50.38 37.18 -14.65
CA LEU A 1330 -49.32 37.43 -15.61
C LEU A 1330 -48.78 38.82 -15.39
N VAL A 1331 -47.51 38.91 -14.99
CA VAL A 1331 -46.81 40.18 -14.81
C VAL A 1331 -45.99 40.42 -16.07
N ALA A 1332 -46.21 41.57 -16.70
CA ALA A 1332 -45.46 41.97 -17.88
C ALA A 1332 -44.12 42.55 -17.47
N PHE A 1352 -39.30 37.46 -19.88
CA PHE A 1352 -39.98 38.72 -19.57
C PHE A 1352 -41.29 38.55 -18.79
N PRO A 1353 -42.21 37.67 -19.23
CA PRO A 1353 -43.42 37.45 -18.43
C PRO A 1353 -43.16 36.61 -17.20
N LYS A 1354 -43.83 36.97 -16.10
CA LYS A 1354 -43.76 36.21 -14.85
C LYS A 1354 -45.15 35.69 -14.53
N PHE A 1355 -45.26 34.37 -14.42
CA PHE A 1355 -46.53 33.69 -14.19
C PHE A 1355 -46.61 33.23 -12.74
N PHE A 1356 -47.66 33.66 -12.05
CA PHE A 1356 -47.97 33.19 -10.70
C PHE A 1356 -49.36 32.58 -10.72
N THR A 1357 -49.42 31.26 -10.55
CA THR A 1357 -50.68 30.53 -10.58
C THR A 1357 -51.19 30.35 -9.16
N PHE A 1358 -52.46 30.64 -8.93
CA PHE A 1358 -53.10 30.54 -7.64
C PHE A 1358 -54.36 29.70 -7.76
N ARG A 1359 -54.66 28.94 -6.71
CA ARG A 1359 -55.88 28.11 -6.63
C ARG A 1359 -56.59 28.45 -5.32
N ALA A 1360 -57.43 29.47 -5.36
CA ALA A 1360 -58.17 29.92 -4.18
C ALA A 1360 -59.48 29.14 -4.03
N ARG A 1361 -59.34 27.82 -3.86
CA ARG A 1361 -60.50 26.96 -3.68
C ARG A 1361 -60.38 26.08 -2.44
N ASP A 1362 -59.24 25.43 -2.24
CA ASP A 1362 -59.02 24.60 -1.07
C ASP A 1362 -57.65 24.83 -0.44
N LYS A 1363 -56.63 24.97 -1.27
CA LYS A 1363 -55.25 25.04 -0.82
C LYS A 1363 -54.79 26.49 -0.67
N PHE A 1364 -53.70 26.67 0.06
CA PHE A 1364 -53.10 27.99 0.21
C PHE A 1364 -52.74 28.57 -1.15
N GLU A 1365 -53.06 29.85 -1.34
CA GLU A 1365 -52.95 30.49 -2.66
C GLU A 1365 -51.48 30.74 -2.97
N GLU A 1366 -50.79 29.67 -3.36
CA GLU A 1366 -49.39 29.78 -3.73
C GLU A 1366 -49.00 28.53 -4.52
N ASP A 1367 -48.05 28.70 -5.43
CA ASP A 1367 -47.54 27.58 -6.21
C ASP A 1367 -46.10 27.88 -6.55
N ARG A 1368 -45.18 27.20 -5.87
CA ARG A 1368 -43.75 27.33 -6.14
C ARG A 1368 -43.28 26.44 -7.28
N ILE A 1369 -44.10 25.50 -7.73
CA ILE A 1369 -43.67 24.47 -8.67
C ILE A 1369 -43.94 24.87 -10.11
N TYR A 1370 -45.14 25.39 -10.39
CA TYR A 1370 -45.54 25.80 -11.73
C TYR A 1370 -45.37 27.30 -11.96
N ARG A 1371 -44.65 27.99 -11.08
CA ARG A 1371 -44.42 29.42 -11.26
C ARG A 1371 -43.58 29.64 -12.51
N HIS A 1372 -43.83 30.77 -13.17
CA HIS A 1372 -43.15 31.20 -14.40
C HIS A 1372 -43.46 30.32 -15.60
N LEU A 1373 -44.45 29.43 -15.50
CA LEU A 1373 -44.92 28.62 -16.59
C LEU A 1373 -46.31 29.07 -17.03
N GLU A 1374 -46.59 28.91 -18.31
CA GLU A 1374 -47.95 29.11 -18.78
C GLU A 1374 -48.83 27.97 -18.28
N PRO A 1375 -50.06 28.24 -17.82
CA PRO A 1375 -50.91 27.13 -17.39
C PRO A 1375 -51.34 26.23 -18.52
N ALA A 1376 -51.35 26.75 -19.75
CA ALA A 1376 -51.69 25.97 -20.93
C ALA A 1376 -50.53 25.15 -21.45
N LEU A 1377 -49.29 25.64 -21.28
CA LEU A 1377 -48.10 24.93 -21.70
C LEU A 1377 -47.38 24.27 -20.52
N ALA A 1378 -48.06 24.13 -19.37
CA ALA A 1378 -47.48 23.41 -18.25
C ALA A 1378 -47.31 21.93 -18.56
N PHE A 1379 -48.04 21.40 -19.55
CA PHE A 1379 -47.82 20.05 -20.03
C PHE A 1379 -46.50 19.90 -20.78
N GLN A 1380 -46.02 20.98 -21.38
CA GLN A 1380 -44.89 20.94 -22.29
C GLN A 1380 -43.59 21.21 -21.53
N LEU A 1381 -43.44 20.50 -20.41
CA LEU A 1381 -42.22 20.53 -19.60
C LEU A 1381 -41.79 19.15 -19.15
N GLU A 1382 -42.67 18.15 -19.28
CA GLU A 1382 -42.44 16.80 -18.76
C GLU A 1382 -42.15 16.84 -17.26
N LEU A 1383 -42.90 17.67 -16.55
CA LEU A 1383 -42.75 17.83 -15.11
C LEU A 1383 -43.71 16.95 -14.34
N ASN A 1384 -44.86 16.60 -14.93
CA ASN A 1384 -45.79 15.69 -14.27
C ASN A 1384 -45.26 14.27 -14.18
N ARG A 1385 -44.14 13.96 -14.83
CA ARG A 1385 -43.53 12.64 -14.71
C ARG A 1385 -42.97 12.38 -13.33
N MET A 1386 -42.78 13.41 -12.51
CA MET A 1386 -42.24 13.24 -11.16
C MET A 1386 -43.35 12.84 -10.20
N ARG A 1387 -44.06 11.76 -10.51
CA ARG A 1387 -45.22 11.37 -9.71
C ARG A 1387 -44.82 10.84 -8.34
N ASN A 1388 -43.65 10.21 -8.24
CA ASN A 1388 -43.19 9.59 -7.01
C ASN A 1388 -42.26 10.49 -6.19
N PHE A 1389 -42.23 11.79 -6.49
CA PHE A 1389 -41.40 12.75 -5.79
C PHE A 1389 -42.26 13.85 -5.19
N ASP A 1390 -41.83 14.35 -4.04
CA ASP A 1390 -42.28 15.63 -3.51
C ASP A 1390 -41.25 16.65 -3.99
N LEU A 1391 -41.71 17.58 -4.82
CA LEU A 1391 -40.81 18.51 -5.48
C LEU A 1391 -40.65 19.78 -4.65
N THR A 1392 -39.43 20.30 -4.64
CA THR A 1392 -39.12 21.61 -4.11
C THR A 1392 -38.44 22.40 -5.22
N ALA A 1393 -39.05 23.51 -5.63
CA ALA A 1393 -38.50 24.31 -6.69
C ALA A 1393 -37.35 25.15 -6.17
N ILE A 1394 -36.31 25.29 -6.98
CA ILE A 1394 -35.08 26.00 -6.61
C ILE A 1394 -35.09 27.34 -7.33
N PRO A 1395 -35.15 28.48 -6.62
CA PRO A 1395 -35.15 29.76 -7.34
C PRO A 1395 -33.79 30.07 -7.93
N CYS A 1396 -33.82 30.80 -9.05
CA CYS A 1396 -32.60 31.12 -9.76
C CYS A 1396 -32.84 32.39 -10.57
N ALA A 1397 -31.74 33.01 -10.98
CA ALA A 1397 -31.82 34.15 -11.88
C ALA A 1397 -32.14 33.66 -13.29
N ASN A 1398 -32.58 34.59 -14.15
CA ASN A 1398 -32.88 34.25 -15.54
C ASN A 1398 -33.95 33.16 -15.61
N HIS A 1399 -35.20 33.49 -15.28
CA HIS A 1399 -36.25 32.50 -15.05
C HIS A 1399 -36.79 31.86 -16.33
N LYS A 1400 -35.89 31.34 -17.17
CA LYS A 1400 -36.22 30.43 -18.25
C LYS A 1400 -35.84 29.00 -17.93
N MET A 1401 -34.90 28.80 -17.00
CA MET A 1401 -34.49 27.49 -16.53
C MET A 1401 -35.33 27.11 -15.31
N HIS A 1402 -35.73 25.84 -15.26
CA HIS A 1402 -36.54 25.31 -14.16
C HIS A 1402 -35.81 24.14 -13.54
N LEU A 1403 -35.29 24.36 -12.33
CA LEU A 1403 -34.59 23.34 -11.55
C LEU A 1403 -35.46 22.93 -10.38
N TYR A 1404 -35.61 21.63 -10.19
CA TYR A 1404 -36.37 21.08 -9.08
C TYR A 1404 -35.51 20.07 -8.33
N LEU A 1405 -35.76 19.96 -7.03
CA LEU A 1405 -35.20 18.89 -6.21
C LEU A 1405 -36.36 18.00 -5.77
N GLY A 1406 -36.36 16.77 -6.25
CA GLY A 1406 -37.39 15.81 -5.89
C GLY A 1406 -36.91 14.89 -4.79
N ALA A 1407 -37.74 14.77 -3.75
CA ALA A 1407 -37.50 13.87 -2.64
C ALA A 1407 -38.47 12.70 -2.78
N ALA A 1408 -37.91 11.50 -2.97
CA ALA A 1408 -38.73 10.31 -3.25
C ALA A 1408 -39.78 10.09 -2.18
N LYS A 1409 -41.00 9.78 -2.60
CA LYS A 1409 -42.08 9.50 -1.67
C LYS A 1409 -41.83 8.19 -0.95
N VAL A 1410 -42.04 8.20 0.36
CA VAL A 1410 -41.86 7.03 1.21
C VAL A 1410 -43.02 6.97 2.18
N GLU A 1411 -43.14 5.83 2.86
CA GLU A 1411 -44.21 5.62 3.81
C GLU A 1411 -43.91 6.41 5.10
N VAL A 1412 -44.79 6.27 6.09
CA VAL A 1412 -44.65 6.95 7.37
C VAL A 1412 -43.56 6.36 8.24
N GLY A 1413 -42.90 5.29 7.79
CA GLY A 1413 -41.81 4.66 8.50
C GLY A 1413 -40.47 5.14 7.99
N THR A 1414 -39.88 4.36 7.09
CA THR A 1414 -38.55 4.66 6.58
C THR A 1414 -38.50 6.05 5.93
N GLU A 1415 -37.41 6.76 6.17
CA GLU A 1415 -37.26 8.13 5.69
C GLU A 1415 -36.94 8.14 4.19
N VAL A 1416 -36.78 9.34 3.65
CA VAL A 1416 -36.40 9.52 2.25
C VAL A 1416 -34.88 9.44 2.15
N THR A 1417 -34.39 8.57 1.26
CA THR A 1417 -32.98 8.47 0.92
C THR A 1417 -32.66 8.87 -0.49
N ASP A 1418 -33.63 8.80 -1.40
CA ASP A 1418 -33.41 9.10 -2.81
C ASP A 1418 -33.85 10.53 -3.08
N TYR A 1419 -32.87 11.41 -3.28
CA TYR A 1419 -33.09 12.79 -3.69
C TYR A 1419 -32.45 12.98 -5.06
N ARG A 1420 -33.12 13.74 -5.93
CA ARG A 1420 -32.62 13.91 -7.29
C ARG A 1420 -32.93 15.32 -7.79
N PHE A 1421 -31.93 15.94 -8.41
CA PHE A 1421 -32.12 17.21 -9.07
C PHE A 1421 -32.53 16.98 -10.53
N PHE A 1422 -33.62 17.63 -10.93
CA PHE A 1422 -34.18 17.53 -12.26
C PHE A 1422 -34.18 18.91 -12.91
N VAL A 1423 -33.69 18.98 -14.15
CA VAL A 1423 -33.62 20.21 -14.92
C VAL A 1423 -34.58 20.07 -16.09
N ARG A 1424 -35.46 21.06 -16.25
CA ARG A 1424 -36.45 21.07 -17.32
C ARG A 1424 -36.39 22.42 -18.01
N ALA A 1425 -36.00 22.41 -19.29
CA ALA A 1425 -35.88 23.63 -20.08
C ALA A 1425 -36.49 23.40 -21.46
N ILE A 1426 -36.99 24.49 -22.04
CA ILE A 1426 -37.64 24.47 -23.35
C ILE A 1426 -36.89 25.40 -24.29
N ILE A 1427 -36.66 24.93 -25.51
CA ILE A 1427 -36.00 25.70 -26.55
C ILE A 1427 -37.07 26.21 -27.51
N ARG A 1428 -37.21 27.53 -27.62
CA ARG A 1428 -38.23 28.16 -28.43
C ARG A 1428 -37.60 28.81 -29.65
N HIS A 1429 -38.10 28.45 -30.83
CA HIS A 1429 -37.60 28.96 -32.09
C HIS A 1429 -38.52 28.45 -33.21
N SER A 1430 -38.46 29.12 -34.35
CA SER A 1430 -39.26 28.71 -35.50
C SER A 1430 -38.65 27.47 -36.15
N ASP A 1431 -39.44 26.83 -37.01
CA ASP A 1431 -38.98 25.64 -37.73
C ASP A 1431 -37.80 26.00 -38.64
N LEU A 1432 -36.85 25.08 -38.70
CA LEU A 1432 -35.62 25.30 -39.44
C LEU A 1432 -35.74 24.80 -40.87
N VAL A 1433 -35.00 25.45 -41.76
CA VAL A 1433 -34.84 25.02 -43.14
C VAL A 1433 -33.41 24.55 -43.30
N THR A 1434 -33.24 23.25 -43.56
CA THR A 1434 -31.91 22.65 -43.55
C THR A 1434 -31.25 22.84 -44.92
N LYS A 1435 -30.13 23.56 -44.92
CA LYS A 1435 -29.24 23.70 -46.06
C LYS A 1435 -27.82 23.41 -45.60
N GLU A 1436 -27.67 22.35 -44.81
CA GLU A 1436 -26.43 22.03 -44.09
C GLU A 1436 -26.06 23.16 -43.13
N ALA A 1437 -27.07 23.80 -42.52
CA ALA A 1437 -26.86 24.89 -41.58
C ALA A 1437 -27.85 24.84 -40.41
N SER A 1438 -28.30 23.64 -40.04
CA SER A 1438 -29.20 23.45 -38.90
C SER A 1438 -28.48 22.95 -37.66
N PHE A 1439 -27.18 22.69 -37.73
CA PHE A 1439 -26.45 22.21 -36.56
C PHE A 1439 -26.27 23.32 -35.53
N GLU A 1440 -26.09 24.56 -35.99
CA GLU A 1440 -25.76 25.64 -35.06
C GLU A 1440 -26.89 25.89 -34.07
N TYR A 1441 -28.14 25.88 -34.55
CA TYR A 1441 -29.26 26.18 -33.67
C TYR A 1441 -29.39 25.14 -32.55
N LEU A 1442 -29.45 23.86 -32.92
CA LEU A 1442 -29.56 22.79 -31.94
C LEU A 1442 -28.38 22.80 -30.97
N GLN A 1443 -27.16 22.85 -31.51
CA GLN A 1443 -25.98 22.76 -30.67
C GLN A 1443 -25.88 23.94 -29.71
N ASN A 1444 -26.08 25.16 -30.21
CA ASN A 1444 -25.92 26.33 -29.36
C ASN A 1444 -27.01 26.40 -28.29
N GLU A 1445 -28.27 26.15 -28.65
CA GLU A 1445 -29.33 26.21 -27.63
C GLU A 1445 -29.16 25.13 -26.59
N GLY A 1446 -28.92 23.89 -27.02
CA GLY A 1446 -28.72 22.81 -26.07
C GLY A 1446 -27.52 23.04 -25.16
N GLU A 1447 -26.41 23.54 -25.73
CA GLU A 1447 -25.20 23.75 -24.95
C GLU A 1447 -25.38 24.89 -23.96
N ARG A 1448 -26.05 25.97 -24.37
CA ARG A 1448 -26.33 27.08 -23.47
C ARG A 1448 -27.15 26.61 -22.28
N LEU A 1449 -28.25 25.89 -22.55
CA LEU A 1449 -29.08 25.40 -21.46
C LEU A 1449 -28.33 24.39 -20.61
N LEU A 1450 -27.45 23.58 -21.22
CA LEU A 1450 -26.66 22.62 -20.46
C LEU A 1450 -25.71 23.31 -19.50
N LEU A 1451 -25.03 24.36 -19.97
CA LEU A 1451 -24.10 25.08 -19.10
C LEU A 1451 -24.83 25.79 -17.97
N GLU A 1452 -25.97 26.43 -18.28
CA GLU A 1452 -26.75 27.06 -17.22
C GLU A 1452 -27.24 26.04 -16.20
N ALA A 1453 -27.68 24.88 -16.70
CA ALA A 1453 -28.13 23.80 -15.83
C ALA A 1453 -27.00 23.33 -14.92
N MET A 1454 -25.79 23.19 -15.46
CA MET A 1454 -24.67 22.74 -14.64
C MET A 1454 -24.32 23.77 -13.57
N ASP A 1455 -24.36 25.05 -13.92
CA ASP A 1455 -24.08 26.09 -12.93
C ASP A 1455 -25.08 26.06 -11.79
N GLU A 1456 -26.37 26.00 -12.14
CA GLU A 1456 -27.41 25.98 -11.11
C GLU A 1456 -27.34 24.69 -10.29
N LEU A 1457 -27.01 23.57 -10.93
CA LEU A 1457 -26.87 22.31 -10.20
C LEU A 1457 -25.72 22.38 -9.22
N GLU A 1458 -24.59 22.97 -9.64
CA GLU A 1458 -23.45 23.12 -8.75
C GLU A 1458 -23.82 23.93 -7.52
N VAL A 1459 -24.46 25.09 -7.74
CA VAL A 1459 -24.84 25.94 -6.61
C VAL A 1459 -25.84 25.24 -5.70
N ALA A 1460 -26.88 24.63 -6.30
CA ALA A 1460 -27.92 23.98 -5.48
C ALA A 1460 -27.35 22.81 -4.70
N PHE A 1461 -26.49 22.00 -5.34
CA PHE A 1461 -25.97 20.80 -4.72
C PHE A 1461 -25.00 21.13 -3.58
N ASN A 1462 -24.06 22.04 -3.84
CA ASN A 1462 -23.06 22.34 -2.83
C ASN A 1462 -23.64 23.08 -1.62
N ASN A 1463 -24.78 23.77 -1.78
CA ASN A 1463 -25.37 24.55 -0.69
C ASN A 1463 -26.25 23.72 0.23
N THR A 1464 -26.46 22.44 -0.05
CA THR A 1464 -27.31 21.58 0.77
C THR A 1464 -26.58 20.27 1.04
N ASN A 1465 -27.25 19.38 1.78
CA ASN A 1465 -26.72 18.04 2.04
C ASN A 1465 -27.90 17.06 1.99
N VAL A 1466 -28.11 16.48 0.81
CA VAL A 1466 -29.14 15.47 0.59
C VAL A 1466 -28.62 14.24 -0.12
N ARG A 1467 -27.37 14.26 -0.61
CA ARG A 1467 -26.72 13.09 -1.21
C ARG A 1467 -27.50 12.52 -2.38
N THR A 1468 -27.64 13.30 -3.46
CA THR A 1468 -28.28 12.79 -4.66
C THR A 1468 -27.33 11.85 -5.40
N ASP A 1469 -27.92 11.01 -6.25
CA ASP A 1469 -27.20 9.98 -6.99
C ASP A 1469 -27.29 10.13 -8.49
N CYS A 1470 -28.50 10.33 -9.03
CA CYS A 1470 -28.75 10.30 -10.47
C CYS A 1470 -29.50 11.57 -10.86
N ASN A 1471 -28.75 12.64 -11.11
CA ASN A 1471 -29.34 13.87 -11.62
C ASN A 1471 -29.59 13.75 -13.12
N HIS A 1472 -30.65 14.41 -13.58
CA HIS A 1472 -31.24 14.20 -14.88
C HIS A 1472 -31.55 15.54 -15.54
N ILE A 1473 -31.37 15.60 -16.86
CA ILE A 1473 -31.59 16.82 -17.64
C ILE A 1473 -32.45 16.45 -18.84
N PHE A 1474 -33.48 17.26 -19.09
CA PHE A 1474 -34.36 17.09 -20.23
C PHE A 1474 -34.44 18.39 -21.00
N LEU A 1475 -34.19 18.33 -22.32
CA LEU A 1475 -34.21 19.49 -23.20
C LEU A 1475 -35.21 19.22 -24.32
N ASN A 1476 -36.21 20.09 -24.43
CA ASN A 1476 -37.27 19.96 -25.44
C ASN A 1476 -36.94 20.88 -26.60
N PHE A 1477 -36.61 20.29 -27.76
CA PHE A 1477 -36.30 21.04 -28.97
C PHE A 1477 -37.60 21.20 -29.75
N VAL A 1478 -38.25 22.35 -29.52
CA VAL A 1478 -39.56 22.58 -30.14
C VAL A 1478 -39.50 22.60 -31.66
N PRO A 1479 -38.63 23.36 -32.31
CA PRO A 1479 -38.74 23.50 -33.77
C PRO A 1479 -38.40 22.22 -34.52
N THR A 1480 -39.01 22.09 -35.69
CA THR A 1480 -38.74 20.96 -36.57
C THR A 1480 -37.46 21.17 -37.34
N VAL A 1481 -36.65 20.11 -37.45
CA VAL A 1481 -35.38 20.14 -38.16
C VAL A 1481 -35.31 18.92 -39.07
N ILE A 1482 -34.81 19.12 -40.27
CA ILE A 1482 -34.57 18.03 -41.22
C ILE A 1482 -33.10 17.62 -41.08
N MET A 1483 -32.87 16.47 -40.45
CA MET A 1483 -31.51 16.03 -40.18
C MET A 1483 -31.55 14.54 -39.83
N ASP A 1484 -30.62 13.78 -40.41
CA ASP A 1484 -30.55 12.35 -40.11
C ASP A 1484 -30.25 12.16 -38.63
N PRO A 1485 -30.94 11.24 -37.93
CA PRO A 1485 -30.66 11.07 -36.49
C PRO A 1485 -29.21 10.77 -36.15
N SER A 1486 -28.46 10.16 -37.07
CA SER A 1486 -27.06 9.86 -36.76
C SER A 1486 -26.23 11.13 -36.61
N LYS A 1487 -26.57 12.18 -37.37
CA LYS A 1487 -25.87 13.45 -37.22
C LYS A 1487 -26.27 14.16 -35.93
N ILE A 1488 -27.52 14.01 -35.50
CA ILE A 1488 -27.94 14.54 -34.21
C ILE A 1488 -27.21 13.79 -33.09
N GLU A 1489 -27.02 12.49 -33.26
CA GLU A 1489 -26.21 11.72 -32.32
C GLU A 1489 -24.79 12.25 -32.25
N GLU A 1490 -24.17 12.52 -33.40
CA GLU A 1490 -22.82 13.07 -33.38
C GLU A 1490 -22.78 14.43 -32.68
N SER A 1491 -23.78 15.27 -32.95
CA SER A 1491 -23.80 16.60 -32.36
C SER A 1491 -23.94 16.55 -30.85
N VAL A 1492 -24.89 15.74 -30.36
CA VAL A 1492 -25.07 15.64 -28.91
C VAL A 1492 -23.89 14.93 -28.27
N ARG A 1493 -23.26 13.98 -28.99
CA ARG A 1493 -22.08 13.33 -28.45
C ARG A 1493 -20.96 14.33 -28.20
N SER A 1494 -20.70 15.21 -29.17
CA SER A 1494 -19.69 16.24 -28.95
C SER A 1494 -20.10 17.18 -27.82
N MET A 1495 -21.36 17.65 -27.84
CA MET A 1495 -21.83 18.62 -26.86
C MET A 1495 -21.73 18.08 -25.45
N VAL A 1496 -22.02 16.80 -25.26
CA VAL A 1496 -22.03 16.22 -23.92
C VAL A 1496 -20.63 15.81 -23.50
N MET A 1497 -19.86 15.22 -24.41
CA MET A 1497 -18.53 14.72 -24.06
C MET A 1497 -17.59 15.85 -23.69
N ARG A 1498 -17.75 17.03 -24.30
CA ARG A 1498 -16.84 18.11 -23.96
C ARG A 1498 -16.99 18.58 -22.51
N TYR A 1499 -18.15 18.34 -21.87
CA TYR A 1499 -18.36 18.66 -20.46
C TYR A 1499 -18.68 17.42 -19.61
N GLY A 1500 -18.40 16.22 -20.14
CA GLY A 1500 -18.59 15.01 -19.37
C GLY A 1500 -17.92 15.00 -18.02
N SER A 1501 -16.77 15.66 -17.88
CA SER A 1501 -16.09 15.71 -16.59
C SER A 1501 -16.90 16.50 -15.56
N ARG A 1502 -17.47 17.62 -15.97
CA ARG A 1502 -18.32 18.38 -15.05
C ARG A 1502 -19.60 17.63 -14.75
N LEU A 1503 -20.20 17.01 -15.76
CA LEU A 1503 -21.43 16.25 -15.52
C LEU A 1503 -21.18 15.08 -14.58
N TRP A 1504 -20.00 14.46 -14.65
CA TRP A 1504 -19.65 13.41 -13.72
C TRP A 1504 -19.47 13.97 -12.31
N LYS A 1505 -18.73 15.09 -12.20
CA LYS A 1505 -18.54 15.71 -10.88
C LYS A 1505 -19.88 16.12 -10.25
N LEU A 1506 -20.85 16.53 -11.06
CA LEU A 1506 -22.16 16.95 -10.58
C LEU A 1506 -23.17 15.82 -10.48
N ARG A 1507 -22.74 14.56 -10.69
CA ARG A 1507 -23.61 13.40 -10.56
C ARG A 1507 -24.79 13.46 -11.52
N VAL A 1508 -24.54 13.93 -12.73
CA VAL A 1508 -25.54 13.98 -13.80
C VAL A 1508 -25.35 12.74 -14.65
N LEU A 1509 -26.26 11.78 -14.51
CA LEU A 1509 -26.06 10.44 -15.07
C LEU A 1509 -26.95 10.10 -16.26
N GLN A 1510 -28.11 10.74 -16.39
CA GLN A 1510 -29.05 10.45 -17.46
C GLN A 1510 -29.48 11.75 -18.12
N ALA A 1511 -29.80 11.67 -19.41
CA ALA A 1511 -30.31 12.82 -20.12
C ALA A 1511 -31.27 12.36 -21.22
N GLU A 1512 -32.23 13.21 -21.55
CA GLU A 1512 -33.22 12.95 -22.58
C GLU A 1512 -33.36 14.17 -23.46
N LEU A 1513 -33.21 13.97 -24.77
CA LEU A 1513 -33.39 15.04 -25.74
C LEU A 1513 -34.49 14.64 -26.72
N LYS A 1514 -35.49 15.51 -26.85
CA LYS A 1514 -36.60 15.30 -27.77
C LYS A 1514 -36.44 16.26 -28.94
N ILE A 1515 -36.37 15.72 -30.15
CA ILE A 1515 -36.22 16.52 -31.37
C ILE A 1515 -37.28 16.11 -32.37
N ASN A 1516 -37.92 17.10 -32.98
CA ASN A 1516 -38.93 16.88 -34.00
C ASN A 1516 -38.25 16.82 -35.36
N ILE A 1517 -38.32 15.68 -36.03
CA ILE A 1517 -37.65 15.44 -37.30
C ILE A 1517 -38.65 15.60 -38.42
N ARG A 1518 -38.29 16.40 -39.44
CA ARG A 1518 -39.09 16.58 -40.65
C ARG A 1518 -40.52 16.99 -40.37
N ALA A 1525 -44.23 16.73 -38.26
CA ALA A 1525 -42.92 16.27 -37.83
C ALA A 1525 -43.06 15.11 -36.86
N ILE A 1526 -42.13 14.16 -36.92
CA ILE A 1526 -42.14 12.95 -36.11
C ILE A 1526 -41.12 13.13 -34.99
N PRO A 1527 -41.50 13.05 -33.71
CA PRO A 1527 -40.49 13.21 -32.66
C PRO A 1527 -39.64 11.97 -32.44
N ILE A 1528 -38.36 12.21 -32.19
CA ILE A 1528 -37.40 11.21 -31.75
C ILE A 1528 -36.93 11.58 -30.35
N ARG A 1529 -36.56 10.56 -29.61
CA ARG A 1529 -36.04 10.68 -28.26
C ARG A 1529 -34.64 10.08 -28.22
N LEU A 1530 -33.69 10.88 -27.78
CA LEU A 1530 -32.33 10.44 -27.53
C LEU A 1530 -32.19 10.23 -26.03
N PHE A 1531 -31.90 9.00 -25.64
CA PHE A 1531 -31.68 8.62 -24.25
C PHE A 1531 -30.18 8.46 -24.06
N LEU A 1532 -29.59 9.32 -23.25
CA LEU A 1532 -28.16 9.34 -23.01
C LEU A 1532 -27.87 8.90 -21.60
N THR A 1533 -26.91 7.98 -21.46
CA THR A 1533 -26.31 7.61 -20.19
C THR A 1533 -24.87 8.10 -20.22
N ASN A 1534 -24.53 8.96 -19.24
CA ASN A 1534 -23.25 9.67 -19.21
C ASN A 1534 -22.61 9.42 -17.84
N GLU A 1535 -21.84 8.35 -17.77
CA GLU A 1535 -21.03 7.98 -16.62
C GLU A 1535 -19.66 8.64 -16.78
N SER A 1536 -18.61 8.10 -16.15
CA SER A 1536 -17.32 8.77 -16.06
C SER A 1536 -16.83 9.19 -17.45
N GLY A 1537 -16.26 10.38 -17.52
CA GLY A 1537 -16.16 11.12 -18.77
C GLY A 1537 -15.16 10.56 -19.75
N TYR A 1538 -15.44 9.37 -20.25
CA TYR A 1538 -14.66 8.79 -21.34
C TYR A 1538 -15.57 8.22 -22.44
N TYR A 1539 -16.81 7.87 -22.09
CA TYR A 1539 -17.72 7.20 -23.00
C TYR A 1539 -19.14 7.63 -22.69
N LEU A 1540 -19.92 7.85 -23.75
CA LEU A 1540 -21.30 8.30 -23.65
C LEU A 1540 -22.17 7.31 -24.41
N ASP A 1541 -23.18 6.77 -23.74
CA ASP A 1541 -24.03 5.73 -24.33
C ASP A 1541 -25.32 6.38 -24.81
N ILE A 1542 -25.47 6.47 -26.12
CA ILE A 1542 -26.60 7.15 -26.76
C ILE A 1542 -27.49 6.08 -27.37
N SER A 1543 -28.75 6.07 -26.99
CA SER A 1543 -29.77 5.21 -27.58
C SER A 1543 -30.81 6.09 -28.27
N LEU A 1544 -31.18 5.68 -29.49
CA LEU A 1544 -32.08 6.45 -30.33
C LEU A 1544 -33.42 5.73 -30.42
N TYR A 1545 -34.50 6.47 -30.23
CA TYR A 1545 -35.84 5.93 -30.37
C TYR A 1545 -36.71 6.94 -31.09
N LYS A 1546 -37.75 6.44 -31.76
CA LYS A 1546 -38.78 7.27 -32.34
C LYS A 1546 -40.09 7.05 -31.58
N GLU A 1547 -40.92 8.09 -31.54
CA GLU A 1547 -42.25 7.97 -30.94
C GLU A 1547 -43.21 7.43 -31.98
N VAL A 1548 -43.84 6.31 -31.65
CA VAL A 1548 -44.78 5.62 -32.52
C VAL A 1548 -46.18 5.94 -32.01
N THR A 1549 -46.93 6.68 -32.82
CA THR A 1549 -48.32 7.05 -32.55
C THR A 1549 -49.31 6.16 -33.28
N ASP A 1550 -48.83 5.16 -34.04
CA ASP A 1550 -49.72 4.30 -34.83
C ASP A 1550 -50.28 3.23 -33.90
N SER A 1551 -51.24 3.65 -33.07
CA SER A 1551 -51.98 2.77 -32.18
C SER A 1551 -53.46 3.12 -32.30
N ARG A 1552 -54.29 2.28 -31.69
CA ARG A 1552 -55.74 2.51 -31.67
C ARG A 1552 -56.17 3.41 -30.51
N THR A 1553 -55.22 3.87 -29.68
CA THR A 1553 -55.53 4.69 -28.52
C THR A 1553 -54.70 5.96 -28.55
N ALA A 1554 -54.77 6.75 -27.48
CA ALA A 1554 -53.87 7.89 -27.30
C ALA A 1554 -52.50 7.48 -26.78
N GLN A 1555 -52.22 6.19 -26.63
CA GLN A 1555 -50.95 5.73 -26.11
C GLN A 1555 -49.88 5.78 -27.20
N ILE A 1556 -48.71 6.27 -26.82
CA ILE A 1556 -47.54 6.35 -27.70
C ILE A 1556 -46.54 5.32 -27.21
N MET A 1557 -45.79 4.74 -28.13
CA MET A 1557 -44.80 3.71 -27.79
C MET A 1557 -43.43 4.10 -28.35
N PHE A 1558 -42.38 3.78 -27.60
CA PHE A 1558 -41.04 3.94 -28.11
C PHE A 1558 -40.70 2.79 -29.04
N GLN A 1559 -40.05 3.10 -30.17
CA GLN A 1559 -39.53 2.08 -31.07
C GLN A 1559 -38.10 2.44 -31.45
N ALA A 1560 -37.19 1.48 -31.30
CA ALA A 1560 -35.79 1.70 -31.60
C ALA A 1560 -35.54 1.57 -33.09
N TYR A 1561 -34.29 1.78 -33.49
CA TYR A 1561 -33.86 1.68 -34.88
C TYR A 1561 -33.13 0.37 -35.17
N GLY A 1562 -33.51 -0.70 -34.51
CA GLY A 1562 -32.90 -2.00 -34.75
C GLY A 1562 -31.56 -2.23 -34.05
N ASP A 1563 -30.62 -1.31 -34.22
CA ASP A 1563 -29.30 -1.43 -33.61
C ASP A 1563 -29.40 -1.07 -32.13
N LYS A 1564 -29.17 -2.06 -31.26
CA LYS A 1564 -29.17 -1.84 -29.81
C LYS A 1564 -30.52 -1.32 -29.32
N GLN A 1565 -31.55 -2.16 -29.41
CA GLN A 1565 -32.90 -1.78 -28.98
C GLN A 1565 -32.91 -1.20 -27.57
N GLY A 1566 -32.16 -1.80 -26.65
CA GLY A 1566 -32.03 -1.25 -25.32
C GLY A 1566 -33.26 -1.36 -24.45
N PRO A 1567 -33.18 -0.85 -23.21
CA PRO A 1567 -34.27 -1.08 -22.24
C PRO A 1567 -35.58 -0.38 -22.59
N LEU A 1568 -35.53 0.72 -23.33
CA LEU A 1568 -36.73 1.51 -23.60
C LEU A 1568 -37.52 0.96 -24.78
N HIS A 1569 -37.05 -0.10 -25.43
CA HIS A 1569 -37.79 -0.68 -26.54
C HIS A 1569 -39.07 -1.33 -26.02
N GLY A 1570 -40.22 -0.79 -26.40
CA GLY A 1570 -41.49 -1.19 -25.85
C GLY A 1570 -41.92 -0.46 -24.60
N MET A 1571 -41.15 0.52 -24.13
CA MET A 1571 -41.54 1.34 -22.98
C MET A 1571 -42.51 2.43 -23.43
N LEU A 1572 -43.48 2.74 -22.58
CA LEU A 1572 -44.69 3.39 -23.07
C LEU A 1572 -44.47 4.79 -23.67
N ILE A 1573 -44.55 5.84 -22.86
CA ILE A 1573 -43.99 7.14 -23.24
C ILE A 1573 -43.50 7.93 -22.04
N ASN A 1574 -44.06 7.66 -20.86
CA ASN A 1574 -44.01 8.57 -19.74
C ASN A 1574 -44.15 7.74 -18.47
N THR A 1575 -43.03 7.50 -17.80
CA THR A 1575 -42.99 6.65 -16.61
C THR A 1575 -42.35 7.42 -15.47
N PRO A 1576 -42.79 7.24 -14.24
CA PRO A 1576 -42.10 7.86 -13.12
C PRO A 1576 -40.80 7.13 -12.83
N TYR A 1577 -39.98 7.73 -11.97
CA TYR A 1577 -38.80 7.07 -11.46
C TYR A 1577 -38.92 6.96 -9.96
N VAL A 1578 -38.07 6.15 -9.34
CA VAL A 1578 -37.59 6.28 -7.97
C VAL A 1578 -36.69 5.08 -7.80
N THR A 1579 -35.74 5.10 -6.87
CA THR A 1579 -34.99 3.89 -6.49
C THR A 1579 -34.78 3.85 -4.97
N LYS A 1580 -33.84 3.02 -4.48
CA LYS A 1580 -33.55 2.88 -3.04
C LYS A 1580 -32.22 3.54 -2.68
N ASP A 1581 -31.35 3.68 -3.66
CA ASP A 1581 -30.27 4.66 -3.87
C ASP A 1581 -29.08 4.29 -2.98
N LEU A 1582 -29.27 3.77 -1.77
CA LEU A 1582 -28.34 2.88 -1.10
C LEU A 1582 -29.09 1.98 -0.11
N LEU A 1583 -28.33 1.13 0.58
CA LEU A 1583 -28.63 0.46 1.87
C LEU A 1583 -29.71 -0.61 1.82
N GLN A 1584 -30.58 -0.58 0.81
CA GLN A 1584 -31.46 -1.70 0.53
C GLN A 1584 -31.29 -2.09 -0.93
N SER A 1585 -30.07 -1.90 -1.43
CA SER A 1585 -29.71 -2.36 -2.76
C SER A 1585 -28.34 -3.03 -2.74
N LYS A 1586 -27.48 -2.55 -1.83
CA LYS A 1586 -26.18 -3.13 -1.54
C LYS A 1586 -26.31 -4.34 -0.62
N ARG A 1587 -27.27 -4.32 0.31
CA ARG A 1587 -27.55 -5.50 1.12
C ARG A 1587 -27.87 -6.70 0.24
N PHE A 1588 -28.70 -6.50 -0.78
CA PHE A 1588 -29.05 -7.59 -1.68
C PHE A 1588 -27.84 -8.05 -2.47
N GLN A 1589 -27.06 -7.09 -2.98
CA GLN A 1589 -25.88 -7.44 -3.77
C GLN A 1589 -24.90 -8.25 -2.93
N ALA A 1590 -24.75 -7.91 -1.65
CA ALA A 1590 -23.86 -8.67 -0.78
C ALA A 1590 -24.41 -10.05 -0.48
N GLN A 1591 -25.71 -10.14 -0.15
CA GLN A 1591 -26.32 -11.44 0.13
C GLN A 1591 -26.23 -12.36 -1.09
N SER A 1592 -26.25 -11.79 -2.29
CA SER A 1592 -26.12 -12.61 -3.49
C SER A 1592 -24.75 -13.27 -3.61
N LEU A 1593 -23.73 -12.74 -2.93
CA LEU A 1593 -22.39 -13.29 -2.98
C LEU A 1593 -22.03 -14.14 -1.78
N GLY A 1594 -22.95 -14.33 -0.84
CA GLY A 1594 -22.69 -15.17 0.31
C GLY A 1594 -22.03 -14.45 1.46
N THR A 1595 -22.20 -13.15 1.58
CA THR A 1595 -21.61 -12.37 2.65
C THR A 1595 -22.56 -11.23 3.00
N THR A 1596 -22.34 -10.65 4.17
CA THR A 1596 -23.18 -9.58 4.67
C THR A 1596 -22.70 -8.24 4.15
N TYR A 1597 -23.57 -7.25 4.23
CA TYR A 1597 -23.18 -5.90 3.90
C TYR A 1597 -22.29 -5.36 5.00
N ILE A 1598 -21.28 -4.58 4.60
CA ILE A 1598 -20.20 -4.20 5.51
C ILE A 1598 -20.71 -3.47 6.74
N TYR A 1599 -21.71 -2.60 6.59
CA TYR A 1599 -22.22 -1.82 7.71
C TYR A 1599 -23.16 -2.63 8.60
N ASP A 1600 -23.30 -3.92 8.34
CA ASP A 1600 -23.88 -4.86 9.29
C ASP A 1600 -22.87 -5.40 10.28
N ILE A 1601 -21.58 -5.10 10.11
CA ILE A 1601 -20.55 -5.68 10.98
C ILE A 1601 -20.73 -5.27 12.44
N PRO A 1602 -20.94 -3.99 12.77
CA PRO A 1602 -21.12 -3.63 14.19
C PRO A 1602 -22.27 -4.33 14.87
N GLU A 1603 -23.42 -4.49 14.22
CA GLU A 1603 -24.57 -5.03 14.92
C GLU A 1603 -24.32 -6.48 15.33
N MET A 1604 -23.85 -7.31 14.39
CA MET A 1604 -23.42 -8.65 14.74
C MET A 1604 -22.39 -8.64 15.85
N PHE A 1605 -21.46 -7.70 15.82
CA PHE A 1605 -20.48 -7.57 16.89
C PHE A 1605 -21.19 -7.43 18.23
N ARG A 1606 -22.13 -6.48 18.34
CA ARG A 1606 -22.90 -6.33 19.56
C ARG A 1606 -23.59 -7.64 19.90
N GLN A 1607 -24.27 -8.23 18.92
CA GLN A 1607 -25.01 -9.45 19.22
C GLN A 1607 -24.08 -10.57 19.63
N SER A 1608 -22.89 -10.61 19.03
CA SER A 1608 -21.99 -11.69 19.41
C SER A 1608 -21.52 -11.52 20.84
N LEU A 1609 -21.31 -10.27 21.27
CA LEU A 1609 -20.89 -10.04 22.64
C LEU A 1609 -21.96 -10.53 23.59
N ILE A 1610 -23.23 -10.35 23.23
CA ILE A 1610 -24.30 -10.82 24.08
C ILE A 1610 -24.18 -12.32 24.29
N LYS A 1611 -23.98 -13.06 23.21
CA LYS A 1611 -23.75 -14.49 23.36
C LYS A 1611 -22.49 -14.77 24.15
N LEU A 1612 -21.44 -13.99 23.95
CA LEU A 1612 -20.24 -14.13 24.76
C LEU A 1612 -20.55 -13.97 26.24
N TRP A 1613 -21.35 -12.97 26.60
CA TRP A 1613 -21.66 -12.76 28.01
C TRP A 1613 -22.47 -13.92 28.55
N GLU A 1614 -23.23 -14.61 27.68
CA GLU A 1614 -23.89 -15.82 28.11
C GLU A 1614 -22.91 -16.98 28.20
N SER A 1615 -22.05 -17.13 27.19
CA SER A 1615 -21.26 -18.35 27.07
C SER A 1615 -20.27 -18.51 28.22
N MET A 1616 -19.57 -17.44 28.56
CA MET A 1616 -18.66 -17.45 29.69
C MET A 1616 -19.37 -17.36 31.04
N SER A 1617 -20.69 -17.27 31.08
CA SER A 1617 -21.40 -17.28 32.36
C SER A 1617 -21.39 -18.65 33.03
N THR A 1618 -21.10 -19.71 32.29
CA THR A 1618 -20.97 -21.05 32.84
C THR A 1618 -19.54 -21.42 33.19
N GLN A 1619 -18.58 -20.53 32.96
CA GLN A 1619 -17.20 -20.74 33.38
C GLN A 1619 -16.83 -19.95 34.63
N ALA A 1620 -17.55 -18.87 34.92
CA ALA A 1620 -17.06 -17.86 35.86
C ALA A 1620 -18.23 -17.21 36.58
N PHE A 1621 -17.92 -16.69 37.77
CA PHE A 1621 -18.85 -15.88 38.55
C PHE A 1621 -18.77 -14.45 38.06
N LEU A 1622 -19.42 -14.20 36.93
CA LEU A 1622 -19.31 -12.91 36.28
C LEU A 1622 -20.16 -11.86 37.00
N PRO A 1623 -19.82 -10.58 36.87
CA PRO A 1623 -20.73 -9.54 37.36
C PRO A 1623 -21.96 -9.47 36.48
N SER A 1624 -22.94 -8.70 36.94
CA SER A 1624 -24.16 -8.49 36.16
C SER A 1624 -23.79 -7.91 34.79
N PRO A 1625 -24.35 -8.42 33.69
CA PRO A 1625 -23.94 -7.90 32.39
C PRO A 1625 -24.53 -6.51 32.16
N PRO A 1626 -23.84 -5.67 31.40
CA PRO A 1626 -24.42 -4.37 31.07
C PRO A 1626 -25.52 -4.49 30.02
N LEU A 1627 -26.31 -3.43 29.91
CA LEU A 1627 -27.37 -3.40 28.92
C LEU A 1627 -26.77 -3.42 27.51
N PRO A 1628 -27.44 -4.03 26.52
CA PRO A 1628 -26.89 -4.05 25.15
C PRO A 1628 -26.59 -2.68 24.57
N SER A 1629 -27.34 -1.66 24.97
CA SER A 1629 -27.03 -0.30 24.55
C SER A 1629 -25.71 0.20 25.11
N ASP A 1630 -25.34 -0.25 26.31
CA ASP A 1630 -24.08 0.12 26.96
C ASP A 1630 -22.96 -0.86 26.71
N MET A 1631 -23.24 -1.97 26.02
CA MET A 1631 -22.25 -3.00 25.79
C MET A 1631 -21.27 -2.65 24.67
N LEU A 1632 -21.68 -1.79 23.73
CA LEU A 1632 -20.88 -1.44 22.57
C LEU A 1632 -21.06 0.03 22.25
N THR A 1633 -19.96 0.69 21.90
CA THR A 1633 -20.00 2.04 21.36
C THR A 1633 -18.85 2.16 20.38
N TYR A 1634 -19.10 2.77 19.23
CA TYR A 1634 -18.08 2.82 18.20
C TYR A 1634 -18.12 4.15 17.47
N THR A 1635 -16.99 4.46 16.84
CA THR A 1635 -16.85 5.64 16.03
C THR A 1635 -16.21 5.26 14.71
N GLU A 1636 -16.78 5.75 13.61
CA GLU A 1636 -16.28 5.40 12.30
C GLU A 1636 -15.02 6.20 12.02
N LEU A 1637 -14.04 5.55 11.43
CA LEU A 1637 -12.77 6.18 11.11
C LEU A 1637 -12.77 6.47 9.61
N VAL A 1638 -12.66 7.76 9.26
CA VAL A 1638 -12.75 8.19 7.88
C VAL A 1638 -11.49 8.94 7.54
N LEU A 1639 -11.20 9.03 6.25
CA LEU A 1639 -10.06 9.79 5.79
C LEU A 1639 -10.48 11.22 5.51
N ASP A 1640 -9.65 12.16 5.95
CA ASP A 1640 -9.81 13.55 5.59
C ASP A 1640 -9.07 13.79 4.28
N ASP A 1641 -8.98 15.04 3.86
CA ASP A 1641 -8.38 15.37 2.58
C ASP A 1641 -6.87 15.21 2.56
N GLN A 1642 -6.24 15.02 3.72
CA GLN A 1642 -4.79 14.88 3.82
C GLN A 1642 -4.33 13.44 3.96
N GLY A 1643 -5.23 12.53 4.34
CA GLY A 1643 -4.89 11.15 4.56
C GLY A 1643 -4.85 10.73 6.02
N GLN A 1644 -5.36 11.55 6.92
CA GLN A 1644 -5.39 11.26 8.34
C GLN A 1644 -6.79 10.83 8.75
N LEU A 1645 -6.86 10.15 9.89
CA LEU A 1645 -8.13 9.63 10.37
C LEU A 1645 -8.91 10.69 11.11
N VAL A 1646 -10.21 10.68 10.89
CA VAL A 1646 -11.17 11.50 11.60
C VAL A 1646 -12.18 10.56 12.25
N HIS A 1647 -12.41 10.76 13.53
CA HIS A 1647 -13.35 9.96 14.31
C HIS A 1647 -14.72 10.57 14.14
N MET A 1648 -15.46 10.04 13.18
CA MET A 1648 -16.71 10.63 12.70
C MET A 1648 -17.89 9.78 13.16
N ASN A 1649 -18.97 10.48 13.47
CA ASN A 1649 -20.28 9.89 13.69
C ASN A 1649 -21.15 10.28 12.50
N ARG A 1650 -21.49 9.30 11.66
CA ARG A 1650 -22.30 9.56 10.49
C ARG A 1650 -23.17 8.35 10.23
N LEU A 1651 -24.20 8.54 9.42
CA LEU A 1651 -25.12 7.46 9.12
C LEU A 1651 -24.44 6.41 8.25
N PRO A 1652 -24.92 5.17 8.28
CA PRO A 1652 -24.31 4.14 7.44
C PRO A 1652 -24.55 4.39 5.95
N GLY A 1653 -23.70 3.78 5.15
CA GLY A 1653 -23.81 3.84 3.70
C GLY A 1653 -23.07 4.99 3.04
N GLY A 1654 -22.45 5.86 3.80
CA GLY A 1654 -21.86 7.06 3.24
C GLY A 1654 -20.44 6.90 2.75
N ASN A 1655 -19.93 5.67 2.67
CA ASN A 1655 -18.57 5.46 2.22
C ASN A 1655 -18.44 5.80 0.75
N GLU A 1656 -17.43 6.58 0.41
CA GLU A 1656 -17.07 6.88 -0.96
C GLU A 1656 -15.99 5.96 -1.50
N ILE A 1657 -15.45 5.06 -0.67
CA ILE A 1657 -14.47 4.08 -1.07
C ILE A 1657 -14.96 2.70 -0.64
N GLY A 1658 -14.22 1.67 -1.06
CA GLY A 1658 -14.56 0.29 -0.78
C GLY A 1658 -14.08 -0.26 0.54
N MET A 1659 -13.56 0.58 1.42
CA MET A 1659 -13.06 0.17 2.73
C MET A 1659 -13.75 1.00 3.81
N VAL A 1660 -14.10 0.34 4.91
CA VAL A 1660 -14.68 1.01 6.07
C VAL A 1660 -13.99 0.51 7.33
N ALA A 1661 -13.84 1.42 8.30
CA ALA A 1661 -13.16 1.11 9.55
C ALA A 1661 -13.93 1.72 10.71
N TRP A 1662 -13.88 1.03 11.83
CA TRP A 1662 -14.46 1.49 13.08
C TRP A 1662 -13.46 1.28 14.20
N LYS A 1663 -13.58 2.11 15.21
CA LYS A 1663 -13.00 1.86 16.50
C LYS A 1663 -14.14 1.55 17.45
N MET A 1664 -14.12 0.35 18.02
CA MET A 1664 -15.14 -0.11 18.94
C MET A 1664 -14.58 -0.15 20.34
N THR A 1665 -15.38 0.29 21.30
CA THR A 1665 -15.16 0.07 22.72
C THR A 1665 -16.32 -0.78 23.21
N PHE A 1666 -16.00 -1.88 23.89
CA PHE A 1666 -17.03 -2.80 24.32
C PHE A 1666 -16.67 -3.38 25.68
N LYS A 1667 -17.68 -3.92 26.33
CA LYS A 1667 -17.54 -4.57 27.62
C LYS A 1667 -17.61 -6.08 27.44
N SER A 1668 -16.63 -6.78 27.97
CA SER A 1668 -16.50 -8.21 27.86
C SER A 1668 -16.50 -8.81 29.24
N PRO A 1669 -16.78 -10.11 29.38
CA PRO A 1669 -16.73 -10.72 30.72
C PRO A 1669 -15.40 -10.61 31.40
N GLU A 1670 -14.31 -10.62 30.63
CA GLU A 1670 -12.98 -10.59 31.20
C GLU A 1670 -12.54 -9.19 31.60
N TYR A 1671 -13.04 -8.15 30.91
CA TYR A 1671 -12.72 -6.76 31.20
C TYR A 1671 -14.02 -5.97 31.33
N PRO A 1672 -14.68 -6.02 32.50
CA PRO A 1672 -16.04 -5.46 32.63
C PRO A 1672 -16.18 -3.97 32.32
N GLU A 1673 -15.09 -3.21 32.38
CA GLU A 1673 -15.10 -1.79 32.06
C GLU A 1673 -13.95 -1.53 31.10
N GLY A 1674 -14.28 -1.47 29.81
CA GLY A 1674 -13.34 -1.04 28.81
C GLY A 1674 -12.66 -2.16 28.04
N ARG A 1675 -12.82 -2.10 26.73
CA ARG A 1675 -12.06 -2.95 25.84
C ARG A 1675 -12.15 -2.38 24.43
N ASP A 1676 -11.01 -2.00 23.84
CA ASP A 1676 -10.98 -1.30 22.56
C ASP A 1676 -10.42 -2.20 21.47
N ILE A 1677 -11.00 -2.12 20.28
CA ILE A 1677 -10.44 -2.74 19.09
C ILE A 1677 -10.66 -1.84 17.88
N ILE A 1678 -9.94 -2.16 16.81
CA ILE A 1678 -10.14 -1.60 15.48
C ILE A 1678 -10.64 -2.71 14.57
N VAL A 1679 -11.71 -2.44 13.83
CA VAL A 1679 -12.24 -3.37 12.83
C VAL A 1679 -12.22 -2.71 11.47
N ILE A 1680 -11.64 -3.41 10.49
CA ILE A 1680 -11.47 -2.96 9.13
C ILE A 1680 -12.19 -3.95 8.22
N GLY A 1681 -12.89 -3.45 7.21
CA GLY A 1681 -13.62 -4.31 6.31
C GLY A 1681 -13.67 -3.79 4.89
N ASN A 1682 -13.59 -4.73 3.95
CA ASN A 1682 -13.80 -4.46 2.53
C ASN A 1682 -15.29 -4.37 2.22
N ASP A 1683 -15.62 -3.50 1.27
CA ASP A 1683 -16.98 -3.38 0.74
C ASP A 1683 -17.03 -4.10 -0.60
N ILE A 1684 -17.68 -5.27 -0.62
CA ILE A 1684 -17.78 -6.10 -1.81
C ILE A 1684 -18.64 -5.44 -2.88
N THR A 1685 -19.50 -4.50 -2.51
CA THR A 1685 -20.46 -3.91 -3.43
C THR A 1685 -19.93 -2.67 -4.14
N TYR A 1686 -18.79 -2.14 -3.73
CA TYR A 1686 -18.19 -0.96 -4.35
C TYR A 1686 -17.11 -1.40 -5.31
N ARG A 1687 -17.44 -1.51 -6.60
CA ARG A 1687 -16.44 -1.77 -7.63
C ARG A 1687 -15.69 -3.04 -7.26
N ILE A 1688 -16.35 -4.16 -7.53
CA ILE A 1688 -16.47 -5.32 -6.63
C ILE A 1688 -15.20 -5.56 -5.85
N GLY A 1689 -15.27 -5.57 -4.53
CA GLY A 1689 -14.07 -5.91 -3.79
C GLY A 1689 -12.89 -4.97 -3.94
N SER A 1690 -12.24 -5.06 -5.10
CA SER A 1690 -10.90 -4.60 -5.45
C SER A 1690 -10.25 -3.47 -4.67
N PHE A 1691 -8.96 -3.63 -4.37
CA PHE A 1691 -8.19 -2.68 -3.57
C PHE A 1691 -7.72 -1.56 -4.49
N GLY A 1692 -7.99 -0.34 -4.09
CA GLY A 1692 -7.44 0.83 -4.69
C GLY A 1692 -6.52 1.57 -3.74
N PRO A 1693 -5.99 2.70 -4.19
CA PRO A 1693 -5.07 3.46 -3.34
C PRO A 1693 -5.69 3.97 -2.04
N GLN A 1694 -6.94 4.43 -2.08
CA GLN A 1694 -7.59 4.95 -0.89
C GLN A 1694 -7.96 3.84 0.09
N GLU A 1695 -8.36 2.68 -0.42
CA GLU A 1695 -8.62 1.54 0.44
C GLU A 1695 -7.36 1.10 1.18
N ASP A 1696 -6.25 1.03 0.46
CA ASP A 1696 -4.97 0.68 1.07
C ASP A 1696 -4.57 1.73 2.10
N LEU A 1697 -4.81 3.00 1.81
CA LEU A 1697 -4.49 4.06 2.75
C LEU A 1697 -5.28 3.92 4.05
N LEU A 1698 -6.58 3.66 3.94
CA LEU A 1698 -7.38 3.54 5.17
C LEU A 1698 -6.96 2.32 5.96
N PHE A 1699 -6.69 1.20 5.28
CA PHE A 1699 -6.16 0.02 5.96
C PHE A 1699 -4.89 0.35 6.74
N LEU A 1700 -3.98 1.06 6.09
CA LEU A 1700 -2.71 1.44 6.70
C LEU A 1700 -2.92 2.32 7.93
N ARG A 1701 -3.71 3.39 7.79
CA ARG A 1701 -3.90 4.32 8.89
C ARG A 1701 -4.60 3.66 10.07
N ALA A 1702 -5.60 2.82 9.80
CA ALA A 1702 -6.29 2.11 10.87
C ALA A 1702 -5.34 1.17 11.61
N SER A 1703 -4.48 0.45 10.88
CA SER A 1703 -3.54 -0.43 11.54
C SER A 1703 -2.51 0.36 12.35
N GLU A 1704 -2.10 1.51 11.83
CA GLU A 1704 -1.20 2.39 12.57
C GLU A 1704 -1.82 2.83 13.88
N LEU A 1705 -3.11 3.18 13.85
CA LEU A 1705 -3.80 3.56 15.07
C LEU A 1705 -3.85 2.41 16.07
N ALA A 1706 -4.23 1.22 15.61
CA ALA A 1706 -4.26 0.06 16.50
C ALA A 1706 -2.88 -0.21 17.11
N ARG A 1707 -1.82 -0.07 16.32
CA ARG A 1707 -0.48 -0.30 16.86
C ARG A 1707 -0.10 0.78 17.87
N ALA A 1708 -0.48 2.03 17.60
CA ALA A 1708 -0.15 3.11 18.51
C ALA A 1708 -0.85 2.93 19.85
N GLU A 1709 -2.11 2.56 19.83
CA GLU A 1709 -2.84 2.29 21.07
C GLU A 1709 -2.53 0.91 21.65
N GLY A 1710 -1.98 0.00 20.84
CA GLY A 1710 -1.63 -1.31 21.32
C GLY A 1710 -2.78 -2.28 21.40
N ILE A 1711 -3.80 -2.11 20.58
CA ILE A 1711 -5.04 -2.86 20.69
C ILE A 1711 -5.18 -3.74 19.45
N PRO A 1712 -6.06 -4.73 19.49
CA PRO A 1712 -6.16 -5.68 18.38
C PRO A 1712 -6.65 -5.06 17.09
N ARG A 1713 -6.24 -5.69 15.98
CA ARG A 1713 -6.73 -5.40 14.65
C ARG A 1713 -7.46 -6.61 14.10
N ILE A 1714 -8.72 -6.40 13.71
CA ILE A 1714 -9.57 -7.39 13.06
C ILE A 1714 -9.81 -6.93 11.64
N TYR A 1715 -9.57 -7.82 10.68
CA TYR A 1715 -9.76 -7.54 9.26
C TYR A 1715 -10.77 -8.52 8.68
N VAL A 1716 -11.81 -7.97 8.05
CA VAL A 1716 -12.87 -8.76 7.42
C VAL A 1716 -12.68 -8.66 5.92
N SER A 1717 -12.28 -9.76 5.30
CA SER A 1717 -11.82 -9.78 3.92
C SER A 1717 -12.95 -10.21 3.00
N ALA A 1718 -13.28 -9.35 2.06
CA ALA A 1718 -14.16 -9.70 0.95
C ALA A 1718 -13.76 -8.86 -0.24
N ASN A 1719 -12.91 -9.40 -1.11
CA ASN A 1719 -12.23 -8.63 -2.12
C ASN A 1719 -12.02 -9.47 -3.36
N SER A 1720 -11.66 -8.81 -4.46
CA SER A 1720 -11.30 -9.47 -5.70
C SER A 1720 -9.88 -9.10 -6.13
N GLY A 1721 -9.04 -8.69 -5.19
CA GLY A 1721 -7.65 -8.41 -5.46
C GLY A 1721 -7.40 -6.98 -5.86
N ALA A 1722 -6.21 -6.75 -6.38
CA ALA A 1722 -5.88 -5.42 -6.85
C ALA A 1722 -6.76 -5.01 -8.03
N ARG A 1723 -7.04 -3.70 -8.11
CA ARG A 1723 -7.89 -3.16 -9.16
C ARG A 1723 -7.13 -3.11 -10.48
N ILE A 1724 -7.80 -3.49 -11.56
CA ILE A 1724 -7.25 -3.44 -12.91
C ILE A 1724 -8.19 -2.65 -13.79
N GLY A 1725 -7.69 -2.24 -14.94
CA GLY A 1725 -8.49 -1.47 -15.87
C GLY A 1725 -7.64 -0.99 -17.01
N LEU A 1726 -8.32 -0.39 -17.97
CA LEU A 1726 -7.71 0.15 -19.16
C LEU A 1726 -7.97 1.65 -19.24
N ALA A 1727 -7.25 2.31 -20.14
CA ALA A 1727 -7.53 3.69 -20.47
C ALA A 1727 -8.72 3.69 -21.42
N GLU A 1728 -9.90 4.01 -20.88
CA GLU A 1728 -11.12 3.74 -21.62
C GLU A 1728 -11.27 4.64 -22.83
N GLU A 1729 -10.91 5.92 -22.72
CA GLU A 1729 -11.01 6.80 -23.86
C GLU A 1729 -10.16 6.30 -25.02
N ILE A 1730 -8.91 5.94 -24.74
CA ILE A 1730 -8.01 5.40 -25.76
C ILE A 1730 -8.62 4.12 -26.33
N ARG A 1731 -9.25 3.33 -25.47
CA ARG A 1731 -9.90 2.09 -25.90
C ARG A 1731 -10.97 2.38 -26.95
N HIS A 1732 -11.65 3.51 -26.80
CA HIS A 1732 -12.72 3.84 -27.74
C HIS A 1732 -12.23 4.52 -29.00
N MET A 1733 -11.12 5.26 -28.95
CA MET A 1733 -10.75 6.15 -30.05
C MET A 1733 -9.49 5.72 -30.80
N PHE A 1734 -9.14 4.43 -30.81
CA PHE A 1734 -7.94 3.97 -31.50
C PHE A 1734 -8.27 3.28 -32.83
N HIS A 1735 -7.29 3.31 -33.74
CA HIS A 1735 -7.40 2.73 -35.07
C HIS A 1735 -6.27 1.73 -35.31
N VAL A 1736 -6.52 0.82 -36.26
CA VAL A 1736 -5.59 -0.25 -36.60
C VAL A 1736 -5.01 0.03 -37.97
N ALA A 1737 -3.69 -0.05 -38.09
CA ALA A 1737 -3.00 0.07 -39.37
C ALA A 1737 -2.81 -1.33 -39.94
N TRP A 1738 -3.66 -1.70 -40.89
CA TRP A 1738 -3.65 -3.06 -41.41
C TRP A 1738 -2.50 -3.26 -42.38
N VAL A 1739 -2.00 -4.50 -42.43
CA VAL A 1739 -1.12 -4.89 -43.52
C VAL A 1739 -1.88 -4.84 -44.83
N ASP A 1740 -3.11 -5.37 -44.84
CA ASP A 1740 -4.00 -5.35 -45.97
C ASP A 1740 -5.39 -4.93 -45.49
N PRO A 1741 -5.82 -3.68 -45.71
CA PRO A 1741 -7.13 -3.26 -45.17
C PRO A 1741 -8.32 -4.06 -45.68
N GLU A 1742 -8.19 -4.76 -46.80
CA GLU A 1742 -9.25 -5.60 -47.33
C GLU A 1742 -9.19 -7.04 -46.82
N ASP A 1743 -8.12 -7.43 -46.14
CA ASP A 1743 -7.97 -8.79 -45.62
C ASP A 1743 -7.31 -8.67 -44.25
N PRO A 1744 -8.09 -8.70 -43.16
CA PRO A 1744 -7.47 -8.51 -41.84
C PRO A 1744 -6.57 -9.64 -41.40
N TYR A 1745 -6.55 -10.78 -42.09
CA TYR A 1745 -5.79 -11.94 -41.66
C TYR A 1745 -4.37 -11.94 -42.21
N LYS A 1746 -3.96 -10.89 -42.92
CA LYS A 1746 -2.56 -10.69 -43.28
C LYS A 1746 -1.81 -9.92 -42.21
N GLY A 1747 -2.46 -9.61 -41.09
CA GLY A 1747 -1.83 -8.95 -39.98
C GLY A 1747 -2.06 -7.45 -39.96
N TYR A 1748 -1.50 -6.84 -38.93
CA TYR A 1748 -1.52 -5.41 -38.76
C TYR A 1748 -0.15 -4.99 -38.26
N ARG A 1749 0.22 -3.75 -38.54
CA ARG A 1749 1.52 -3.24 -38.14
C ARG A 1749 1.51 -2.55 -36.80
N TYR A 1750 0.46 -1.80 -36.50
CA TYR A 1750 0.44 -1.02 -35.27
C TYR A 1750 -0.96 -0.46 -35.03
N LEU A 1751 -1.14 0.08 -33.84
CA LEU A 1751 -2.31 0.83 -33.45
C LEU A 1751 -1.95 2.30 -33.32
N TYR A 1752 -2.84 3.18 -33.78
CA TYR A 1752 -2.53 4.60 -33.79
C TYR A 1752 -3.79 5.42 -33.54
N LEU A 1753 -3.54 6.66 -33.14
CA LEU A 1753 -4.55 7.70 -33.04
C LEU A 1753 -4.44 8.66 -34.22
N THR A 1754 -5.56 9.30 -34.53
CA THR A 1754 -5.59 10.39 -35.49
C THR A 1754 -5.30 11.71 -34.78
N PRO A 1755 -4.89 12.75 -35.53
CA PRO A 1755 -4.63 14.03 -34.86
C PRO A 1755 -5.87 14.65 -34.23
N GLN A 1756 -7.03 14.46 -34.85
CA GLN A 1756 -8.26 15.06 -34.34
C GLN A 1756 -8.56 14.58 -32.93
N ASP A 1757 -8.28 13.32 -32.66
CA ASP A 1757 -8.52 12.70 -31.36
C ASP A 1757 -7.29 12.74 -30.46
N TYR A 1758 -6.09 12.69 -31.03
CA TYR A 1758 -4.88 12.85 -30.24
C TYR A 1758 -4.85 14.18 -29.51
N LYS A 1759 -5.18 15.27 -30.22
CA LYS A 1759 -4.92 16.60 -29.69
C LYS A 1759 -5.71 16.89 -28.40
N ARG A 1760 -6.77 16.13 -28.12
CA ARG A 1760 -7.66 16.42 -26.98
C ARG A 1760 -7.45 15.49 -25.80
N VAL A 1761 -6.51 14.54 -25.86
CA VAL A 1761 -6.23 13.62 -24.76
C VAL A 1761 -4.80 13.78 -24.24
N SER A 1762 -3.84 13.99 -25.14
CA SER A 1762 -2.43 13.93 -24.77
C SER A 1762 -2.02 15.02 -23.80
N ALA A 1763 -2.77 16.11 -23.72
CA ALA A 1763 -2.52 17.11 -22.69
C ALA A 1763 -2.75 16.55 -21.29
N LEU A 1764 -3.53 15.49 -21.15
CA LEU A 1764 -3.83 14.88 -19.86
C LEU A 1764 -2.81 13.82 -19.45
N ASN A 1765 -1.78 13.57 -20.25
CA ASN A 1765 -0.79 12.54 -19.95
C ASN A 1765 -1.45 11.16 -19.82
N SER A 1766 -2.39 10.89 -20.72
CA SER A 1766 -3.07 9.60 -20.76
C SER A 1766 -2.42 8.61 -21.70
N VAL A 1767 -1.59 9.08 -22.65
CA VAL A 1767 -1.04 8.21 -23.68
C VAL A 1767 0.25 8.82 -24.19
N HIS A 1768 1.17 7.95 -24.61
CA HIS A 1768 2.42 8.33 -25.27
C HIS A 1768 2.44 7.74 -26.67
N CYS A 1769 2.59 8.61 -27.67
CA CYS A 1769 2.55 8.23 -29.06
C CYS A 1769 3.70 8.91 -29.81
N GLU A 1770 4.06 8.31 -30.93
CA GLU A 1770 5.09 8.83 -31.82
C GLU A 1770 4.47 9.17 -33.16
N HIS A 1771 4.80 10.34 -33.69
CA HIS A 1771 4.31 10.72 -35.00
C HIS A 1771 4.96 9.87 -36.08
N VAL A 1772 4.15 9.44 -37.04
CA VAL A 1772 4.60 8.69 -38.21
C VAL A 1772 3.82 9.19 -39.42
N GLU A 1773 4.42 8.98 -40.59
CA GLU A 1773 3.80 9.27 -41.87
C GLU A 1773 3.62 7.94 -42.60
N ASP A 1774 2.38 7.62 -42.95
CA ASP A 1774 2.09 6.33 -43.56
C ASP A 1774 0.96 6.52 -44.55
N GLU A 1775 1.21 6.11 -45.80
CA GLU A 1775 0.27 6.31 -46.90
C GLU A 1775 -0.03 7.80 -47.12
N GLY A 1776 0.93 8.65 -46.79
CA GLY A 1776 0.76 10.08 -46.85
C GLY A 1776 -0.05 10.67 -45.71
N GLU A 1777 -0.51 9.86 -44.77
CA GLU A 1777 -1.31 10.31 -43.64
C GLU A 1777 -0.43 10.52 -42.43
N SER A 1778 -0.75 11.58 -41.67
CA SER A 1778 -0.14 11.87 -40.39
C SER A 1778 -0.83 11.05 -39.31
N ARG A 1779 -0.06 10.29 -38.55
CA ARG A 1779 -0.60 9.35 -37.57
C ARG A 1779 0.21 9.43 -36.29
N TYR A 1780 -0.45 9.17 -35.16
CA TYR A 1780 0.24 9.07 -33.87
C TYR A 1780 0.18 7.62 -33.42
N LYS A 1781 1.24 6.87 -33.74
CA LYS A 1781 1.28 5.47 -33.35
C LYS A 1781 1.44 5.36 -31.84
N ILE A 1782 0.61 4.54 -31.21
CA ILE A 1782 0.61 4.40 -29.76
C ILE A 1782 1.80 3.53 -29.37
N THR A 1783 2.58 3.98 -28.40
CA THR A 1783 3.71 3.23 -27.88
C THR A 1783 3.52 2.81 -26.42
N ASP A 1784 2.88 3.65 -25.62
CA ASP A 1784 2.56 3.36 -24.23
C ASP A 1784 1.24 4.01 -23.88
N ILE A 1785 0.45 3.34 -23.06
CA ILE A 1785 -0.84 3.83 -22.59
C ILE A 1785 -0.78 3.98 -21.08
N ILE A 1786 -1.16 5.16 -20.59
CA ILE A 1786 -1.06 5.51 -19.18
C ILE A 1786 -2.43 5.54 -18.52
N GLY A 1787 -3.38 6.25 -19.13
CA GLY A 1787 -4.69 6.43 -18.52
C GLY A 1787 -4.75 7.65 -17.62
N LYS A 1788 -5.77 8.49 -17.81
CA LYS A 1788 -5.98 9.63 -16.92
C LYS A 1788 -6.60 9.24 -15.59
N GLU A 1789 -7.32 8.12 -15.53
CA GLU A 1789 -7.98 7.71 -14.31
C GLU A 1789 -6.98 7.10 -13.33
N GLU A 1790 -7.01 7.58 -12.10
CA GLU A 1790 -6.15 7.07 -11.06
C GLU A 1790 -6.81 5.90 -10.37
N GLY A 1791 -5.99 4.89 -10.05
CA GLY A 1791 -6.45 3.71 -9.37
C GLY A 1791 -6.65 2.48 -10.22
N ILE A 1792 -6.08 2.42 -11.42
CA ILE A 1792 -6.13 1.22 -12.26
C ILE A 1792 -4.75 0.72 -12.65
N GLY A 1793 -3.69 1.47 -12.38
CA GLY A 1793 -2.39 1.15 -12.89
C GLY A 1793 -1.44 0.50 -11.91
N PRO A 1794 -0.14 0.58 -12.20
CA PRO A 1794 0.86 0.03 -11.27
C PRO A 1794 0.85 0.65 -9.88
N GLU A 1795 0.21 1.80 -9.69
CA GLU A 1795 0.09 2.38 -8.36
C GLU A 1795 -0.62 1.47 -7.38
N ASN A 1796 -1.42 0.51 -7.89
CA ASN A 1796 -2.09 -0.46 -7.03
C ASN A 1796 -1.17 -1.58 -6.60
N LEU A 1797 -0.07 -1.80 -7.31
CA LEU A 1797 0.97 -2.69 -6.80
C LEU A 1797 1.73 -2.04 -5.65
N ARG A 1798 2.14 -0.78 -5.85
CA ARG A 1798 2.76 0.02 -4.80
C ARG A 1798 1.91 0.03 -3.54
N GLY A 1799 0.60 0.22 -3.68
CA GLY A 1799 -0.25 0.18 -2.50
C GLY A 1799 -0.26 -1.18 -1.85
N SER A 1800 -0.38 -2.24 -2.65
CA SER A 1800 -0.57 -3.57 -2.10
C SER A 1800 0.61 -3.97 -1.20
N GLY A 1801 1.82 -3.90 -1.75
CA GLY A 1801 3.00 -4.19 -0.98
C GLY A 1801 3.09 -3.37 0.29
N MET A 1802 2.70 -2.09 0.20
CA MET A 1802 2.70 -1.24 1.39
C MET A 1802 1.90 -1.87 2.51
N ILE A 1803 0.65 -2.22 2.23
CA ILE A 1803 -0.17 -2.76 3.30
C ILE A 1803 0.30 -4.15 3.66
N ALA A 1804 0.93 -4.87 2.73
CA ALA A 1804 1.48 -6.17 3.06
C ALA A 1804 2.49 -6.03 4.19
N GLY A 1805 3.40 -5.06 4.06
CA GLY A 1805 4.35 -4.80 5.11
C GLY A 1805 3.67 -4.49 6.43
N GLU A 1806 2.59 -3.71 6.37
CA GLU A 1806 1.90 -3.34 7.59
C GLU A 1806 1.41 -4.58 8.31
N SER A 1807 0.83 -5.53 7.57
CA SER A 1807 0.35 -6.75 8.19
C SER A 1807 1.50 -7.49 8.85
N SER A 1808 2.63 -7.60 8.16
CA SER A 1808 3.81 -8.26 8.73
C SER A 1808 4.25 -7.58 10.01
N LEU A 1809 4.14 -6.26 10.07
CA LEU A 1809 4.49 -5.55 11.29
C LEU A 1809 3.42 -5.76 12.36
N ALA A 1810 2.15 -5.71 11.96
CA ALA A 1810 1.06 -5.79 12.92
C ALA A 1810 1.08 -7.11 13.66
N TYR A 1811 1.42 -8.18 12.96
CA TYR A 1811 1.53 -9.49 13.59
C TYR A 1811 2.50 -9.48 14.75
N ASN A 1812 3.59 -8.71 14.64
CA ASN A 1812 4.66 -8.73 15.61
C ASN A 1812 4.54 -7.68 16.70
N GLU A 1813 3.49 -6.86 16.68
CA GLU A 1813 3.30 -5.81 17.66
C GLU A 1813 1.98 -5.93 18.40
N ILE A 1814 0.92 -6.39 17.73
CA ILE A 1814 -0.41 -6.47 18.31
C ILE A 1814 -1.02 -7.81 17.90
N ILE A 1815 -2.20 -8.08 18.44
CA ILE A 1815 -2.98 -9.23 18.02
C ILE A 1815 -3.66 -8.91 16.71
N THR A 1816 -3.50 -9.79 15.72
CA THR A 1816 -4.08 -9.65 14.39
C THR A 1816 -4.96 -10.84 14.10
N ILE A 1817 -6.19 -10.58 13.68
CA ILE A 1817 -7.16 -11.62 13.34
C ILE A 1817 -7.81 -11.27 12.02
N SER A 1818 -7.99 -12.28 11.17
CA SER A 1818 -8.54 -12.10 9.83
C SER A 1818 -9.67 -13.09 9.60
N LEU A 1819 -10.75 -12.60 8.98
CA LEU A 1819 -11.96 -13.35 8.74
C LEU A 1819 -12.30 -13.31 7.26
N VAL A 1820 -12.40 -14.47 6.65
CA VAL A 1820 -12.66 -14.61 5.22
C VAL A 1820 -14.13 -14.97 5.07
N THR A 1821 -14.91 -14.06 4.48
CA THR A 1821 -16.35 -14.21 4.43
C THR A 1821 -16.89 -14.60 3.06
N CYS A 1822 -16.31 -14.07 1.99
CA CYS A 1822 -16.76 -14.35 0.63
C CYS A 1822 -15.64 -14.98 -0.19
N ARG A 1823 -14.50 -14.29 -0.23
CA ARG A 1823 -13.45 -14.63 -1.18
C ARG A 1823 -12.31 -13.67 -0.92
N ALA A 1824 -11.10 -14.11 -1.23
CA ALA A 1824 -9.93 -13.27 -1.15
C ALA A 1824 -8.98 -13.72 -2.24
N ILE A 1825 -8.48 -12.77 -3.01
CA ILE A 1825 -7.70 -13.05 -4.20
C ILE A 1825 -6.41 -12.25 -4.14
N GLY A 1826 -5.30 -12.91 -4.42
CA GLY A 1826 -4.02 -12.23 -4.49
C GLY A 1826 -3.62 -11.63 -3.17
N ILE A 1827 -3.48 -10.30 -3.18
CA ILE A 1827 -3.10 -9.57 -1.98
C ILE A 1827 -4.07 -9.83 -0.85
N GLY A 1828 -5.37 -9.90 -1.17
CA GLY A 1828 -6.37 -10.15 -0.14
C GLY A 1828 -6.17 -11.49 0.54
N ALA A 1829 -5.58 -12.44 -0.18
CA ALA A 1829 -5.19 -13.69 0.46
C ALA A 1829 -3.92 -13.52 1.29
N TYR A 1830 -2.92 -12.83 0.76
CA TYR A 1830 -1.66 -12.68 1.47
C TYR A 1830 -1.82 -11.91 2.76
N LEU A 1831 -2.59 -10.83 2.73
CA LEU A 1831 -2.94 -10.12 3.95
C LEU A 1831 -3.48 -11.05 5.01
N VAL A 1832 -4.43 -11.91 4.61
CA VAL A 1832 -5.01 -12.84 5.55
C VAL A 1832 -3.92 -13.73 6.13
N ARG A 1833 -3.08 -14.26 5.26
CA ARG A 1833 -2.01 -15.13 5.73
C ARG A 1833 -1.01 -14.37 6.59
N LEU A 1834 -0.83 -13.08 6.32
CA LEU A 1834 0.07 -12.28 7.13
C LEU A 1834 -0.50 -12.00 8.52
N GLY A 1835 -1.82 -12.07 8.68
CA GLY A 1835 -2.40 -11.96 10.00
C GLY A 1835 -2.19 -13.21 10.83
N GLN A 1836 -2.16 -14.37 10.18
CA GLN A 1836 -1.79 -15.66 10.74
C GLN A 1836 -2.83 -16.28 11.65
N ARG A 1837 -3.91 -15.55 11.98
CA ARG A 1837 -5.01 -16.10 12.76
C ARG A 1837 -6.24 -15.97 11.87
N THR A 1838 -6.43 -16.96 11.02
CA THR A 1838 -7.38 -16.90 9.93
C THR A 1838 -8.59 -17.75 10.26
N ILE A 1839 -9.76 -17.16 10.08
CA ILE A 1839 -11.03 -17.88 10.12
C ILE A 1839 -11.58 -17.84 8.70
N GLN A 1840 -11.99 -18.99 8.20
CA GLN A 1840 -12.58 -19.12 6.87
C GLN A 1840 -14.03 -19.52 6.99
N VAL A 1841 -14.88 -18.85 6.25
CA VAL A 1841 -16.28 -19.20 6.16
C VAL A 1841 -16.46 -20.31 5.13
N GLU A 1842 -17.42 -21.19 5.36
CA GLU A 1842 -17.71 -22.25 4.41
C GLU A 1842 -18.21 -21.66 3.09
N ASN A 1843 -17.80 -22.30 2.00
CA ASN A 1843 -18.09 -21.83 0.65
C ASN A 1843 -17.41 -20.48 0.38
N SER A 1844 -16.18 -20.36 0.89
CA SER A 1844 -15.28 -19.26 0.57
C SER A 1844 -13.98 -19.86 0.08
N HIS A 1845 -13.13 -19.01 -0.51
CA HIS A 1845 -11.91 -19.52 -1.11
C HIS A 1845 -10.83 -18.46 -1.09
N LEU A 1846 -9.61 -18.94 -0.90
CA LEU A 1846 -8.39 -18.14 -0.93
C LEU A 1846 -7.58 -18.62 -2.12
N ILE A 1847 -7.49 -17.80 -3.17
CA ILE A 1847 -6.80 -18.19 -4.39
C ILE A 1847 -5.81 -17.11 -4.78
N LEU A 1848 -4.84 -17.51 -5.59
CA LEU A 1848 -3.93 -16.62 -6.28
C LEU A 1848 -4.20 -16.55 -7.77
N THR A 1849 -4.67 -17.64 -8.37
CA THR A 1849 -5.01 -17.69 -9.78
C THR A 1849 -6.37 -18.34 -9.93
N GLY A 1850 -7.13 -17.88 -10.91
CA GLY A 1850 -8.44 -18.41 -11.14
C GLY A 1850 -8.42 -19.71 -11.91
N ALA A 1851 -9.52 -20.47 -11.76
CA ALA A 1851 -9.64 -21.75 -12.45
C ALA A 1851 -9.65 -21.55 -13.97
N GLY A 1852 -10.25 -20.46 -14.44
CA GLY A 1852 -10.29 -20.20 -15.86
C GLY A 1852 -8.91 -20.03 -16.48
N ALA A 1853 -8.06 -19.24 -15.82
CA ALA A 1853 -6.70 -19.04 -16.32
C ALA A 1853 -5.92 -20.35 -16.34
N LEU A 1854 -6.05 -21.16 -15.30
CA LEU A 1854 -5.36 -22.44 -15.27
C LEU A 1854 -5.86 -23.36 -16.36
N ASN A 1855 -7.18 -23.44 -16.55
CA ASN A 1855 -7.73 -24.26 -17.61
C ASN A 1855 -7.29 -23.79 -18.99
N LYS A 1856 -7.06 -22.49 -19.15
CA LYS A 1856 -6.56 -21.98 -20.42
C LYS A 1856 -5.10 -22.35 -20.64
N VAL A 1857 -4.27 -22.16 -19.62
CA VAL A 1857 -2.84 -22.44 -19.78
C VAL A 1857 -2.61 -23.94 -19.96
N LEU A 1858 -3.33 -24.77 -19.21
CA LEU A 1858 -3.17 -26.22 -19.31
C LEU A 1858 -3.81 -26.80 -20.57
N GLY A 1859 -4.83 -26.13 -21.12
CA GLY A 1859 -5.42 -26.53 -22.38
C GLY A 1859 -6.74 -27.26 -22.28
N ARG A 1860 -7.20 -27.60 -21.07
CA ARG A 1860 -8.45 -28.34 -20.91
C ARG A 1860 -9.11 -27.95 -19.60
N GLU A 1861 -10.36 -28.38 -19.46
CA GLU A 1861 -11.12 -28.10 -18.24
C GLU A 1861 -10.65 -29.00 -17.12
N VAL A 1862 -9.57 -28.59 -16.46
CA VAL A 1862 -9.06 -29.33 -15.30
C VAL A 1862 -9.90 -29.03 -14.07
N TYR A 1863 -10.18 -27.74 -13.83
CA TYR A 1863 -10.90 -27.28 -12.66
C TYR A 1863 -12.26 -26.72 -13.06
N THR A 1864 -13.25 -27.00 -12.23
CA THR A 1864 -14.61 -26.52 -12.41
C THR A 1864 -15.01 -25.47 -11.40
N SER A 1865 -14.27 -25.33 -10.30
CA SER A 1865 -14.62 -24.42 -9.23
C SER A 1865 -13.34 -23.96 -8.56
N ASN A 1866 -13.36 -22.73 -8.05
CA ASN A 1866 -12.22 -22.22 -7.32
C ASN A 1866 -12.11 -22.82 -5.92
N ASN A 1867 -13.18 -23.43 -5.40
CA ASN A 1867 -13.07 -24.14 -4.13
C ASN A 1867 -12.17 -25.36 -4.24
N GLN A 1868 -11.98 -25.89 -5.44
CA GLN A 1868 -10.95 -26.91 -5.64
C GLN A 1868 -9.54 -26.38 -5.41
N LEU A 1869 -9.35 -25.07 -5.50
CA LEU A 1869 -8.04 -24.46 -5.37
C LEU A 1869 -7.78 -23.88 -3.99
N GLY A 1870 -8.79 -23.24 -3.38
CA GLY A 1870 -8.60 -22.49 -2.16
C GLY A 1870 -9.66 -22.70 -1.12
N GLY A 1871 -10.40 -23.79 -1.22
CA GLY A 1871 -11.48 -24.05 -0.31
C GLY A 1871 -11.02 -24.55 1.04
N ILE A 1872 -12.01 -24.83 1.88
CA ILE A 1872 -11.75 -25.39 3.20
C ILE A 1872 -11.05 -26.75 3.08
N GLN A 1873 -11.35 -27.51 2.03
CA GLN A 1873 -10.73 -28.80 1.87
C GLN A 1873 -9.24 -28.72 1.55
N ILE A 1874 -8.74 -27.55 1.16
CA ILE A 1874 -7.33 -27.31 0.93
C ILE A 1874 -6.73 -26.51 2.07
N MET A 1875 -7.36 -25.39 2.42
CA MET A 1875 -6.78 -24.43 3.33
C MET A 1875 -6.81 -24.88 4.79
N HIS A 1876 -7.82 -25.63 5.19
CA HIS A 1876 -7.93 -26.09 6.57
C HIS A 1876 -7.17 -27.38 6.82
N ASN A 1877 -6.95 -28.19 5.79
CA ASN A 1877 -6.21 -29.44 5.91
C ASN A 1877 -4.70 -29.27 5.72
N ASN A 1878 -4.24 -28.12 5.22
CA ASN A 1878 -2.83 -27.82 5.07
C ASN A 1878 -2.33 -26.77 6.06
N GLY A 1879 -3.22 -26.20 6.87
CA GLY A 1879 -2.82 -25.31 7.94
C GLY A 1879 -2.75 -23.85 7.61
N VAL A 1880 -3.48 -23.39 6.58
CA VAL A 1880 -3.57 -21.96 6.32
C VAL A 1880 -4.68 -21.33 7.14
N THR A 1881 -5.78 -22.04 7.29
CA THR A 1881 -6.91 -21.61 8.10
C THR A 1881 -6.85 -22.36 9.43
N HIS A 1882 -7.09 -21.61 10.51
CA HIS A 1882 -7.09 -22.18 11.85
C HIS A 1882 -8.45 -22.74 12.21
N CYS A 1883 -9.52 -22.07 11.79
CA CYS A 1883 -10.86 -22.42 12.20
C CYS A 1883 -11.83 -22.14 11.06
N THR A 1884 -12.84 -23.00 10.95
CA THR A 1884 -13.90 -22.89 9.96
C THR A 1884 -15.22 -22.58 10.65
N VAL A 1885 -16.04 -21.76 9.97
CA VAL A 1885 -17.33 -21.34 10.48
C VAL A 1885 -18.34 -21.31 9.35
N CYS A 1886 -19.61 -21.42 9.72
CA CYS A 1886 -20.68 -21.56 8.73
C CYS A 1886 -21.11 -20.21 8.14
N ASP A 1887 -20.88 -19.11 8.84
CA ASP A 1887 -21.33 -17.81 8.40
C ASP A 1887 -20.44 -16.73 9.00
N ASP A 1888 -20.83 -15.48 8.79
CA ASP A 1888 -20.06 -14.35 9.30
C ASP A 1888 -20.33 -14.11 10.78
N PHE A 1889 -21.56 -14.35 11.25
CA PHE A 1889 -21.90 -14.16 12.65
C PHE A 1889 -21.09 -15.11 13.53
N GLU A 1890 -21.03 -16.39 13.15
CA GLU A 1890 -20.19 -17.33 13.86
C GLU A 1890 -18.72 -16.91 13.82
N GLY A 1891 -18.28 -16.33 12.70
CA GLY A 1891 -16.93 -15.84 12.62
C GLY A 1891 -16.66 -14.71 13.60
N VAL A 1892 -17.62 -13.79 13.74
CA VAL A 1892 -17.46 -12.70 14.69
C VAL A 1892 -17.43 -13.24 16.10
N PHE A 1893 -18.27 -14.23 16.39
CA PHE A 1893 -18.27 -14.82 17.72
C PHE A 1893 -16.96 -15.51 18.01
N THR A 1894 -16.41 -16.20 17.01
CA THR A 1894 -15.10 -16.84 17.16
C THR A 1894 -14.01 -15.80 17.41
N VAL A 1895 -14.07 -14.66 16.72
CA VAL A 1895 -13.12 -13.57 16.97
C VAL A 1895 -13.20 -13.11 18.42
N LEU A 1896 -14.41 -12.87 18.91
CA LEU A 1896 -14.54 -12.37 20.28
C LEU A 1896 -14.17 -13.43 21.30
N HIS A 1897 -14.47 -14.69 20.99
CA HIS A 1897 -14.10 -15.79 21.87
C HIS A 1897 -12.58 -15.89 21.97
N TRP A 1898 -11.89 -15.75 20.85
CA TRP A 1898 -10.44 -15.70 20.85
C TRP A 1898 -9.94 -14.53 21.68
N LEU A 1899 -10.56 -13.36 21.51
CA LEU A 1899 -10.17 -12.19 22.29
C LEU A 1899 -10.40 -12.40 23.78
N SER A 1900 -11.31 -13.29 24.14
CA SER A 1900 -11.56 -13.59 25.55
C SER A 1900 -10.34 -14.14 26.27
N TYR A 1901 -9.42 -14.75 25.55
CA TYR A 1901 -8.23 -15.32 26.15
C TYR A 1901 -7.11 -14.33 26.32
N MET A 1902 -7.14 -13.23 25.57
CA MET A 1902 -5.97 -12.42 25.32
C MET A 1902 -6.04 -11.07 26.02
N PRO A 1903 -4.89 -10.42 26.28
CA PRO A 1903 -4.90 -9.15 27.00
C PRO A 1903 -5.60 -8.04 26.25
N LYS A 1904 -6.07 -7.03 27.01
CA LYS A 1904 -6.74 -5.90 26.40
C LYS A 1904 -5.81 -5.01 25.60
N SER A 1905 -4.51 -5.08 25.86
CA SER A 1905 -3.55 -4.32 25.08
C SER A 1905 -2.19 -4.97 25.27
N VAL A 1906 -1.23 -4.54 24.45
CA VAL A 1906 0.13 -5.02 24.56
C VAL A 1906 0.82 -4.53 25.83
N HIS A 1907 0.22 -3.59 26.54
CA HIS A 1907 0.75 -3.05 27.79
C HIS A 1907 0.02 -3.58 29.01
N SER A 1908 -0.86 -4.55 28.85
CA SER A 1908 -1.66 -5.11 29.93
C SER A 1908 -1.26 -6.56 30.18
N SER A 1909 -1.67 -7.06 31.34
CA SER A 1909 -1.45 -8.44 31.72
C SER A 1909 -2.58 -9.33 31.20
N VAL A 1910 -2.37 -10.63 31.31
CA VAL A 1910 -3.37 -11.59 30.85
C VAL A 1910 -4.59 -11.50 31.76
N PRO A 1911 -5.81 -11.54 31.23
CA PRO A 1911 -6.97 -11.39 32.11
C PRO A 1911 -7.22 -12.62 32.95
N LEU A 1912 -7.76 -12.40 34.14
CA LEU A 1912 -8.07 -13.45 35.09
C LEU A 1912 -9.56 -13.47 35.33
N LEU A 1913 -10.12 -14.68 35.37
CA LEU A 1913 -11.51 -14.91 35.70
C LEU A 1913 -11.63 -15.51 37.10
N ASN A 1914 -12.75 -15.23 37.73
CA ASN A 1914 -13.16 -15.92 38.95
C ASN A 1914 -13.90 -17.20 38.52
N SER A 1915 -13.11 -18.20 38.17
CA SER A 1915 -13.64 -19.43 37.58
C SER A 1915 -14.61 -20.14 38.49
N LYS A 1916 -15.50 -20.91 37.87
CA LYS A 1916 -16.39 -21.82 38.59
C LYS A 1916 -15.76 -23.17 38.85
N ASP A 1917 -14.69 -23.53 38.15
CA ASP A 1917 -14.06 -24.83 38.34
C ASP A 1917 -12.97 -24.67 39.39
N PRO A 1918 -13.03 -25.40 40.52
CA PRO A 1918 -12.09 -25.12 41.61
C PRO A 1918 -10.64 -25.35 41.23
N ILE A 1919 -9.76 -24.84 42.08
CA ILE A 1919 -8.34 -25.10 41.97
C ILE A 1919 -7.87 -26.23 42.87
N ASP A 1920 -8.66 -26.61 43.87
CA ASP A 1920 -8.29 -27.62 44.84
C ASP A 1920 -8.86 -29.00 44.52
N ARG A 1921 -9.40 -29.19 43.31
CA ARG A 1921 -9.86 -30.50 42.88
C ARG A 1921 -8.70 -31.28 42.30
N ILE A 1922 -8.95 -32.58 42.06
CA ILE A 1922 -7.97 -33.45 41.42
C ILE A 1922 -8.41 -33.73 39.99
N ILE A 1923 -7.45 -34.17 39.20
CA ILE A 1923 -7.70 -34.63 37.83
C ILE A 1923 -8.15 -36.08 37.88
N GLU A 1924 -9.33 -36.36 37.34
CA GLU A 1924 -9.89 -37.70 37.36
C GLU A 1924 -9.34 -38.58 36.25
N PHE A 1925 -9.33 -38.08 35.01
CA PHE A 1925 -8.80 -38.86 33.90
C PHE A 1925 -7.30 -39.04 34.05
N VAL A 1926 -6.83 -40.28 33.92
CA VAL A 1926 -5.44 -40.63 34.10
C VAL A 1926 -4.90 -41.14 32.77
N PRO A 1927 -3.86 -40.54 32.19
CA PRO A 1927 -3.27 -41.09 30.97
C PRO A 1927 -2.82 -42.53 31.15
N THR A 1928 -3.08 -43.34 30.14
CA THR A 1928 -2.86 -44.77 30.19
C THR A 1928 -1.70 -45.15 29.29
N LYS A 1929 -1.35 -46.43 29.33
CA LYS A 1929 -0.28 -46.96 28.50
C LYS A 1929 -0.77 -47.23 27.08
N THR A 1930 -2.05 -47.56 26.92
CA THR A 1930 -2.63 -47.75 25.62
C THR A 1930 -2.92 -46.40 24.96
N PRO A 1931 -3.18 -46.39 23.66
CA PRO A 1931 -3.44 -45.11 22.98
C PRO A 1931 -4.62 -44.35 23.56
N TYR A 1932 -4.51 -43.02 23.54
CA TYR A 1932 -5.55 -42.16 24.04
C TYR A 1932 -5.57 -40.86 23.26
N ASP A 1933 -6.74 -40.23 23.24
CA ASP A 1933 -6.87 -38.91 22.66
C ASP A 1933 -6.31 -37.89 23.64
N PRO A 1934 -5.38 -37.02 23.24
CA PRO A 1934 -4.80 -36.09 24.23
C PRO A 1934 -5.82 -35.12 24.79
N ARG A 1935 -6.87 -34.81 24.05
CA ARG A 1935 -7.92 -33.94 24.56
C ARG A 1935 -8.58 -34.51 25.81
N TRP A 1936 -8.59 -35.83 25.96
CA TRP A 1936 -9.13 -36.46 27.15
C TRP A 1936 -8.38 -36.04 28.42
N MET A 1937 -7.12 -35.63 28.30
CA MET A 1937 -6.38 -35.17 29.47
C MET A 1937 -6.44 -33.66 29.63
N LEU A 1938 -6.80 -32.92 28.57
CA LEU A 1938 -6.89 -31.46 28.68
C LEU A 1938 -8.26 -31.02 29.16
N ALA A 1939 -9.31 -31.48 28.49
CA ALA A 1939 -10.68 -31.09 28.75
C ALA A 1939 -11.45 -32.13 29.55
N GLY A 1940 -11.13 -33.40 29.31
CA GLY A 1940 -11.74 -34.51 29.98
C GLY A 1940 -12.55 -35.34 29.01
N ARG A 1941 -13.41 -36.19 29.56
CA ARG A 1941 -14.30 -36.98 28.72
C ARG A 1941 -15.55 -37.35 29.50
N PRO A 1942 -16.67 -37.64 28.83
CA PRO A 1942 -17.81 -38.22 29.56
C PRO A 1942 -17.43 -39.54 30.21
N HIS A 1943 -18.09 -39.85 31.33
CA HIS A 1943 -17.84 -41.12 31.99
C HIS A 1943 -18.20 -42.26 31.04
N PRO A 1944 -17.32 -43.24 30.82
CA PRO A 1944 -17.65 -44.33 29.87
C PRO A 1944 -18.83 -45.19 30.30
N THR A 1945 -19.17 -45.21 31.59
CA THR A 1945 -20.21 -46.09 32.11
C THR A 1945 -21.54 -45.38 32.35
N GLN A 1946 -21.58 -44.05 32.26
CA GLN A 1946 -22.76 -43.26 32.56
C GLN A 1946 -23.25 -42.56 31.31
N LYS A 1947 -24.47 -42.01 31.41
CA LYS A 1947 -25.00 -41.17 30.34
C LYS A 1947 -24.58 -39.71 30.52
N GLY A 1948 -24.28 -39.29 31.75
CA GLY A 1948 -23.80 -37.94 32.04
C GLY A 1948 -22.39 -37.98 32.61
N GLN A 1949 -22.15 -37.23 33.69
CA GLN A 1949 -20.98 -37.50 34.54
C GLN A 1949 -19.63 -37.25 33.87
N TRP A 1950 -19.13 -36.02 33.89
CA TRP A 1950 -17.90 -35.68 33.20
C TRP A 1950 -16.67 -36.01 34.04
N LEU A 1951 -15.72 -36.74 33.43
CA LEU A 1951 -14.42 -37.04 34.01
C LEU A 1951 -13.47 -35.90 33.72
N SER A 1952 -13.06 -35.22 34.78
CA SER A 1952 -12.24 -34.01 34.70
C SER A 1952 -10.93 -34.28 34.01
N GLY A 1953 -10.41 -33.24 33.37
CA GLY A 1953 -9.07 -33.21 32.86
C GLY A 1953 -8.22 -32.19 33.59
N PHE A 1954 -7.21 -31.71 32.88
CA PHE A 1954 -6.26 -30.79 33.48
C PHE A 1954 -6.83 -29.39 33.61
N PHE A 1955 -7.52 -28.91 32.59
CA PHE A 1955 -7.91 -27.51 32.50
C PHE A 1955 -9.36 -27.31 32.91
N ASP A 1956 -9.72 -26.04 33.11
CA ASP A 1956 -11.07 -25.68 33.48
C ASP A 1956 -12.07 -26.16 32.44
N TYR A 1957 -13.16 -26.75 32.92
CA TYR A 1957 -14.16 -27.36 32.06
C TYR A 1957 -14.77 -26.35 31.10
N GLY A 1958 -14.87 -26.76 29.83
CA GLY A 1958 -15.38 -25.90 28.80
C GLY A 1958 -14.41 -24.91 28.22
N SER A 1959 -13.18 -24.88 28.72
CA SER A 1959 -12.25 -23.81 28.39
C SER A 1959 -11.37 -24.13 27.20
N PHE A 1960 -11.18 -25.39 26.88
CA PHE A 1960 -10.25 -25.76 25.84
C PHE A 1960 -10.85 -25.49 24.46
N SER A 1961 -10.06 -24.83 23.61
CA SER A 1961 -10.46 -24.49 22.25
C SER A 1961 -9.31 -24.81 21.31
N GLU A 1962 -9.61 -25.60 20.28
CA GLU A 1962 -8.61 -26.07 19.33
C GLU A 1962 -8.45 -25.14 18.14
N ILE A 1963 -7.29 -25.25 17.49
CA ILE A 1963 -7.03 -24.66 16.18
C ILE A 1963 -6.24 -25.67 15.35
N MET A 1964 -6.43 -25.57 14.02
CA MET A 1964 -5.70 -26.40 13.05
C MET A 1964 -5.90 -27.89 13.30
N GLN A 1965 -7.15 -28.28 13.58
CA GLN A 1965 -7.47 -29.67 13.89
C GLN A 1965 -7.04 -30.67 12.81
N PRO A 1966 -7.54 -30.62 11.57
CA PRO A 1966 -7.29 -31.71 10.63
C PRO A 1966 -5.91 -31.68 10.01
N TRP A 1967 -5.08 -30.69 10.31
CA TRP A 1967 -3.71 -30.65 9.83
C TRP A 1967 -2.78 -31.22 10.87
N ALA A 1968 -1.88 -32.08 10.40
CA ALA A 1968 -0.76 -32.59 11.19
C ALA A 1968 -1.27 -33.19 12.51
N GLN A 1969 -2.15 -34.17 12.37
CA GLN A 1969 -2.97 -34.64 13.47
C GLN A 1969 -2.19 -35.34 14.57
N THR A 1970 -0.88 -35.53 14.41
CA THR A 1970 -0.08 -36.15 15.45
C THR A 1970 0.24 -35.20 16.60
N VAL A 1971 -0.10 -33.93 16.47
CA VAL A 1971 0.09 -32.94 17.52
C VAL A 1971 -1.18 -32.10 17.62
N VAL A 1972 -1.54 -31.75 18.85
CA VAL A 1972 -2.77 -31.04 19.18
C VAL A 1972 -2.35 -29.71 19.79
N VAL A 1973 -2.99 -28.63 19.37
CA VAL A 1973 -2.73 -27.31 19.94
C VAL A 1973 -4.04 -26.59 20.18
N GLY A 1974 -4.02 -25.68 21.15
CA GLY A 1974 -5.23 -24.96 21.49
C GLY A 1974 -4.95 -23.90 22.54
N ARG A 1975 -6.05 -23.31 23.02
CA ARG A 1975 -6.07 -22.39 24.14
C ARG A 1975 -7.01 -22.93 25.19
N ALA A 1976 -6.73 -22.60 26.45
CA ALA A 1976 -7.54 -23.09 27.57
C ALA A 1976 -7.33 -22.16 28.76
N ARG A 1977 -7.95 -22.53 29.89
CA ARG A 1977 -7.79 -21.79 31.14
C ARG A 1977 -7.46 -22.74 32.29
N LEU A 1978 -6.60 -22.24 33.17
CA LEU A 1978 -6.23 -22.89 34.42
C LEU A 1978 -6.56 -21.97 35.58
N GLY A 1979 -7.62 -22.29 36.31
CA GLY A 1979 -8.03 -21.46 37.44
C GLY A 1979 -8.44 -20.08 37.04
N GLY A 1980 -8.93 -19.90 35.82
CA GLY A 1980 -9.20 -18.60 35.28
C GLY A 1980 -8.01 -17.90 34.64
N ILE A 1981 -6.86 -18.55 34.54
CA ILE A 1981 -5.68 -17.98 33.91
C ILE A 1981 -5.58 -18.53 32.48
N PRO A 1982 -5.67 -17.70 31.45
CA PRO A 1982 -5.57 -18.23 30.08
C PRO A 1982 -4.17 -18.76 29.77
N VAL A 1983 -4.13 -19.89 29.07
CA VAL A 1983 -2.89 -20.54 28.67
C VAL A 1983 -3.03 -21.04 27.24
N GLY A 1984 -1.89 -21.13 26.56
CA GLY A 1984 -1.77 -21.88 25.33
C GLY A 1984 -1.30 -23.30 25.60
N VAL A 1985 -1.81 -24.25 24.83
CA VAL A 1985 -1.68 -25.67 25.12
C VAL A 1985 -1.13 -26.40 23.90
N VAL A 1986 -0.16 -27.28 24.15
CA VAL A 1986 0.41 -28.17 23.15
C VAL A 1986 0.48 -29.57 23.72
N ALA A 1987 -0.04 -30.55 22.97
CA ALA A 1987 -0.05 -31.93 23.40
C ALA A 1987 0.17 -32.84 22.20
N VAL A 1988 0.36 -34.12 22.49
CA VAL A 1988 0.90 -35.09 21.54
C VAL A 1988 -0.08 -36.24 21.38
N GLU A 1989 -0.38 -36.58 20.14
CA GLU A 1989 -1.20 -37.75 19.83
C GLU A 1989 -0.36 -39.01 19.98
N THR A 1990 -0.94 -40.02 20.61
CA THR A 1990 -0.36 -41.35 20.72
C THR A 1990 -1.00 -42.36 19.80
N ARG A 1991 -2.20 -42.09 19.29
CA ARG A 1991 -2.86 -43.02 18.40
C ARG A 1991 -2.27 -42.91 16.99
N THR A 1992 -2.50 -43.95 16.21
CA THR A 1992 -2.16 -43.91 14.79
C THR A 1992 -3.21 -43.09 14.06
N VAL A 1993 -2.74 -42.20 13.19
CA VAL A 1993 -3.62 -41.41 12.33
C VAL A 1993 -3.32 -41.77 10.88
N GLU A 1994 -4.30 -41.50 10.02
CA GLU A 1994 -4.20 -41.74 8.59
C GLU A 1994 -4.34 -40.41 7.87
N LEU A 1995 -3.33 -40.07 7.08
CA LEU A 1995 -3.29 -38.83 6.32
C LEU A 1995 -3.69 -39.13 4.88
N SER A 1996 -4.78 -38.51 4.42
CA SER A 1996 -5.26 -38.67 3.06
C SER A 1996 -4.71 -37.56 2.19
N ILE A 1997 -3.99 -37.93 1.13
CA ILE A 1997 -3.41 -37.00 0.16
C ILE A 1997 -4.24 -37.08 -1.11
N PRO A 1998 -4.87 -35.99 -1.57
CA PRO A 1998 -5.71 -36.10 -2.75
C PRO A 1998 -4.88 -36.10 -4.02
N ALA A 1999 -5.55 -36.44 -5.12
CA ALA A 1999 -4.92 -36.45 -6.44
C ALA A 1999 -5.08 -35.09 -7.10
N ASP A 2000 -4.10 -34.72 -7.93
CA ASP A 2000 -4.21 -33.48 -8.70
C ASP A 2000 -4.90 -33.78 -10.01
N PRO A 2001 -6.06 -33.16 -10.31
CA PRO A 2001 -6.71 -33.43 -11.60
C PRO A 2001 -5.87 -33.03 -12.81
N ALA A 2002 -4.87 -32.17 -12.64
CA ALA A 2002 -4.03 -31.77 -13.76
C ALA A 2002 -3.21 -32.94 -14.31
N ASN A 2003 -3.01 -33.99 -13.52
CA ASN A 2003 -2.30 -35.20 -13.95
C ASN A 2003 -3.32 -36.33 -13.98
N LEU A 2004 -3.61 -36.83 -15.18
CA LEU A 2004 -4.60 -37.89 -15.32
C LEU A 2004 -4.15 -39.20 -14.69
N ASP A 2005 -2.84 -39.37 -14.48
CA ASP A 2005 -2.28 -40.60 -13.92
C ASP A 2005 -2.01 -40.48 -12.43
N SER A 2006 -2.51 -39.44 -11.77
CA SER A 2006 -2.33 -39.28 -10.34
C SER A 2006 -3.39 -40.08 -9.57
N GLU A 2007 -3.06 -40.44 -8.34
CA GLU A 2007 -3.93 -41.22 -7.47
C GLU A 2007 -3.88 -40.66 -6.07
N ALA A 2008 -5.02 -40.77 -5.38
CA ALA A 2008 -5.08 -40.40 -3.97
C ALA A 2008 -4.42 -41.47 -3.13
N LYS A 2009 -3.78 -41.06 -2.05
CA LYS A 2009 -2.98 -41.96 -1.23
C LYS A 2009 -3.34 -41.80 0.25
N ILE A 2010 -3.07 -42.86 1.00
CA ILE A 2010 -3.23 -42.87 2.45
C ILE A 2010 -1.88 -43.17 3.06
N ILE A 2011 -1.40 -42.27 3.92
CA ILE A 2011 -0.12 -42.40 4.60
C ILE A 2011 -0.41 -42.68 6.07
N GLN A 2012 0.21 -43.71 6.61
CA GLN A 2012 0.06 -44.06 8.01
C GLN A 2012 1.06 -43.27 8.85
N GLN A 2013 0.56 -42.55 9.85
CA GLN A 2013 1.39 -41.73 10.75
C GLN A 2013 1.21 -42.21 12.17
N ALA A 2014 2.27 -42.77 12.74
CA ALA A 2014 2.26 -43.25 14.11
C ALA A 2014 2.42 -42.10 15.10
N GLY A 2015 1.91 -42.34 16.32
CA GLY A 2015 1.90 -41.32 17.33
C GLY A 2015 3.21 -41.24 18.11
N GLN A 2016 3.33 -40.16 18.89
CA GLN A 2016 4.50 -39.87 19.71
C GLN A 2016 5.74 -39.64 18.84
N VAL A 2017 5.53 -39.23 17.59
CA VAL A 2017 6.61 -39.02 16.64
C VAL A 2017 6.43 -37.68 15.95
N TRP A 2018 7.52 -36.96 15.78
CA TRP A 2018 7.53 -35.77 14.93
C TRP A 2018 7.54 -36.19 13.47
N PHE A 2019 6.72 -35.52 12.68
CA PHE A 2019 6.79 -35.48 11.23
C PHE A 2019 7.02 -34.04 10.83
N PRO A 2020 7.40 -33.77 9.57
CA PRO A 2020 7.65 -32.37 9.17
C PRO A 2020 6.47 -31.45 9.42
N ASP A 2021 5.27 -31.94 9.15
CA ASP A 2021 4.05 -31.18 9.31
C ASP A 2021 3.71 -30.93 10.78
N SER A 2022 3.90 -31.93 11.64
CA SER A 2022 3.61 -31.77 13.06
C SER A 2022 4.62 -30.83 13.72
N ALA A 2023 5.86 -30.87 13.29
CA ALA A 2023 6.86 -29.95 13.79
C ALA A 2023 6.56 -28.53 13.34
N PHE A 2024 6.12 -28.37 12.09
CA PHE A 2024 5.74 -27.05 11.59
C PHE A 2024 4.55 -26.48 12.37
N LYS A 2025 3.55 -27.31 12.64
CA LYS A 2025 2.39 -26.87 13.41
C LYS A 2025 2.77 -26.46 14.82
N THR A 2026 3.62 -27.24 15.48
CA THR A 2026 4.10 -26.89 16.80
C THR A 2026 4.80 -25.54 16.79
N TYR A 2027 5.66 -25.32 15.81
CA TYR A 2027 6.35 -24.04 15.68
C TYR A 2027 5.37 -22.89 15.53
N GLN A 2028 4.41 -23.03 14.62
CA GLN A 2028 3.43 -21.97 14.39
C GLN A 2028 2.65 -21.65 15.65
N ALA A 2029 2.20 -22.69 16.35
CA ALA A 2029 1.47 -22.51 17.59
C ALA A 2029 2.29 -21.77 18.62
N ILE A 2030 3.56 -22.14 18.78
CA ILE A 2030 4.42 -21.47 19.75
C ILE A 2030 4.53 -19.99 19.43
N LYS A 2031 4.81 -19.66 18.16
CA LYS A 2031 4.99 -18.27 17.78
C LYS A 2031 3.70 -17.47 18.01
N ASP A 2032 2.56 -18.02 17.59
CA ASP A 2032 1.29 -17.32 17.76
C ASP A 2032 0.97 -17.10 19.23
N PHE A 2033 1.08 -18.13 20.05
CA PHE A 2033 0.74 -17.97 21.47
C PHE A 2033 1.68 -17.02 22.18
N ASN A 2034 2.96 -17.02 21.84
CA ASN A 2034 3.85 -16.04 22.46
C ASN A 2034 3.46 -14.62 22.05
N ARG A 2035 3.13 -14.41 20.78
CA ARG A 2035 2.81 -13.07 20.35
C ARG A 2035 1.45 -12.60 20.85
N GLU A 2036 0.56 -13.53 21.22
CA GLU A 2036 -0.69 -13.13 21.85
C GLU A 2036 -0.47 -12.59 23.25
N GLY A 2037 0.58 -13.01 23.92
CA GLY A 2037 0.86 -12.64 25.29
C GLY A 2037 0.45 -13.64 26.34
N LEU A 2038 0.45 -14.93 26.02
CA LEU A 2038 -0.05 -15.98 26.88
C LEU A 2038 1.08 -16.87 27.41
N PRO A 2039 0.94 -17.46 28.60
CA PRO A 2039 1.84 -18.55 28.98
C PRO A 2039 1.48 -19.84 28.25
N LEU A 2040 2.48 -20.71 28.13
CA LEU A 2040 2.41 -21.92 27.32
C LEU A 2040 2.57 -23.14 28.20
N MET A 2041 1.61 -24.06 28.11
CA MET A 2041 1.66 -25.35 28.78
C MET A 2041 1.91 -26.42 27.73
N VAL A 2042 3.02 -27.15 27.87
CA VAL A 2042 3.41 -28.21 26.94
C VAL A 2042 3.32 -29.54 27.66
N PHE A 2043 2.62 -30.49 27.04
CA PHE A 2043 2.49 -31.86 27.53
C PHE A 2043 3.24 -32.79 26.59
N ALA A 2044 4.50 -33.09 26.94
CA ALA A 2044 5.47 -33.65 26.01
C ALA A 2044 5.51 -35.17 26.10
N ASN A 2045 5.16 -35.84 25.00
CA ASN A 2045 5.21 -37.30 24.89
C ASN A 2045 5.81 -37.70 23.53
N TRP A 2046 6.94 -37.12 23.18
CA TRP A 2046 7.57 -37.34 21.88
C TRP A 2046 8.70 -38.35 22.03
N ARG A 2047 8.65 -39.40 21.21
CA ARG A 2047 9.71 -40.40 21.16
C ARG A 2047 10.85 -40.01 20.25
N GLY A 2048 10.67 -38.96 19.45
CA GLY A 2048 11.70 -38.44 18.58
C GLY A 2048 11.15 -38.11 17.22
N PHE A 2049 12.05 -37.98 16.25
CA PHE A 2049 11.72 -37.65 14.88
C PHE A 2049 11.77 -38.86 13.97
N SER A 2050 10.92 -38.84 12.96
CA SER A 2050 10.97 -39.82 11.88
C SER A 2050 12.27 -39.64 11.10
N GLY A 2051 12.98 -40.75 10.88
CA GLY A 2051 14.23 -40.75 10.16
C GLY A 2051 14.21 -41.46 8.82
N GLY A 2052 13.06 -41.92 8.35
CA GLY A 2052 12.99 -42.63 7.10
C GLY A 2052 13.31 -41.75 5.91
N MET A 2053 13.44 -42.41 4.74
CA MET A 2053 13.80 -41.71 3.52
C MET A 2053 12.84 -40.56 3.22
N LYS A 2054 11.54 -40.81 3.35
CA LYS A 2054 10.55 -39.80 2.96
C LYS A 2054 10.66 -38.56 3.83
N ASP A 2055 10.78 -38.73 5.14
CA ASP A 2055 10.74 -37.59 6.05
C ASP A 2055 12.04 -36.80 6.05
N MET A 2056 13.17 -37.47 5.85
CA MET A 2056 14.42 -36.76 5.61
C MET A 2056 14.39 -36.02 4.29
N TYR A 2057 13.83 -36.65 3.25
CA TYR A 2057 13.59 -35.97 1.99
C TYR A 2057 12.62 -34.81 2.18
N ASP A 2058 11.59 -35.00 2.99
CA ASP A 2058 10.59 -33.98 3.22
C ASP A 2058 10.99 -33.00 4.32
N GLN A 2059 12.27 -32.96 4.65
CA GLN A 2059 12.87 -31.83 5.36
C GLN A 2059 12.40 -31.71 6.82
N VAL A 2060 12.58 -32.76 7.59
CA VAL A 2060 12.14 -32.75 8.98
C VAL A 2060 13.11 -31.96 9.88
N LEU A 2061 14.40 -31.98 9.54
CA LEU A 2061 15.42 -31.26 10.31
C LEU A 2061 15.11 -29.77 10.40
N LYS A 2062 14.63 -29.19 9.31
CA LYS A 2062 14.37 -27.75 9.27
C LYS A 2062 13.34 -27.33 10.32
N PHE A 2063 12.24 -28.07 10.43
CA PHE A 2063 11.20 -27.68 11.36
C PHE A 2063 11.55 -28.08 12.78
N GLY A 2064 12.31 -29.16 12.95
CA GLY A 2064 12.91 -29.43 14.25
C GLY A 2064 13.75 -28.27 14.76
N ALA A 2065 14.51 -27.63 13.88
CA ALA A 2065 15.32 -26.48 14.27
C ALA A 2065 14.46 -25.24 14.50
N TYR A 2066 13.40 -25.08 13.71
CA TYR A 2066 12.51 -23.95 13.89
C TYR A 2066 11.83 -23.99 15.24
N ILE A 2067 11.58 -25.18 15.79
CA ILE A 2067 11.03 -25.27 17.15
C ILE A 2067 11.95 -24.57 18.15
N VAL A 2068 13.25 -24.82 18.06
CA VAL A 2068 14.21 -24.19 18.95
C VAL A 2068 14.20 -22.69 18.76
N ASP A 2069 14.21 -22.26 17.50
CA ASP A 2069 14.21 -20.83 17.21
C ASP A 2069 12.98 -20.16 17.81
N GLY A 2070 11.85 -20.88 17.84
CA GLY A 2070 10.64 -20.33 18.43
C GLY A 2070 10.71 -20.24 19.94
N LEU A 2071 11.11 -21.33 20.60
CA LEU A 2071 11.07 -21.34 22.05
C LEU A 2071 12.08 -20.38 22.65
N ARG A 2072 13.22 -20.20 21.99
CA ARG A 2072 14.21 -19.28 22.50
C ARG A 2072 13.71 -17.85 22.62
N GLU A 2073 12.66 -17.48 21.88
CA GLU A 2073 12.15 -16.12 21.83
C GLU A 2073 10.90 -15.91 22.67
N CYS A 2074 10.49 -16.89 23.47
CA CYS A 2074 9.30 -16.73 24.29
C CYS A 2074 9.56 -15.83 25.49
N CYS A 2075 8.59 -14.95 25.76
CA CYS A 2075 8.68 -13.94 26.80
C CYS A 2075 7.73 -14.17 27.96
N GLN A 2076 6.97 -15.26 27.95
CA GLN A 2076 6.01 -15.63 28.97
C GLN A 2076 6.42 -16.98 29.56
N PRO A 2077 5.84 -17.39 30.69
CA PRO A 2077 6.16 -18.72 31.22
C PRO A 2077 5.89 -19.84 30.23
N VAL A 2078 6.78 -20.82 30.23
CA VAL A 2078 6.65 -22.02 29.42
C VAL A 2078 6.86 -23.21 30.34
N LEU A 2079 5.78 -23.90 30.65
CA LEU A 2079 5.80 -25.00 31.60
C LEU A 2079 5.65 -26.30 30.81
N VAL A 2080 6.72 -27.08 30.77
CA VAL A 2080 6.76 -28.38 30.12
C VAL A 2080 6.52 -29.42 31.20
N TYR A 2081 5.60 -30.33 30.95
CA TYR A 2081 5.26 -31.40 31.87
C TYR A 2081 5.22 -32.70 31.09
N ILE A 2082 5.88 -33.72 31.64
CA ILE A 2082 5.89 -35.05 31.04
C ILE A 2082 4.83 -35.88 31.77
N PRO A 2083 3.69 -36.19 31.14
CA PRO A 2083 2.62 -36.86 31.85
C PRO A 2083 2.97 -38.28 32.24
N PRO A 2084 2.09 -38.96 32.98
CA PRO A 2084 2.29 -40.38 33.26
C PRO A 2084 2.21 -41.24 32.02
N GLN A 2085 2.94 -42.36 32.05
CA GLN A 2085 3.05 -43.28 30.92
C GLN A 2085 3.49 -42.55 29.65
N ALA A 2086 4.36 -41.56 29.83
CA ALA A 2086 4.90 -40.78 28.72
C ALA A 2086 6.41 -40.78 28.82
N GLU A 2087 7.04 -40.52 27.69
CA GLU A 2087 8.48 -40.56 27.57
C GLU A 2087 8.93 -39.37 26.75
N LEU A 2088 10.13 -38.88 27.05
CA LEU A 2088 10.86 -38.03 26.13
C LEU A 2088 12.22 -38.64 25.84
N ARG A 2089 12.52 -38.80 24.57
CA ARG A 2089 13.73 -39.49 24.13
C ARG A 2089 14.53 -38.58 23.21
N GLY A 2090 15.74 -38.25 23.63
CA GLY A 2090 16.76 -37.72 22.76
C GLY A 2090 16.40 -36.47 21.99
N GLY A 2091 16.18 -36.61 20.70
CA GLY A 2091 15.90 -35.49 19.82
C GLY A 2091 14.71 -34.64 20.23
N SER A 2092 13.80 -35.23 21.00
CA SER A 2092 12.67 -34.51 21.54
C SER A 2092 13.00 -33.72 22.79
N TRP A 2093 14.14 -33.97 23.44
CA TRP A 2093 14.57 -33.15 24.56
C TRP A 2093 15.22 -31.88 24.08
N VAL A 2094 16.16 -32.02 23.15
CA VAL A 2094 17.03 -30.94 22.73
C VAL A 2094 16.27 -29.80 22.06
N VAL A 2095 14.99 -30.00 21.73
CA VAL A 2095 14.19 -28.96 21.11
C VAL A 2095 13.27 -28.25 22.09
N ILE A 2096 13.00 -28.82 23.28
CA ILE A 2096 12.14 -28.19 24.27
C ILE A 2096 12.79 -28.15 25.65
N ASP A 2097 14.11 -28.32 25.71
CA ASP A 2097 14.81 -28.30 26.99
C ASP A 2097 14.70 -26.93 27.64
N SER A 2098 14.69 -26.92 28.98
CA SER A 2098 14.57 -25.68 29.73
C SER A 2098 15.79 -24.78 29.59
N SER A 2099 16.93 -25.32 29.16
CA SER A 2099 18.13 -24.52 28.99
C SER A 2099 18.10 -23.68 27.72
N ILE A 2100 17.07 -23.83 26.88
CA ILE A 2100 16.96 -23.00 25.69
C ILE A 2100 16.52 -21.59 26.07
N ASN A 2101 15.67 -21.47 27.09
CA ASN A 2101 15.25 -20.18 27.63
C ASN A 2101 15.07 -20.34 29.14
N PRO A 2102 16.17 -20.27 29.91
CA PRO A 2102 16.06 -20.56 31.34
C PRO A 2102 15.23 -19.58 32.13
N ARG A 2103 15.10 -18.33 31.65
CA ARG A 2103 14.37 -17.32 32.38
C ARG A 2103 12.89 -17.63 32.49
N HIS A 2104 12.34 -18.37 31.52
CA HIS A 2104 10.91 -18.61 31.45
C HIS A 2104 10.53 -20.08 31.39
N MET A 2105 11.40 -20.97 30.94
CA MET A 2105 11.06 -22.38 30.75
C MET A 2105 11.31 -23.18 32.03
N GLU A 2106 10.37 -24.04 32.38
CA GLU A 2106 10.50 -24.95 33.50
C GLU A 2106 9.94 -26.31 33.11
N MET A 2107 10.68 -27.37 33.47
CA MET A 2107 10.33 -28.74 33.12
C MET A 2107 9.99 -29.54 34.37
N TYR A 2108 8.93 -30.32 34.28
CA TYR A 2108 8.43 -31.16 35.35
C TYR A 2108 8.14 -32.55 34.79
N ALA A 2109 8.32 -33.54 35.64
CA ALA A 2109 8.07 -34.93 35.31
C ALA A 2109 7.14 -35.54 36.34
N ASP A 2110 6.35 -36.51 35.90
CA ASP A 2110 5.55 -37.32 36.80
C ASP A 2110 6.40 -38.49 37.29
N ARG A 2111 5.86 -39.23 38.27
CA ARG A 2111 6.52 -40.44 38.71
C ARG A 2111 6.43 -41.56 37.69
N GLU A 2112 5.33 -41.65 36.97
CA GLU A 2112 5.18 -42.65 35.90
C GLU A 2112 5.55 -42.06 34.55
N SER A 2113 6.70 -41.41 34.47
CA SER A 2113 7.21 -40.84 33.24
C SER A 2113 8.64 -41.32 33.03
N ARG A 2114 9.18 -41.08 31.84
CA ARG A 2114 10.50 -41.56 31.49
C ARG A 2114 11.20 -40.52 30.64
N GLY A 2115 12.52 -40.51 30.74
CA GLY A 2115 13.30 -39.60 29.94
C GLY A 2115 14.71 -40.08 29.73
N SER A 2116 15.17 -40.10 28.49
CA SER A 2116 16.51 -40.60 28.22
C SER A 2116 16.95 -40.11 26.85
N VAL A 2117 18.10 -40.61 26.40
CA VAL A 2117 18.64 -40.31 25.08
C VAL A 2117 18.01 -41.27 24.07
N LEU A 2118 18.10 -42.56 24.34
CA LEU A 2118 17.51 -43.60 23.51
C LEU A 2118 16.48 -44.38 24.31
N GLU A 2119 15.60 -45.08 23.59
CA GLU A 2119 14.73 -46.05 24.21
C GLU A 2119 15.56 -47.19 24.77
N PRO A 2120 14.99 -48.00 25.68
CA PRO A 2120 15.73 -49.15 26.18
C PRO A 2120 16.19 -50.13 25.11
N GLU A 2121 15.39 -50.37 24.09
CA GLU A 2121 15.77 -51.37 23.09
C GLU A 2121 16.97 -50.92 22.28
N GLY A 2122 17.02 -49.63 21.91
CA GLY A 2122 18.17 -49.13 21.17
C GLY A 2122 19.43 -49.15 22.00
N THR A 2123 19.31 -48.91 23.30
CA THR A 2123 20.47 -48.97 24.19
C THR A 2123 20.94 -50.41 24.35
N VAL A 2124 20.01 -51.35 24.48
CA VAL A 2124 20.37 -52.77 24.53
C VAL A 2124 21.10 -53.17 23.26
N GLU A 2125 20.59 -52.74 22.11
CA GLU A 2125 21.16 -53.14 20.83
C GLU A 2125 22.62 -52.73 20.67
N ILE A 2126 23.09 -51.77 21.45
CA ILE A 2126 24.47 -51.31 21.42
C ILE A 2126 25.28 -51.88 22.58
N LYS A 2127 24.75 -51.79 23.81
CA LYS A 2127 25.51 -52.10 25.00
C LYS A 2127 25.37 -53.53 25.49
N PHE A 2128 24.38 -54.26 25.00
CA PHE A 2128 24.19 -55.68 25.31
C PHE A 2128 24.19 -56.42 23.98
N ARG A 2129 25.38 -56.77 23.52
CA ARG A 2129 25.51 -57.63 22.36
C ARG A 2129 25.32 -59.07 22.83
N ARG A 2130 25.50 -60.02 21.92
CA ARG A 2130 25.38 -61.44 22.29
C ARG A 2130 26.39 -61.84 23.35
N LYS A 2131 27.61 -61.33 23.23
CA LYS A 2131 28.68 -61.75 24.13
C LYS A 2131 28.46 -61.24 25.55
N ASP A 2132 27.90 -60.04 25.70
CA ASP A 2132 27.60 -59.55 27.03
C ASP A 2132 26.46 -60.31 27.68
N LEU A 2133 25.47 -60.71 26.88
CA LEU A 2133 24.43 -61.59 27.38
C LEU A 2133 25.01 -62.92 27.84
N VAL A 2134 26.01 -63.45 27.12
CA VAL A 2134 26.61 -64.71 27.53
C VAL A 2134 27.44 -64.52 28.80
N LYS A 2135 28.19 -63.41 28.89
CA LYS A 2135 28.91 -63.09 30.12
C LYS A 2135 27.96 -62.99 31.30
N THR A 2136 26.76 -62.47 31.07
CA THR A 2136 25.77 -62.41 32.14
C THR A 2136 25.24 -63.80 32.48
N MET A 2137 24.98 -64.62 31.46
CA MET A 2137 24.55 -66.00 31.68
C MET A 2137 25.55 -66.76 32.52
N ARG A 2138 26.84 -66.42 32.38
CA ARG A 2138 27.90 -67.13 33.09
C ARG A 2138 27.76 -67.08 34.61
N ARG A 2139 27.05 -66.09 35.15
CA ARG A 2139 26.93 -65.92 36.60
C ARG A 2139 25.50 -66.00 37.09
N VAL A 2140 24.55 -66.44 36.26
CA VAL A 2140 23.13 -66.46 36.61
C VAL A 2140 22.54 -67.85 36.41
N ASP A 2141 22.73 -68.44 35.24
CA ASP A 2141 21.99 -69.64 34.88
C ASP A 2141 22.63 -70.86 35.51
N PRO A 2142 21.94 -71.62 36.37
CA PRO A 2142 22.57 -72.80 36.98
C PRO A 2142 23.04 -73.84 35.98
N VAL A 2143 22.27 -74.08 34.91
CA VAL A 2143 22.64 -75.09 33.93
C VAL A 2143 23.91 -74.67 33.19
N TYR A 2144 23.93 -73.42 32.73
CA TYR A 2144 25.10 -72.90 32.04
C TYR A 2144 26.31 -72.90 32.96
N ILE A 2145 26.11 -72.55 34.23
CA ILE A 2145 27.21 -72.50 35.18
C ILE A 2145 27.79 -73.90 35.38
N HIS A 2146 26.91 -74.89 35.58
CA HIS A 2146 27.35 -76.27 35.73
C HIS A 2146 28.18 -76.71 34.53
N LEU A 2147 27.64 -76.50 33.32
CA LEU A 2147 28.34 -76.94 32.12
C LEU A 2147 29.67 -76.22 31.93
N ALA A 2148 29.69 -74.91 32.20
CA ALA A 2148 30.91 -74.13 31.98
C ALA A 2148 31.98 -74.46 33.00
N GLU A 2149 31.60 -74.67 34.25
CA GLU A 2149 32.56 -75.09 35.26
C GLU A 2149 33.10 -76.48 34.95
N ARG A 2150 32.26 -77.35 34.38
CA ARG A 2150 32.75 -78.68 34.03
C ARG A 2150 33.70 -78.62 32.84
N LEU A 2151 33.38 -77.82 31.82
CA LEU A 2151 34.22 -77.78 30.63
C LEU A 2151 35.60 -77.21 30.95
N GLY A 2152 35.67 -76.23 31.84
CA GLY A 2152 36.92 -75.67 32.28
C GLY A 2152 37.70 -76.51 33.28
N THR A 2153 37.20 -77.69 33.62
CA THR A 2153 37.88 -78.56 34.57
C THR A 2153 38.96 -79.37 33.85
N PRO A 2154 40.22 -79.34 34.28
CA PRO A 2154 41.25 -80.06 33.53
C PRO A 2154 41.17 -81.55 33.73
N GLU A 2155 41.81 -82.27 32.80
CA GLU A 2155 42.05 -83.71 32.91
C GLU A 2155 40.76 -84.51 33.04
N LEU A 2156 39.77 -84.18 32.19
CA LEU A 2156 38.55 -84.98 32.13
C LEU A 2156 38.57 -86.01 31.01
N SER A 2157 38.54 -85.53 29.77
CA SER A 2157 38.58 -86.34 28.56
C SER A 2157 38.29 -85.43 27.38
N THR A 2158 38.55 -85.93 26.18
CA THR A 2158 38.25 -85.14 24.98
C THR A 2158 36.75 -85.16 24.67
N ALA A 2159 36.13 -86.34 24.70
CA ALA A 2159 34.73 -86.45 24.33
C ALA A 2159 33.84 -85.68 25.30
N GLU A 2160 34.15 -85.74 26.59
CA GLU A 2160 33.38 -84.99 27.58
C GLU A 2160 33.46 -83.49 27.30
N ARG A 2161 34.66 -82.99 26.98
CA ARG A 2161 34.80 -81.58 26.65
C ARG A 2161 33.99 -81.21 25.42
N LYS A 2162 34.00 -82.06 24.39
CA LYS A 2162 33.23 -81.77 23.18
C LYS A 2162 31.73 -81.72 23.49
N GLU A 2163 31.22 -82.68 24.26
CA GLU A 2163 29.80 -82.69 24.60
C GLU A 2163 29.42 -81.46 25.42
N LEU A 2164 30.26 -81.10 26.40
CA LEU A 2164 29.98 -79.91 27.21
C LEU A 2164 29.98 -78.65 26.36
N GLU A 2165 30.92 -78.54 25.42
CA GLU A 2165 30.96 -77.36 24.55
C GLU A 2165 29.70 -77.25 23.70
N ASN A 2166 29.27 -78.37 23.12
CA ASN A 2166 28.04 -78.31 22.32
C ASN A 2166 26.83 -77.96 23.17
N LYS A 2167 26.74 -78.51 24.38
CA LYS A 2167 25.63 -78.16 25.26
C LYS A 2167 25.67 -76.68 25.64
N LEU A 2168 26.87 -76.14 25.84
CA LEU A 2168 27.00 -74.72 26.15
C LEU A 2168 26.53 -73.86 24.98
N LYS A 2169 26.91 -74.21 23.75
CA LYS A 2169 26.41 -73.46 22.59
C LYS A 2169 24.88 -73.51 22.52
N GLU A 2170 24.31 -74.69 22.77
CA GLU A 2170 22.85 -74.82 22.72
C GLU A 2170 22.20 -73.92 23.77
N ARG A 2171 22.74 -73.90 24.98
CA ARG A 2171 22.15 -73.06 26.04
C ARG A 2171 22.33 -71.58 25.73
N GLU A 2172 23.50 -71.21 25.20
CA GLU A 2172 23.76 -69.81 24.86
C GLU A 2172 22.75 -69.30 23.86
N GLU A 2173 22.43 -70.09 22.84
CA GLU A 2173 21.45 -69.62 21.86
C GLU A 2173 20.03 -69.74 22.40
N PHE A 2174 19.76 -70.76 23.22
CA PHE A 2174 18.41 -71.00 23.73
C PHE A 2174 17.96 -69.87 24.65
N LEU A 2175 18.85 -69.40 25.52
CA LEU A 2175 18.45 -68.47 26.58
C LEU A 2175 18.37 -67.01 26.15
N ILE A 2176 18.59 -66.69 24.87
CA ILE A 2176 18.73 -65.28 24.46
C ILE A 2176 17.47 -64.45 24.74
N PRO A 2177 16.25 -64.89 24.43
CA PRO A 2177 15.09 -64.00 24.63
C PRO A 2177 14.88 -63.54 26.07
N ILE A 2178 15.14 -64.40 27.04
CA ILE A 2178 14.88 -64.07 28.43
C ILE A 2178 15.90 -63.05 28.94
N TYR A 2179 17.18 -63.29 28.66
CA TYR A 2179 18.20 -62.33 29.07
C TYR A 2179 18.16 -61.05 28.24
N HIS A 2180 17.61 -61.11 27.03
CA HIS A 2180 17.36 -59.87 26.29
C HIS A 2180 16.31 -59.02 26.99
N GLN A 2181 15.22 -59.66 27.45
CA GLN A 2181 14.22 -58.92 28.20
C GLN A 2181 14.80 -58.38 29.50
N VAL A 2182 15.71 -59.15 30.12
CA VAL A 2182 16.38 -58.67 31.32
C VAL A 2182 17.20 -57.42 31.01
N ALA A 2183 17.91 -57.44 29.90
CA ALA A 2183 18.72 -56.28 29.52
C ALA A 2183 17.85 -55.07 29.25
N VAL A 2184 16.69 -55.28 28.64
CA VAL A 2184 15.78 -54.17 28.38
C VAL A 2184 15.28 -53.59 29.70
N GLN A 2185 14.98 -54.44 30.68
CA GLN A 2185 14.53 -53.94 31.97
C GLN A 2185 15.66 -53.19 32.67
N PHE A 2186 16.89 -53.71 32.58
CA PHE A 2186 18.04 -53.05 33.17
C PHE A 2186 18.23 -51.67 32.57
N ALA A 2187 18.05 -51.56 31.26
CA ALA A 2187 18.13 -50.27 30.59
C ALA A 2187 17.02 -49.34 31.04
N ASP A 2188 15.79 -49.87 31.17
CA ASP A 2188 14.67 -49.03 31.59
C ASP A 2188 14.85 -48.52 33.01
N LEU A 2189 15.61 -49.23 33.84
CA LEU A 2189 15.78 -48.80 35.22
C LEU A 2189 16.59 -47.52 35.37
N HIS A 2190 17.26 -47.06 34.32
CA HIS A 2190 18.03 -45.82 34.38
C HIS A 2190 17.38 -44.68 33.60
N ASP A 2191 16.11 -44.82 33.22
CA ASP A 2191 15.35 -43.78 32.54
C ASP A 2191 14.32 -43.13 33.45
N THR A 2192 14.47 -43.27 34.76
CA THR A 2192 13.46 -42.88 35.72
C THR A 2192 13.57 -41.41 36.09
N PRO A 2193 12.49 -40.81 36.60
CA PRO A 2193 12.55 -39.39 36.99
C PRO A 2193 13.36 -39.11 38.24
N GLY A 2194 13.58 -40.09 39.11
CA GLY A 2194 14.48 -39.88 40.23
C GLY A 2194 15.88 -39.54 39.79
N ARG A 2195 16.38 -40.19 38.76
CA ARG A 2195 17.68 -39.87 38.20
C ARG A 2195 17.69 -38.46 37.60
N MET A 2196 16.62 -38.09 36.90
CA MET A 2196 16.52 -36.74 36.35
C MET A 2196 16.49 -35.69 37.45
N GLN A 2197 15.84 -36.00 38.57
CA GLN A 2197 15.80 -35.06 39.70
C GLN A 2197 17.17 -34.95 40.36
N GLU A 2198 17.85 -36.08 40.58
CA GLU A 2198 19.19 -36.04 41.15
C GLU A 2198 20.18 -35.32 40.25
N LYS A 2199 20.07 -35.47 38.94
CA LYS A 2199 20.96 -34.78 38.02
C LYS A 2199 20.59 -33.31 37.84
N GLY A 2200 19.35 -32.95 38.11
CA GLY A 2200 18.94 -31.56 38.02
C GLY A 2200 18.43 -31.11 36.68
N VAL A 2201 17.81 -32.00 35.90
CA VAL A 2201 17.24 -31.65 34.61
C VAL A 2201 15.73 -31.46 34.66
N ILE A 2202 15.10 -31.68 35.82
CA ILE A 2202 13.72 -31.31 36.04
C ILE A 2202 13.63 -30.53 37.34
N SER A 2203 12.58 -29.72 37.46
CA SER A 2203 12.44 -28.87 38.62
C SER A 2203 11.87 -29.63 39.81
N ASP A 2204 10.97 -30.57 39.55
CA ASP A 2204 10.34 -31.34 40.61
C ASP A 2204 9.71 -32.57 40.00
N ILE A 2205 9.27 -33.48 40.85
CA ILE A 2205 8.52 -34.67 40.47
C ILE A 2205 7.13 -34.50 41.04
N LEU A 2206 6.13 -34.50 40.16
CA LEU A 2206 4.76 -34.21 40.53
C LEU A 2206 3.89 -35.46 40.45
N ASP A 2207 2.89 -35.49 41.32
CA ASP A 2207 1.79 -36.43 41.19
C ASP A 2207 0.76 -35.87 40.25
N TRP A 2208 0.27 -36.70 39.33
CA TRP A 2208 -0.65 -36.22 38.30
C TRP A 2208 -1.90 -35.62 38.92
N LYS A 2209 -2.47 -36.28 39.92
CA LYS A 2209 -3.80 -35.98 40.39
C LYS A 2209 -3.92 -34.58 40.96
N THR A 2210 -2.86 -34.08 41.59
CA THR A 2210 -2.88 -32.76 42.23
C THR A 2210 -2.22 -31.69 41.37
N SER A 2211 -1.88 -32.02 40.12
CA SER A 2211 -0.96 -31.19 39.36
C SER A 2211 -1.53 -29.79 39.10
N ARG A 2212 -2.85 -29.70 38.87
CA ARG A 2212 -3.49 -28.39 38.68
C ARG A 2212 -3.20 -27.47 39.86
N THR A 2213 -3.38 -27.99 41.07
CA THR A 2213 -3.18 -27.16 42.24
C THR A 2213 -1.75 -26.68 42.34
N PHE A 2214 -0.79 -27.49 41.89
CA PHE A 2214 0.56 -26.99 41.77
C PHE A 2214 0.64 -25.90 40.73
N PHE A 2215 0.18 -26.20 39.51
CA PHE A 2215 0.48 -25.35 38.37
C PHE A 2215 -0.30 -24.04 38.41
N TYR A 2216 -1.44 -24.02 39.08
CA TYR A 2216 -2.09 -22.74 39.37
C TYR A 2216 -1.17 -21.86 40.20
N TRP A 2217 -0.78 -22.32 41.37
CA TRP A 2217 -0.10 -21.43 42.31
C TRP A 2217 1.30 -21.11 41.86
N ARG A 2218 1.95 -22.02 41.14
CA ARG A 2218 3.20 -21.68 40.49
C ARG A 2218 2.98 -20.58 39.46
N LEU A 2219 2.02 -20.79 38.55
CA LEU A 2219 1.86 -19.88 37.43
C LEU A 2219 1.51 -18.48 37.89
N ARG A 2220 0.53 -18.38 38.79
CA ARG A 2220 0.16 -17.10 39.38
C ARG A 2220 1.36 -16.38 39.94
N ARG A 2221 2.15 -17.07 40.77
CA ARG A 2221 3.35 -16.47 41.34
C ARG A 2221 4.23 -15.90 40.24
N LEU A 2222 4.50 -16.72 39.22
CA LEU A 2222 5.38 -16.30 38.16
C LEU A 2222 4.83 -15.05 37.49
N LEU A 2223 3.53 -15.04 37.22
CA LEU A 2223 2.91 -13.87 36.62
C LEU A 2223 3.09 -12.65 37.52
N LEU A 2224 2.85 -12.80 38.81
CA LEU A 2224 3.07 -11.68 39.71
C LEU A 2224 4.52 -11.26 39.73
N GLU A 2225 5.44 -12.23 39.74
CA GLU A 2225 6.85 -11.87 39.69
C GLU A 2225 7.15 -11.13 38.40
N ASP A 2226 6.54 -11.58 37.29
CA ASP A 2226 6.79 -10.94 36.01
C ASP A 2226 6.39 -9.48 36.04
N LEU A 2227 5.43 -9.13 36.89
CA LEU A 2227 5.09 -7.73 37.03
C LEU A 2227 6.18 -6.98 37.77
N VAL A 2228 6.56 -7.44 38.96
CA VAL A 2228 7.46 -6.63 39.77
C VAL A 2228 8.84 -6.57 39.12
N LYS A 2229 9.31 -7.70 38.59
CA LYS A 2229 10.58 -7.71 37.87
C LYS A 2229 10.54 -6.71 36.72
N LYS A 2230 9.41 -6.66 36.00
CA LYS A 2230 9.30 -5.70 34.91
C LYS A 2230 9.48 -4.28 35.43
N LYS A 2231 8.80 -3.95 36.53
CA LYS A 2231 8.96 -2.62 37.11
C LYS A 2231 10.42 -2.39 37.49
N ILE A 2232 11.07 -3.40 38.07
CA ILE A 2232 12.47 -3.26 38.42
C ILE A 2232 13.28 -3.02 37.15
N HIS A 2233 12.95 -3.75 36.09
CA HIS A 2233 13.67 -3.56 34.83
C HIS A 2233 13.43 -2.16 34.29
N ASN A 2234 12.26 -1.60 34.56
CA ASN A 2234 12.00 -0.23 34.15
C ASN A 2234 12.74 0.77 35.04
N ALA A 2235 12.95 0.43 36.30
CA ALA A 2235 13.70 1.33 37.18
C ALA A 2235 15.18 1.38 36.80
N ASN A 2236 15.75 0.23 36.44
CA ASN A 2236 17.17 0.13 36.09
C ASN A 2236 17.30 -0.86 34.95
N PRO A 2237 17.17 -0.39 33.70
CA PRO A 2237 17.27 -1.32 32.56
C PRO A 2237 18.62 -2.01 32.38
N GLU A 2238 19.64 -1.65 33.15
CA GLU A 2238 20.96 -2.27 33.03
C GLU A 2238 21.10 -3.54 33.86
N LEU A 2239 20.12 -3.87 34.70
CA LEU A 2239 20.20 -5.06 35.53
C LEU A 2239 19.86 -6.31 34.73
N THR A 2240 20.52 -7.41 35.07
CA THR A 2240 20.22 -8.71 34.50
C THR A 2240 19.22 -9.44 35.40
N ASP A 2241 18.79 -10.62 34.96
CA ASP A 2241 17.66 -11.28 35.60
C ASP A 2241 18.03 -11.91 36.94
N GLY A 2242 19.24 -12.47 37.06
CA GLY A 2242 19.66 -13.02 38.34
C GLY A 2242 19.79 -11.94 39.41
N GLN A 2243 20.30 -10.77 39.03
CA GLN A 2243 20.35 -9.65 39.96
C GLN A 2243 18.97 -9.30 40.45
N ILE A 2244 17.99 -9.30 39.54
CA ILE A 2244 16.63 -8.91 39.89
C ILE A 2244 16.00 -9.95 40.81
N GLN A 2245 16.22 -11.24 40.52
CA GLN A 2245 15.73 -12.30 41.39
C GLN A 2245 16.32 -12.18 42.80
N ALA A 2246 17.63 -11.97 42.88
CA ALA A 2246 18.27 -11.83 44.19
C ALA A 2246 17.79 -10.57 44.91
N MET A 2247 17.59 -9.48 44.18
CA MET A 2247 17.04 -8.26 44.77
C MET A 2247 15.68 -8.52 45.38
N LEU A 2248 14.81 -9.25 44.66
CA LEU A 2248 13.49 -9.51 45.19
C LEU A 2248 13.56 -10.38 46.44
N ARG A 2249 14.42 -11.41 46.38
CA ARG A 2249 14.68 -12.25 47.55
C ARG A 2249 15.06 -11.39 48.76
N ARG A 2250 16.07 -10.54 48.56
CA ARG A 2250 16.57 -9.70 49.65
C ARG A 2250 15.49 -8.77 50.17
N TRP A 2251 14.73 -8.12 49.28
CA TRP A 2251 13.67 -7.24 49.73
C TRP A 2251 12.65 -7.99 50.57
N PHE A 2252 12.25 -9.19 50.11
CA PHE A 2252 11.30 -9.99 50.87
C PHE A 2252 11.81 -10.30 52.27
N VAL A 2253 13.05 -10.77 52.37
CA VAL A 2253 13.57 -11.16 53.68
C VAL A 2253 13.76 -9.93 54.55
N GLU A 2254 14.21 -8.82 53.96
CA GLU A 2254 14.46 -7.59 54.71
C GLU A 2254 13.17 -7.06 55.33
N VAL A 2255 12.07 -7.09 54.57
CA VAL A 2255 10.84 -6.51 55.08
C VAL A 2255 10.06 -7.48 55.97
N GLU A 2256 10.13 -8.79 55.71
CA GLU A 2256 9.38 -9.74 56.52
C GLU A 2256 10.16 -10.23 57.73
N GLY A 2257 11.47 -10.41 57.60
CA GLY A 2257 12.30 -10.93 58.66
C GLY A 2257 12.96 -12.24 58.27
N THR A 2258 14.09 -12.53 58.90
CA THR A 2258 14.87 -13.72 58.55
C THR A 2258 14.17 -14.99 59.01
N VAL A 2259 13.39 -14.93 60.08
CA VAL A 2259 12.67 -16.12 60.53
C VAL A 2259 11.69 -16.59 59.45
N LYS A 2260 11.15 -15.66 58.67
CA LYS A 2260 10.22 -15.97 57.60
C LYS A 2260 10.91 -16.17 56.25
N ALA A 2261 12.25 -16.19 56.22
CA ALA A 2261 12.96 -16.33 54.95
C ALA A 2261 12.64 -17.64 54.25
N TYR A 2262 12.23 -18.66 55.01
CA TYR A 2262 11.84 -19.93 54.40
C TYR A 2262 10.55 -19.80 53.60
N VAL A 2263 9.76 -18.75 53.83
CA VAL A 2263 8.54 -18.57 53.07
C VAL A 2263 8.89 -17.83 51.79
N TRP A 2264 9.61 -18.50 50.90
CA TRP A 2264 9.81 -18.02 49.54
C TRP A 2264 9.45 -19.11 48.56
N ASP A 2265 9.96 -20.33 48.82
CA ASP A 2265 9.68 -21.50 48.00
C ASP A 2265 8.33 -22.11 48.42
N ASN A 2266 7.32 -21.25 48.35
CA ASN A 2266 5.97 -21.57 48.81
C ASN A 2266 5.09 -20.69 47.94
N ASN A 2267 4.56 -21.27 46.87
CA ASN A 2267 3.99 -20.49 45.79
C ASN A 2267 2.80 -19.67 46.26
N LYS A 2268 1.98 -20.25 47.14
CA LYS A 2268 0.75 -19.59 47.56
C LYS A 2268 1.05 -18.40 48.46
N ASP A 2269 1.88 -18.58 49.47
CA ASP A 2269 2.13 -17.52 50.44
C ASP A 2269 2.83 -16.35 49.78
N LEU A 2270 3.80 -16.63 48.93
CA LEU A 2270 4.50 -15.56 48.23
C LEU A 2270 3.62 -14.91 47.17
N ALA A 2271 2.72 -15.66 46.52
CA ALA A 2271 1.82 -15.01 45.57
C ALA A 2271 0.89 -14.05 46.29
N GLU A 2272 0.39 -14.44 47.47
CA GLU A 2272 -0.43 -13.53 48.26
C GLU A 2272 0.36 -12.30 48.69
N TRP A 2273 1.61 -12.50 49.14
CA TRP A 2273 2.44 -11.37 49.54
C TRP A 2273 2.69 -10.41 48.37
N LEU A 2274 3.05 -10.94 47.21
CA LEU A 2274 3.32 -10.12 46.05
C LEU A 2274 2.07 -9.39 45.59
N GLU A 2275 0.92 -10.06 45.64
CA GLU A 2275 -0.35 -9.41 45.31
C GLU A 2275 -0.62 -8.26 46.24
N LYS A 2276 -0.41 -8.46 47.54
CA LYS A 2276 -0.61 -7.41 48.51
C LYS A 2276 0.32 -6.22 48.25
N GLN A 2277 1.57 -6.49 47.90
CA GLN A 2277 2.52 -5.40 47.70
C GLN A 2277 2.28 -4.66 46.39
N LEU A 2278 1.75 -5.32 45.37
CA LEU A 2278 1.59 -4.69 44.06
C LEU A 2278 0.24 -4.04 43.86
N THR A 2279 -0.82 -4.58 44.47
CA THR A 2279 -2.19 -4.16 44.20
C THR A 2279 -2.77 -3.26 45.28
N GLU A 2280 -2.12 -3.16 46.45
CA GLU A 2280 -2.64 -2.36 47.55
C GLU A 2280 -2.10 -0.94 47.47
N GLU A 2281 -3.02 0.03 47.53
CA GLU A 2281 -2.67 1.45 47.46
C GLU A 2281 -3.51 2.21 48.48
N ASP A 2282 -2.96 3.35 48.92
CA ASP A 2282 -3.56 4.16 49.98
C ASP A 2282 -3.81 3.31 51.22
N GLY A 2283 -2.83 2.44 51.52
CA GLY A 2283 -2.92 1.47 52.59
C GLY A 2283 -1.60 1.36 53.33
N VAL A 2284 -1.06 0.14 53.40
CA VAL A 2284 0.28 -0.06 53.95
C VAL A 2284 1.35 0.62 53.08
N HIS A 2285 1.00 1.03 51.85
CA HIS A 2285 1.79 1.90 50.99
C HIS A 2285 2.98 1.18 50.34
N SER A 2286 2.99 -0.16 50.38
CA SER A 2286 3.83 -0.94 49.47
C SER A 2286 5.32 -0.64 49.54
N VAL A 2287 5.96 -1.02 50.64
CA VAL A 2287 7.40 -0.82 50.83
C VAL A 2287 8.21 -1.25 49.61
N ILE A 2288 7.74 -2.26 48.89
CA ILE A 2288 8.38 -2.67 47.65
C ILE A 2288 8.33 -1.53 46.64
N GLU A 2289 7.23 -0.77 46.61
CA GLU A 2289 7.13 0.37 45.71
C GLU A 2289 8.17 1.43 46.03
N GLU A 2290 8.37 1.72 47.33
CA GLU A 2290 9.38 2.71 47.70
C GLU A 2290 10.78 2.22 47.35
N ASN A 2291 11.04 0.92 47.51
CA ASN A 2291 12.32 0.38 47.09
C ASN A 2291 12.52 0.54 45.59
N ILE A 2292 11.47 0.31 44.81
CA ILE A 2292 11.54 0.49 43.37
C ILE A 2292 11.83 1.96 43.03
N LYS A 2293 11.21 2.88 43.77
CA LYS A 2293 11.47 4.30 43.56
C LYS A 2293 12.93 4.65 43.86
N CYS A 2294 13.49 4.07 44.92
CA CYS A 2294 14.88 4.35 45.25
C CYS A 2294 15.81 3.82 44.16
N ILE A 2295 15.53 2.62 43.65
CA ILE A 2295 16.34 2.08 42.55
C ILE A 2295 16.25 2.98 41.33
N SER A 2296 15.04 3.47 41.02
CA SER A 2296 14.86 4.37 39.90
C SER A 2296 15.68 5.64 40.08
N ARG A 2297 15.61 6.25 41.27
CA ARG A 2297 16.32 7.48 41.54
C ARG A 2297 17.82 7.28 41.39
N ASP A 2298 18.35 6.19 41.96
CA ASP A 2298 19.77 5.93 41.86
C ASP A 2298 20.20 5.71 40.42
N TYR A 2299 19.38 5.01 39.63
CA TYR A 2299 19.70 4.81 38.22
C TYR A 2299 19.76 6.13 37.48
N VAL A 2300 18.78 7.00 37.71
CA VAL A 2300 18.74 8.29 36.99
C VAL A 2300 19.97 9.12 37.34
N LEU A 2301 20.31 9.15 38.63
CA LEU A 2301 21.49 9.90 39.07
C LEU A 2301 22.76 9.32 38.45
N LYS A 2302 22.89 8.00 38.45
CA LYS A 2302 24.05 7.35 37.83
C LYS A 2302 24.11 7.65 36.35
N GLN A 2303 22.97 7.72 35.68
CA GLN A 2303 22.98 8.00 34.25
C GLN A 2303 23.41 9.42 33.96
N ILE A 2304 22.97 10.37 34.79
CA ILE A 2304 23.42 11.75 34.60
C ILE A 2304 24.94 11.84 34.76
N ARG A 2305 25.46 11.26 35.85
CA ARG A 2305 26.89 11.33 36.09
C ARG A 2305 27.68 10.55 35.04
N SER A 2306 27.13 9.43 34.58
CA SER A 2306 27.78 8.66 33.53
C SER A 2306 27.85 9.45 32.23
N LEU A 2307 26.75 10.13 31.89
CA LEU A 2307 26.69 10.87 30.64
C LEU A 2307 27.67 12.02 30.64
N VAL A 2308 27.74 12.78 31.74
CA VAL A 2308 28.68 13.90 31.73
C VAL A 2308 30.12 13.43 31.94
N GLN A 2309 30.35 12.38 32.73
CA GLN A 2309 31.72 11.94 32.96
C GLN A 2309 32.40 11.49 31.67
N ALA A 2310 31.62 10.96 30.72
CA ALA A 2310 32.14 10.63 29.41
C ALA A 2310 32.30 11.86 28.52
N ASN A 2311 31.63 12.95 28.84
CA ASN A 2311 31.61 14.16 27.99
C ASN A 2311 31.66 15.38 28.89
N PRO A 2312 32.84 15.70 29.45
CA PRO A 2312 32.93 16.89 30.31
C PRO A 2312 32.61 18.19 29.60
N GLU A 2313 32.72 18.24 28.27
CA GLU A 2313 32.60 19.49 27.53
C GLU A 2313 31.24 20.16 27.66
N VAL A 2314 30.24 19.49 28.21
CA VAL A 2314 28.89 20.04 28.39
C VAL A 2314 28.60 20.37 29.85
N ALA A 2315 29.55 20.11 30.75
CA ALA A 2315 29.28 20.18 32.19
C ALA A 2315 28.79 21.56 32.62
N MET A 2316 29.44 22.61 32.14
CA MET A 2316 29.08 23.96 32.53
C MET A 2316 27.68 24.36 32.06
N ASP A 2317 27.13 23.67 31.05
CA ASP A 2317 25.77 23.94 30.62
C ASP A 2317 24.74 23.18 31.43
N SER A 2318 25.12 22.03 32.00
CA SER A 2318 24.18 21.24 32.77
C SER A 2318 24.03 21.76 34.19
N ILE A 2319 25.08 22.35 34.74
CA ILE A 2319 25.02 22.89 36.10
C ILE A 2319 24.00 24.01 36.17
N ILE A 2320 24.10 24.98 35.25
CA ILE A 2320 23.31 26.20 35.32
C ILE A 2320 21.83 25.89 35.29
N HIS A 2321 21.40 25.04 34.35
CA HIS A 2321 20.00 24.66 34.24
C HIS A 2321 19.47 24.06 35.53
N MET A 2322 20.31 23.33 36.26
CA MET A 2322 19.86 22.69 37.48
C MET A 2322 19.88 23.61 38.69
N THR A 2323 20.29 24.87 38.52
CA THR A 2323 20.22 25.86 39.57
C THR A 2323 19.02 26.79 39.40
N GLN A 2324 18.19 26.55 38.39
CA GLN A 2324 17.01 27.36 38.11
C GLN A 2324 15.75 26.85 38.78
N HIS A 2325 15.76 25.62 39.32
CA HIS A 2325 14.59 24.99 39.92
C HIS A 2325 14.94 24.36 41.27
N ILE A 2326 15.72 25.10 42.08
CA ILE A 2326 16.12 24.66 43.41
C ILE A 2326 15.77 25.76 44.41
N SER A 2327 15.72 25.37 45.68
CA SER A 2327 15.42 26.31 46.73
C SER A 2327 16.64 27.18 47.03
N PRO A 2328 16.45 28.31 47.74
CA PRO A 2328 17.61 29.13 48.11
C PRO A 2328 18.65 28.39 48.95
N THR A 2329 18.22 27.51 49.85
CA THR A 2329 19.17 26.78 50.68
C THR A 2329 20.01 25.82 49.85
N GLN A 2330 19.41 25.22 48.83
CA GLN A 2330 20.17 24.35 47.94
C GLN A 2330 21.17 25.15 47.12
N ARG A 2331 20.82 26.38 46.73
CA ARG A 2331 21.78 27.24 46.06
C ARG A 2331 22.93 27.61 47.00
N ALA A 2332 22.62 27.87 48.27
CA ALA A 2332 23.68 28.09 49.24
C ALA A 2332 24.60 26.88 49.37
N GLU A 2333 24.01 25.68 49.38
CA GLU A 2333 24.82 24.46 49.42
C GLU A 2333 25.70 24.35 48.18
N VAL A 2334 25.15 24.69 47.01
CA VAL A 2334 25.91 24.61 45.77
C VAL A 2334 27.10 25.57 45.82
N ILE A 2335 26.89 26.78 46.33
CA ILE A 2335 27.96 27.77 46.31
C ILE A 2335 29.01 27.45 47.36
N ARG A 2336 28.57 27.08 48.57
CA ARG A 2336 29.50 26.88 49.68
C ARG A 2336 30.35 25.63 49.47
N ILE A 2337 29.77 24.57 48.94
CA ILE A 2337 30.46 23.29 48.85
C ILE A 2337 31.38 23.33 47.65
N LYS B 1580 53.70 -45.73 19.60
CA LYS B 1580 52.91 -44.65 19.01
C LYS B 1580 52.25 -43.86 20.17
N ASP B 1581 51.29 -44.52 20.84
CA ASP B 1581 50.69 -44.21 22.14
C ASP B 1581 49.73 -43.03 22.00
N LEU B 1582 49.96 -42.08 21.09
CA LEU B 1582 48.97 -41.32 20.37
C LEU B 1582 49.53 -40.97 19.00
N LEU B 1583 48.74 -40.22 18.22
CA LEU B 1583 49.12 -39.41 17.05
C LEU B 1583 49.53 -40.21 15.81
N GLN B 1584 49.91 -41.48 15.96
CA GLN B 1584 50.07 -42.36 14.81
C GLN B 1584 49.33 -43.67 15.07
N SER B 1585 48.24 -43.56 15.83
CA SER B 1585 47.35 -44.69 16.05
C SER B 1585 45.90 -44.24 15.90
N LYS B 1586 45.66 -42.96 16.21
CA LYS B 1586 44.38 -42.30 16.05
C LYS B 1586 44.18 -41.84 14.61
N ARG B 1587 45.26 -41.45 13.93
CA ARG B 1587 45.17 -41.10 12.51
C ARG B 1587 44.68 -42.28 11.69
N PHE B 1588 45.19 -43.47 11.99
CA PHE B 1588 44.76 -44.66 11.27
C PHE B 1588 43.29 -44.96 11.53
N GLN B 1589 42.86 -44.87 12.79
CA GLN B 1589 41.46 -45.10 13.11
C GLN B 1589 40.55 -44.08 12.44
N ALA B 1590 40.98 -42.81 12.39
CA ALA B 1590 40.20 -41.79 11.69
C ALA B 1590 40.13 -42.09 10.20
N GLN B 1591 41.25 -42.51 9.61
CA GLN B 1591 41.28 -42.79 8.18
C GLN B 1591 40.41 -43.98 7.83
N SER B 1592 40.31 -44.95 8.73
CA SER B 1592 39.46 -46.11 8.47
C SER B 1592 37.98 -45.75 8.38
N LEU B 1593 37.59 -44.57 8.86
CA LEU B 1593 36.21 -44.12 8.85
C LEU B 1593 35.93 -43.15 7.71
N GLY B 1594 36.93 -42.81 6.90
CA GLY B 1594 36.74 -41.90 5.80
C GLY B 1594 36.90 -40.43 6.12
N THR B 1595 37.53 -40.10 7.24
CA THR B 1595 37.77 -38.72 7.63
C THR B 1595 39.21 -38.57 8.10
N THR B 1596 39.62 -37.33 8.28
CA THR B 1596 40.95 -37.03 8.77
C THR B 1596 40.97 -37.08 10.28
N TYR B 1597 42.17 -37.02 10.84
CA TYR B 1597 42.29 -36.79 12.27
C TYR B 1597 42.07 -35.31 12.55
N ILE B 1598 41.49 -35.04 13.71
CA ILE B 1598 41.03 -33.70 14.05
C ILE B 1598 42.18 -32.69 14.04
N TYR B 1599 43.36 -33.07 14.52
CA TYR B 1599 44.47 -32.15 14.63
C TYR B 1599 45.17 -31.90 13.29
N ASP B 1600 44.64 -32.45 12.20
CA ASP B 1600 45.05 -32.06 10.85
C ASP B 1600 44.20 -30.93 10.29
N ILE B 1601 43.09 -30.59 10.94
CA ILE B 1601 42.27 -29.46 10.48
C ILE B 1601 43.08 -28.18 10.34
N PRO B 1602 43.96 -27.80 11.27
CA PRO B 1602 44.77 -26.59 11.02
C PRO B 1602 45.69 -26.69 9.82
N GLU B 1603 46.34 -27.83 9.58
CA GLU B 1603 47.28 -27.88 8.48
C GLU B 1603 46.58 -27.73 7.14
N MET B 1604 45.50 -28.50 6.96
CA MET B 1604 44.64 -28.31 5.81
C MET B 1604 44.23 -26.87 5.66
N PHE B 1605 43.88 -26.23 6.78
CA PHE B 1605 43.44 -24.85 6.76
C PHE B 1605 44.51 -23.98 6.14
N ARG B 1606 45.75 -24.13 6.60
CA ARG B 1606 46.84 -23.33 6.04
C ARG B 1606 46.98 -23.59 4.55
N GLN B 1607 46.95 -24.86 4.16
CA GLN B 1607 47.14 -25.17 2.76
C GLN B 1607 45.97 -24.65 1.93
N SER B 1608 44.76 -24.69 2.48
CA SER B 1608 43.65 -24.15 1.71
C SER B 1608 43.81 -22.65 1.51
N LEU B 1609 44.36 -21.95 2.51
CA LEU B 1609 44.57 -20.52 2.34
C LEU B 1609 45.50 -20.27 1.17
N ILE B 1610 46.51 -21.14 1.01
CA ILE B 1610 47.45 -20.98 -0.10
C ILE B 1610 46.69 -21.04 -1.41
N LYS B 1611 45.84 -22.05 -1.55
CA LYS B 1611 45.06 -22.19 -2.76
C LYS B 1611 44.18 -20.98 -2.98
N LEU B 1612 43.61 -20.44 -1.91
CA LEU B 1612 42.75 -19.28 -2.03
C LEU B 1612 43.52 -18.12 -2.62
N TRP B 1613 44.71 -17.85 -2.08
CA TRP B 1613 45.51 -16.72 -2.58
C TRP B 1613 45.81 -16.88 -4.07
N GLU B 1614 45.94 -18.13 -4.53
CA GLU B 1614 46.19 -18.36 -5.95
C GLU B 1614 44.88 -18.30 -6.73
N SER B 1615 43.82 -18.92 -6.21
CA SER B 1615 42.59 -19.06 -6.97
C SER B 1615 41.99 -17.69 -7.29
N MET B 1616 42.06 -16.78 -6.35
CA MET B 1616 41.54 -15.43 -6.53
C MET B 1616 42.51 -14.52 -7.27
N SER B 1617 43.72 -14.98 -7.59
CA SER B 1617 44.71 -14.07 -8.19
C SER B 1617 44.29 -13.61 -9.57
N THR B 1618 43.38 -14.32 -10.22
CA THR B 1618 42.83 -13.94 -11.51
C THR B 1618 41.65 -12.99 -11.38
N GLN B 1619 41.20 -12.68 -10.17
CA GLN B 1619 40.04 -11.83 -9.94
C GLN B 1619 40.37 -10.46 -9.38
N ALA B 1620 41.58 -10.24 -8.88
CA ALA B 1620 41.92 -8.94 -8.33
C ALA B 1620 43.41 -8.68 -8.39
N PHE B 1621 43.76 -7.40 -8.31
CA PHE B 1621 45.16 -6.97 -8.24
C PHE B 1621 45.60 -7.08 -6.78
N LEU B 1622 45.80 -8.33 -6.35
CA LEU B 1622 46.10 -8.63 -4.96
C LEU B 1622 47.56 -8.30 -4.64
N PRO B 1623 47.87 -7.90 -3.42
CA PRO B 1623 49.27 -7.68 -3.07
C PRO B 1623 50.02 -9.00 -2.94
N SER B 1624 51.34 -8.90 -2.77
CA SER B 1624 52.19 -10.07 -2.66
C SER B 1624 51.75 -10.91 -1.45
N PRO B 1625 51.59 -12.23 -1.60
CA PRO B 1625 51.07 -13.00 -0.49
C PRO B 1625 52.07 -13.10 0.65
N PRO B 1626 51.63 -13.46 1.85
CA PRO B 1626 52.58 -13.70 2.93
C PRO B 1626 53.20 -15.07 2.79
N LEU B 1627 54.32 -15.27 3.48
CA LEU B 1627 54.91 -16.58 3.54
C LEU B 1627 53.96 -17.53 4.26
N PRO B 1628 53.93 -18.82 3.93
CA PRO B 1628 53.03 -19.74 4.64
C PRO B 1628 53.22 -19.74 6.15
N SER B 1629 54.45 -19.53 6.63
CA SER B 1629 54.69 -19.47 8.06
C SER B 1629 54.00 -18.27 8.72
N ASP B 1630 53.74 -17.20 7.97
CA ASP B 1630 53.07 -16.02 8.49
C ASP B 1630 51.63 -15.91 8.03
N MET B 1631 51.10 -16.92 7.36
CA MET B 1631 49.75 -16.90 6.83
C MET B 1631 48.71 -17.32 7.85
N LEU B 1632 49.12 -17.99 8.92
CA LEU B 1632 48.19 -18.57 9.86
C LEU B 1632 48.86 -18.68 11.23
N THR B 1633 48.20 -18.14 12.25
CA THR B 1633 48.65 -18.30 13.63
C THR B 1633 47.43 -18.57 14.49
N TYR B 1634 47.53 -19.57 15.36
CA TYR B 1634 46.35 -20.06 16.05
C TYR B 1634 46.70 -20.57 17.44
N THR B 1635 45.68 -20.52 18.31
CA THR B 1635 45.79 -20.95 19.69
C THR B 1635 44.65 -21.87 20.03
N GLU B 1636 44.92 -22.94 20.77
CA GLU B 1636 43.89 -23.89 21.13
C GLU B 1636 43.12 -23.39 22.34
N LEU B 1637 41.81 -23.57 22.33
CA LEU B 1637 40.96 -23.22 23.45
C LEU B 1637 40.72 -24.48 24.26
N VAL B 1638 41.10 -24.44 25.54
CA VAL B 1638 40.90 -25.56 26.45
C VAL B 1638 40.14 -25.08 27.66
N LEU B 1639 39.45 -26.01 28.31
CA LEU B 1639 38.72 -25.68 29.52
C LEU B 1639 39.63 -25.76 30.73
N ASP B 1640 39.48 -24.80 31.64
CA ASP B 1640 40.17 -24.85 32.92
C ASP B 1640 39.29 -25.64 33.91
N ASP B 1641 39.67 -25.62 35.18
CA ASP B 1641 38.94 -26.38 36.18
C ASP B 1641 37.62 -25.74 36.59
N GLN B 1642 37.34 -24.51 36.13
CA GLN B 1642 36.14 -23.78 36.52
C GLN B 1642 35.07 -23.76 35.44
N GLY B 1643 35.44 -24.01 34.18
CA GLY B 1643 34.52 -23.90 33.06
C GLY B 1643 34.82 -22.78 32.10
N GLN B 1644 35.98 -22.13 32.24
CA GLN B 1644 36.37 -21.00 31.43
C GLN B 1644 37.47 -21.40 30.46
N LEU B 1645 37.59 -20.62 29.39
CA LEU B 1645 38.54 -20.92 28.34
C LEU B 1645 39.95 -20.46 28.69
N VAL B 1646 40.92 -21.19 28.16
CA VAL B 1646 42.33 -20.86 28.27
C VAL B 1646 42.92 -20.98 26.87
N HIS B 1647 43.64 -19.93 26.47
CA HIS B 1647 44.33 -19.89 25.18
C HIS B 1647 45.67 -20.56 25.38
N MET B 1648 45.73 -21.84 25.02
CA MET B 1648 46.87 -22.68 25.28
C MET B 1648 47.65 -22.95 23.99
N ASN B 1649 48.97 -22.98 24.15
CA ASN B 1649 49.91 -23.46 23.15
C ASN B 1649 50.46 -24.77 23.67
N ARG B 1650 50.14 -25.87 22.99
CA ARG B 1650 50.58 -27.19 23.43
C ARG B 1650 50.73 -28.07 22.21
N LEU B 1651 51.45 -29.18 22.40
CA LEU B 1651 51.61 -30.12 21.30
C LEU B 1651 50.28 -30.79 20.99
N PRO B 1652 50.06 -31.22 19.75
CA PRO B 1652 48.79 -31.87 19.42
C PRO B 1652 48.65 -33.22 20.11
N GLY B 1653 47.40 -33.66 20.19
CA GLY B 1653 47.07 -34.95 20.76
C GLY B 1653 46.89 -34.97 22.25
N GLY B 1654 47.00 -33.84 22.92
CA GLY B 1654 46.88 -33.78 24.36
C GLY B 1654 45.46 -33.64 24.86
N ASN B 1655 44.47 -33.88 24.01
CA ASN B 1655 43.08 -33.65 24.38
C ASN B 1655 42.55 -34.76 25.27
N GLU B 1656 41.95 -34.37 26.39
CA GLU B 1656 41.32 -35.27 27.34
C GLU B 1656 39.83 -35.46 27.11
N ILE B 1657 39.24 -34.76 26.14
CA ILE B 1657 37.82 -34.92 25.81
C ILE B 1657 37.68 -35.02 24.29
N GLY B 1658 36.46 -35.32 23.87
CA GLY B 1658 36.10 -35.51 22.49
C GLY B 1658 35.78 -34.28 21.68
N MET B 1659 36.12 -33.08 22.16
CA MET B 1659 35.91 -31.84 21.44
C MET B 1659 37.15 -30.99 21.52
N VAL B 1660 37.55 -30.41 20.39
CA VAL B 1660 38.69 -29.50 20.32
C VAL B 1660 38.26 -28.25 19.57
N ALA B 1661 38.73 -27.11 20.04
CA ALA B 1661 38.40 -25.85 19.41
C ALA B 1661 39.62 -24.94 19.41
N TRP B 1662 39.64 -24.04 18.44
CA TRP B 1662 40.76 -23.13 18.21
C TRP B 1662 40.24 -21.73 17.94
N LYS B 1663 41.09 -20.76 18.23
CA LYS B 1663 41.00 -19.43 17.66
C LYS B 1663 42.10 -19.29 16.62
N MET B 1664 41.72 -19.13 15.36
CA MET B 1664 42.67 -18.94 14.27
C MET B 1664 42.61 -17.51 13.77
N THR B 1665 43.77 -16.86 13.72
CA THR B 1665 43.96 -15.63 12.97
C THR B 1665 44.70 -15.95 11.68
N PHE B 1666 44.26 -15.34 10.59
CA PHE B 1666 44.94 -15.49 9.33
C PHE B 1666 44.74 -14.27 8.46
N LYS B 1667 45.52 -14.23 7.39
CA LYS B 1667 45.43 -13.23 6.34
C LYS B 1667 44.88 -13.91 5.10
N SER B 1668 43.96 -13.23 4.43
CA SER B 1668 43.34 -13.72 3.20
C SER B 1668 43.36 -12.58 2.19
N PRO B 1669 43.12 -12.88 0.90
CA PRO B 1669 43.19 -11.81 -0.12
C PRO B 1669 42.34 -10.60 0.16
N GLU B 1670 41.07 -10.79 0.51
CA GLU B 1670 40.19 -9.68 0.89
C GLU B 1670 40.58 -9.02 2.20
N TYR B 1671 41.36 -9.68 3.05
CA TYR B 1671 41.76 -9.16 4.36
C TYR B 1671 43.25 -9.37 4.53
N PRO B 1672 44.09 -8.48 3.96
CA PRO B 1672 45.55 -8.70 4.01
C PRO B 1672 46.14 -8.72 5.41
N GLU B 1673 45.52 -8.02 6.36
CA GLU B 1673 46.04 -7.93 7.73
C GLU B 1673 44.86 -8.10 8.70
N GLY B 1674 44.62 -9.35 9.11
CA GLY B 1674 43.64 -9.65 10.13
C GLY B 1674 42.36 -10.27 9.65
N ARG B 1675 42.11 -11.48 10.11
CA ARG B 1675 40.84 -12.18 9.90
C ARG B 1675 40.75 -13.34 10.89
N ASP B 1676 39.73 -13.33 11.75
CA ASP B 1676 39.68 -14.23 12.91
C ASP B 1676 38.47 -15.14 12.82
N ILE B 1677 38.64 -16.37 13.28
CA ILE B 1677 37.54 -17.33 13.38
C ILE B 1677 37.75 -18.22 14.59
N ILE B 1678 36.64 -18.83 15.02
CA ILE B 1678 36.61 -19.84 16.05
C ILE B 1678 36.21 -21.13 15.36
N VAL B 1679 37.05 -22.16 15.48
CA VAL B 1679 36.83 -23.44 14.85
C VAL B 1679 36.54 -24.46 15.94
N ILE B 1680 35.53 -25.29 15.72
CA ILE B 1680 35.10 -26.30 16.68
C ILE B 1680 35.03 -27.63 15.94
N GLY B 1681 35.53 -28.68 16.56
CA GLY B 1681 35.50 -29.99 15.94
C GLY B 1681 35.37 -31.13 16.92
N ASN B 1682 34.68 -32.17 16.49
CA ASN B 1682 34.65 -33.45 17.18
C ASN B 1682 35.88 -34.30 16.86
N ASP B 1683 36.29 -35.09 17.84
CA ASP B 1683 37.34 -36.09 17.69
C ASP B 1683 36.67 -37.45 17.58
N ILE B 1684 36.67 -38.02 16.38
CA ILE B 1684 35.92 -39.24 16.12
C ILE B 1684 36.54 -40.44 16.83
N THR B 1685 37.78 -40.32 17.29
CA THR B 1685 38.52 -41.43 17.88
C THR B 1685 38.50 -41.47 19.40
N TYR B 1686 37.96 -40.45 20.05
CA TYR B 1686 37.75 -40.46 21.51
C TYR B 1686 36.33 -40.89 21.81
N ARG B 1687 36.14 -42.18 22.11
CA ARG B 1687 34.87 -42.67 22.62
C ARG B 1687 33.80 -42.30 21.61
N ILE B 1688 33.80 -43.05 20.52
CA ILE B 1688 33.66 -42.54 19.14
C ILE B 1688 32.69 -41.38 19.03
N GLY B 1689 33.15 -40.27 18.50
CA GLY B 1689 32.23 -39.19 18.25
C GLY B 1689 31.64 -38.54 19.48
N SER B 1690 30.65 -39.24 20.07
CA SER B 1690 29.66 -38.83 21.07
C SER B 1690 29.94 -37.64 21.98
N PHE B 1691 28.90 -36.81 22.19
CA PHE B 1691 28.99 -35.59 23.00
C PHE B 1691 28.83 -35.93 24.48
N GLY B 1692 29.75 -35.40 25.28
CA GLY B 1692 29.67 -35.44 26.71
C GLY B 1692 29.42 -34.06 27.28
N PRO B 1693 29.29 -33.97 28.61
CA PRO B 1693 29.09 -32.66 29.24
C PRO B 1693 30.23 -31.69 29.01
N GLN B 1694 31.47 -32.19 28.99
CA GLN B 1694 32.62 -31.33 28.76
C GLN B 1694 32.75 -30.92 27.31
N GLU B 1695 32.42 -31.80 26.36
CA GLU B 1695 32.35 -31.40 24.97
C GLU B 1695 31.29 -30.32 24.76
N ASP B 1696 30.12 -30.49 25.36
CA ASP B 1696 29.07 -29.48 25.26
C ASP B 1696 29.49 -28.16 25.87
N LEU B 1697 30.18 -28.22 27.01
CA LEU B 1697 30.65 -27.00 27.65
C LEU B 1697 31.68 -26.28 26.80
N LEU B 1698 32.61 -27.03 26.19
CA LEU B 1698 33.60 -26.40 25.34
C LEU B 1698 32.95 -25.78 24.11
N PHE B 1699 31.97 -26.47 23.53
CA PHE B 1699 31.22 -25.91 22.41
C PHE B 1699 30.57 -24.60 22.80
N LEU B 1700 29.91 -24.58 23.96
CA LEU B 1700 29.22 -23.39 24.41
C LEU B 1700 30.18 -22.23 24.66
N ARG B 1701 31.32 -22.51 25.30
CA ARG B 1701 32.26 -21.43 25.59
C ARG B 1701 32.91 -20.90 24.32
N ALA B 1702 33.29 -21.78 23.40
CA ALA B 1702 33.86 -21.31 22.15
C ALA B 1702 32.86 -20.49 21.35
N SER B 1703 31.59 -20.89 21.36
CA SER B 1703 30.58 -20.12 20.66
C SER B 1703 30.35 -18.77 21.32
N GLU B 1704 30.32 -18.73 22.65
CA GLU B 1704 30.20 -17.47 23.37
C GLU B 1704 31.35 -16.53 23.05
N LEU B 1705 32.56 -17.08 22.96
CA LEU B 1705 33.70 -16.28 22.55
C LEU B 1705 33.50 -15.71 21.16
N ALA B 1706 33.05 -16.54 20.22
CA ALA B 1706 32.76 -16.06 18.87
C ALA B 1706 31.74 -14.93 18.86
N ARG B 1707 30.68 -15.06 19.66
CA ARG B 1707 29.66 -14.00 19.67
C ARG B 1707 30.16 -12.73 20.34
N ALA B 1708 30.87 -12.85 21.46
CA ALA B 1708 31.45 -11.68 22.10
C ALA B 1708 32.42 -10.95 21.19
N GLU B 1709 33.23 -11.69 20.44
CA GLU B 1709 34.11 -11.08 19.46
C GLU B 1709 33.37 -10.72 18.17
N GLY B 1710 32.20 -11.32 17.93
CA GLY B 1710 31.46 -11.05 16.73
C GLY B 1710 32.01 -11.68 15.47
N ILE B 1711 32.77 -12.77 15.59
CA ILE B 1711 33.51 -13.35 14.49
C ILE B 1711 32.85 -14.66 14.11
N PRO B 1712 33.14 -15.21 12.93
CA PRO B 1712 32.46 -16.41 12.48
C PRO B 1712 32.73 -17.62 13.34
N ARG B 1713 31.78 -18.56 13.32
CA ARG B 1713 31.94 -19.87 13.94
C ARG B 1713 31.90 -20.95 12.87
N ILE B 1714 32.89 -21.84 12.93
CA ILE B 1714 33.03 -22.95 12.00
C ILE B 1714 33.00 -24.23 12.81
N TYR B 1715 32.13 -25.17 12.42
CA TYR B 1715 31.92 -26.41 13.15
C TYR B 1715 32.13 -27.59 12.21
N VAL B 1716 33.09 -28.46 12.56
CA VAL B 1716 33.39 -29.66 11.80
C VAL B 1716 32.80 -30.83 12.56
N SER B 1717 31.77 -31.45 12.01
CA SER B 1717 31.01 -32.47 12.70
C SER B 1717 31.46 -33.85 12.27
N ALA B 1718 31.95 -34.62 13.22
CA ALA B 1718 32.04 -36.05 13.04
C ALA B 1718 31.77 -36.71 14.38
N ASN B 1719 30.50 -37.08 14.59
CA ASN B 1719 30.02 -37.48 15.90
C ASN B 1719 29.06 -38.66 15.73
N SER B 1720 28.68 -39.24 16.84
CA SER B 1720 27.71 -40.30 16.83
C SER B 1720 26.66 -40.03 17.86
N GLY B 1721 26.24 -38.78 17.94
CA GLY B 1721 25.19 -38.37 18.84
C GLY B 1721 25.56 -38.11 20.28
N ALA B 1722 24.55 -38.06 21.14
CA ALA B 1722 24.76 -37.84 22.56
C ALA B 1722 25.49 -39.05 23.07
N ARG B 1723 25.88 -39.04 24.32
CA ARG B 1723 26.57 -40.17 24.89
C ARG B 1723 25.60 -41.02 25.68
N ILE B 1724 25.69 -42.32 25.51
CA ILE B 1724 24.80 -43.23 26.21
C ILE B 1724 25.68 -44.13 27.07
N GLY B 1725 25.05 -44.79 28.03
CA GLY B 1725 25.80 -45.72 28.84
C GLY B 1725 24.93 -46.38 29.87
N LEU B 1726 25.50 -47.41 30.47
CA LEU B 1726 24.90 -48.15 31.56
C LEU B 1726 25.76 -48.01 32.80
N ALA B 1727 25.17 -48.31 33.95
CA ALA B 1727 25.91 -48.43 35.20
C ALA B 1727 26.60 -49.78 35.18
N GLU B 1728 27.90 -49.77 34.91
CA GLU B 1728 28.60 -51.01 34.60
C GLU B 1728 28.73 -51.93 35.80
N GLU B 1729 29.03 -51.37 36.97
CA GLU B 1729 29.13 -52.21 38.16
C GLU B 1729 27.81 -52.94 38.42
N ILE B 1730 26.69 -52.22 38.35
CA ILE B 1730 25.39 -52.84 38.62
C ILE B 1730 25.09 -53.91 37.58
N ARG B 1731 25.44 -53.65 36.31
CA ARG B 1731 25.23 -54.64 35.26
C ARG B 1731 26.03 -55.90 35.55
N HIS B 1732 27.18 -55.74 36.21
CA HIS B 1732 27.98 -56.91 36.56
C HIS B 1732 27.53 -57.61 37.85
N MET B 1733 26.82 -56.94 38.74
CA MET B 1733 26.52 -57.49 40.08
C MET B 1733 25.03 -57.60 40.38
N PHE B 1734 24.16 -57.61 39.36
CA PHE B 1734 22.73 -57.81 39.59
C PHE B 1734 22.34 -59.28 39.44
N HIS B 1735 21.25 -59.64 40.13
CA HIS B 1735 20.65 -60.95 40.05
C HIS B 1735 19.19 -60.83 39.67
N VAL B 1736 18.64 -61.91 39.13
CA VAL B 1736 17.26 -61.97 38.66
C VAL B 1736 16.45 -62.82 39.64
N ALA B 1737 15.27 -62.32 40.03
CA ALA B 1737 14.32 -63.07 40.84
C ALA B 1737 13.36 -63.78 39.90
N TRP B 1738 13.53 -65.10 39.76
CA TRP B 1738 12.76 -65.86 38.80
C TRP B 1738 11.44 -66.34 39.38
N VAL B 1739 10.43 -66.49 38.49
CA VAL B 1739 9.19 -67.15 38.87
C VAL B 1739 9.46 -68.63 39.16
N ASP B 1740 10.19 -69.29 38.26
CA ASP B 1740 10.56 -70.70 38.40
C ASP B 1740 12.07 -70.83 38.15
N PRO B 1741 12.91 -70.93 39.18
CA PRO B 1741 14.36 -71.02 38.93
C PRO B 1741 14.78 -72.22 38.11
N GLU B 1742 13.96 -73.26 38.02
CA GLU B 1742 14.24 -74.42 37.18
C GLU B 1742 13.73 -74.26 35.76
N ASP B 1743 12.96 -73.21 35.47
CA ASP B 1743 12.46 -72.94 34.11
C ASP B 1743 12.37 -71.43 33.94
N PRO B 1744 13.37 -70.80 33.30
CA PRO B 1744 13.32 -69.34 33.18
C PRO B 1744 12.28 -68.82 32.22
N TYR B 1745 11.56 -69.67 31.48
CA TYR B 1745 10.55 -69.22 30.55
C TYR B 1745 9.18 -69.07 31.21
N LYS B 1746 9.07 -69.30 32.51
CA LYS B 1746 7.89 -68.90 33.26
C LYS B 1746 7.99 -67.45 33.71
N GLY B 1747 9.06 -66.74 33.32
CA GLY B 1747 9.21 -65.33 33.61
C GLY B 1747 10.03 -65.07 34.84
N TYR B 1748 10.19 -63.77 35.13
CA TYR B 1748 10.88 -63.30 36.31
C TYR B 1748 10.12 -62.12 36.88
N ARG B 1749 10.27 -61.90 38.18
CA ARG B 1749 9.52 -60.86 38.88
C ARG B 1749 10.27 -59.54 38.97
N TYR B 1750 11.56 -59.56 39.29
CA TYR B 1750 12.28 -58.31 39.50
C TYR B 1750 13.78 -58.57 39.43
N LEU B 1751 14.54 -57.48 39.42
CA LEU B 1751 15.98 -57.49 39.47
C LEU B 1751 16.45 -56.93 40.81
N TYR B 1752 17.50 -57.54 41.38
CA TYR B 1752 17.88 -57.21 42.74
C TYR B 1752 19.38 -57.34 42.94
N LEU B 1753 19.83 -56.75 44.03
CA LEU B 1753 21.17 -56.94 44.58
C LEU B 1753 21.09 -57.71 45.89
N THR B 1754 22.20 -58.35 46.25
CA THR B 1754 22.36 -58.94 47.55
C THR B 1754 23.01 -57.95 48.51
N PRO B 1755 22.85 -58.12 49.83
CA PRO B 1755 23.43 -57.15 50.76
C PRO B 1755 24.94 -57.04 50.67
N GLN B 1756 25.63 -58.15 50.39
CA GLN B 1756 27.08 -58.14 50.28
C GLN B 1756 27.56 -57.17 49.21
N ASP B 1757 26.83 -57.09 48.10
CA ASP B 1757 27.16 -56.19 47.02
C ASP B 1757 26.47 -54.84 47.14
N TYR B 1758 25.28 -54.80 47.74
CA TYR B 1758 24.57 -53.54 47.94
C TYR B 1758 25.36 -52.60 48.83
N LYS B 1759 25.93 -53.13 49.92
CA LYS B 1759 26.54 -52.27 50.93
C LYS B 1759 27.71 -51.46 50.40
N ARG B 1760 28.33 -51.88 49.30
CA ARG B 1760 29.54 -51.24 48.79
C ARG B 1760 29.32 -50.35 47.58
N VAL B 1761 28.08 -50.20 47.11
CA VAL B 1761 27.76 -49.32 45.98
C VAL B 1761 26.78 -48.22 46.38
N SER B 1762 25.80 -48.55 47.22
CA SER B 1762 24.71 -47.62 47.49
C SER B 1762 25.18 -46.35 48.18
N ALA B 1763 26.33 -46.39 48.86
CA ALA B 1763 26.91 -45.19 49.45
C ALA B 1763 27.30 -44.16 48.41
N LEU B 1764 27.47 -44.56 47.15
CA LEU B 1764 27.85 -43.65 46.07
C LEU B 1764 26.67 -43.04 45.35
N ASN B 1765 25.43 -43.34 45.76
CA ASN B 1765 24.24 -42.87 45.06
C ASN B 1765 24.25 -43.33 43.61
N SER B 1766 24.68 -44.58 43.41
CA SER B 1766 24.66 -45.20 42.10
C SER B 1766 23.36 -45.95 41.84
N VAL B 1767 22.63 -46.33 42.88
CA VAL B 1767 21.46 -47.16 42.73
C VAL B 1767 20.52 -46.90 43.90
N HIS B 1768 19.22 -46.94 43.64
CA HIS B 1768 18.19 -46.92 44.67
C HIS B 1768 17.50 -48.27 44.67
N CYS B 1769 17.46 -48.90 45.84
CA CYS B 1769 16.82 -50.18 46.00
C CYS B 1769 15.93 -50.18 47.23
N GLU B 1770 14.92 -51.04 47.18
CA GLU B 1770 13.99 -51.25 48.28
C GLU B 1770 14.22 -52.63 48.85
N HIS B 1771 14.38 -52.71 50.17
CA HIS B 1771 14.56 -54.00 50.82
C HIS B 1771 13.28 -54.81 50.74
N VAL B 1772 13.42 -56.12 50.46
CA VAL B 1772 12.32 -57.05 50.45
C VAL B 1772 12.78 -58.38 51.04
N GLU B 1773 11.80 -59.14 51.52
CA GLU B 1773 12.00 -60.50 52.02
C GLU B 1773 11.32 -61.45 51.05
N ASP B 1774 12.10 -62.38 50.49
CA ASP B 1774 11.57 -63.31 49.50
C ASP B 1774 12.27 -64.64 49.69
N GLU B 1775 11.47 -65.69 49.92
CA GLU B 1775 11.97 -67.03 50.23
C GLU B 1775 12.85 -67.01 51.48
N GLY B 1776 12.52 -66.12 52.42
CA GLY B 1776 13.31 -65.94 53.62
C GLY B 1776 14.60 -65.16 53.42
N GLU B 1777 14.93 -64.77 52.20
CA GLU B 1777 16.16 -64.07 51.89
C GLU B 1777 15.92 -62.57 51.85
N SER B 1778 16.92 -61.82 52.33
CA SER B 1778 16.92 -60.37 52.23
C SER B 1778 17.51 -59.97 50.88
N ARG B 1779 16.72 -59.25 50.08
CA ARG B 1779 17.16 -58.77 48.79
C ARG B 1779 16.89 -57.28 48.70
N TYR B 1780 17.71 -56.58 47.94
CA TYR B 1780 17.49 -55.17 47.64
C TYR B 1780 17.01 -55.08 46.19
N LYS B 1781 15.70 -54.97 46.00
CA LYS B 1781 15.15 -54.89 44.67
C LYS B 1781 15.46 -53.52 44.09
N ILE B 1782 16.04 -53.49 42.90
CA ILE B 1782 16.51 -52.24 42.30
C ILE B 1782 15.31 -51.54 41.67
N THR B 1783 15.11 -50.27 42.00
CA THR B 1783 14.01 -49.49 41.48
C THR B 1783 14.46 -48.30 40.63
N ASP B 1784 15.59 -47.69 40.96
CA ASP B 1784 16.18 -46.66 40.14
C ASP B 1784 17.69 -46.83 40.14
N ILE B 1785 18.27 -46.90 38.94
CA ILE B 1785 19.71 -46.99 38.76
C ILE B 1785 20.19 -45.63 38.28
N ILE B 1786 21.14 -45.06 39.00
CA ILE B 1786 21.64 -43.73 38.72
C ILE B 1786 23.00 -43.79 38.02
N GLY B 1787 23.93 -44.55 38.58
CA GLY B 1787 25.25 -44.68 38.01
C GLY B 1787 26.22 -43.68 38.60
N LYS B 1788 27.38 -44.16 39.05
CA LYS B 1788 28.40 -43.27 39.60
C LYS B 1788 29.17 -42.53 38.52
N GLU B 1789 29.20 -43.04 37.29
CA GLU B 1789 29.94 -42.41 36.21
C GLU B 1789 29.14 -41.23 35.67
N GLU B 1790 29.83 -40.12 35.46
CA GLU B 1790 29.25 -38.93 34.88
C GLU B 1790 29.49 -38.90 33.38
N GLY B 1791 28.48 -38.43 32.64
CA GLY B 1791 28.55 -38.32 31.21
C GLY B 1791 27.78 -39.35 30.44
N ILE B 1792 26.91 -40.11 31.09
CA ILE B 1792 26.09 -41.12 30.41
C ILE B 1792 24.61 -40.98 30.72
N GLY B 1793 24.21 -40.05 31.58
CA GLY B 1793 22.84 -39.93 32.03
C GLY B 1793 22.06 -38.82 31.35
N PRO B 1794 20.94 -38.41 31.96
CA PRO B 1794 20.17 -37.30 31.39
C PRO B 1794 20.91 -35.98 31.35
N GLU B 1795 22.03 -35.85 32.06
CA GLU B 1795 22.82 -34.64 32.02
C GLU B 1795 23.32 -34.30 30.61
N ASN B 1796 23.44 -35.30 29.73
CA ASN B 1796 23.81 -35.05 28.35
C ASN B 1796 22.70 -34.39 27.55
N LEU B 1797 21.45 -34.61 27.93
CA LEU B 1797 20.34 -33.90 27.30
C LEU B 1797 20.34 -32.43 27.67
N ARG B 1798 20.51 -32.15 28.95
CA ARG B 1798 20.66 -30.79 29.44
C ARG B 1798 21.78 -30.07 28.70
N GLY B 1799 22.91 -30.74 28.50
CA GLY B 1799 23.96 -30.15 27.71
C GLY B 1799 23.55 -29.93 26.27
N SER B 1800 22.94 -30.94 25.65
CA SER B 1800 22.67 -30.86 24.22
C SER B 1800 21.72 -29.71 23.91
N GLY B 1801 20.57 -29.67 24.60
CA GLY B 1801 19.65 -28.57 24.43
C GLY B 1801 20.30 -27.23 24.69
N MET B 1802 21.18 -27.17 25.69
CA MET B 1802 21.91 -25.94 25.98
C MET B 1802 22.65 -25.46 24.74
N ILE B 1803 23.47 -26.34 24.15
CA ILE B 1803 24.24 -25.90 22.99
C ILE B 1803 23.32 -25.64 21.82
N ALA B 1804 22.16 -26.32 21.75
CA ALA B 1804 21.23 -26.03 20.67
C ALA B 1804 20.81 -24.58 20.72
N GLY B 1805 20.47 -24.09 21.91
CA GLY B 1805 20.13 -22.69 22.06
C GLY B 1805 21.26 -21.79 21.62
N GLU B 1806 22.49 -22.13 22.00
CA GLU B 1806 23.64 -21.35 21.58
C GLU B 1806 23.70 -21.25 20.07
N SER B 1807 23.52 -22.37 19.37
CA SER B 1807 23.58 -22.32 17.91
C SER B 1807 22.46 -21.46 17.37
N SER B 1808 21.26 -21.58 17.93
CA SER B 1808 20.13 -20.76 17.49
C SER B 1808 20.44 -19.29 17.69
N LEU B 1809 21.17 -18.96 18.75
CA LEU B 1809 21.55 -17.57 18.96
C LEU B 1809 22.63 -17.17 17.97
N ALA B 1810 23.60 -18.04 17.73
CA ALA B 1810 24.76 -17.65 16.95
C ALA B 1810 24.39 -17.31 15.53
N TYR B 1811 23.43 -18.04 14.97
CA TYR B 1811 22.93 -17.76 13.62
C TYR B 1811 22.47 -16.33 13.51
N ASN B 1812 21.87 -15.78 14.57
CA ASN B 1812 21.30 -14.45 14.57
C ASN B 1812 22.27 -13.35 14.98
N GLU B 1813 23.52 -13.69 15.31
CA GLU B 1813 24.53 -12.70 15.67
C GLU B 1813 25.75 -12.74 14.78
N ILE B 1814 26.21 -13.93 14.39
CA ILE B 1814 27.48 -14.11 13.72
C ILE B 1814 27.28 -15.04 12.54
N ILE B 1815 28.35 -15.25 11.78
CA ILE B 1815 28.34 -16.20 10.68
C ILE B 1815 28.62 -17.60 11.22
N THR B 1816 27.83 -18.56 10.78
CA THR B 1816 27.91 -19.95 11.19
C THR B 1816 28.02 -20.85 9.96
N ILE B 1817 29.07 -21.67 9.91
CA ILE B 1817 29.26 -22.61 8.81
C ILE B 1817 29.60 -23.99 9.39
N SER B 1818 29.09 -25.03 8.74
CA SER B 1818 29.22 -26.41 9.19
C SER B 1818 29.76 -27.30 8.09
N LEU B 1819 30.67 -28.20 8.45
CA LEU B 1819 31.29 -29.15 7.54
C LEU B 1819 31.11 -30.55 8.08
N VAL B 1820 30.52 -31.43 7.27
CA VAL B 1820 30.22 -32.80 7.65
C VAL B 1820 31.23 -33.69 6.93
N THR B 1821 32.12 -34.31 7.71
CA THR B 1821 33.26 -35.04 7.19
C THR B 1821 33.06 -36.54 7.19
N CYS B 1822 32.45 -37.09 8.24
CA CYS B 1822 32.26 -38.52 8.42
C CYS B 1822 30.78 -38.90 8.53
N ARG B 1823 30.08 -38.27 9.45
CA ARG B 1823 28.67 -38.52 9.70
C ARG B 1823 28.24 -37.59 10.82
N ALA B 1824 26.93 -37.50 11.04
CA ALA B 1824 26.37 -36.76 12.15
C ALA B 1824 25.04 -37.39 12.53
N ILE B 1825 24.84 -37.58 13.83
CA ILE B 1825 23.68 -38.27 14.35
C ILE B 1825 23.08 -37.40 15.44
N GLY B 1826 21.77 -37.20 15.36
CA GLY B 1826 21.06 -36.55 16.44
C GLY B 1826 21.37 -35.08 16.54
N ILE B 1827 21.83 -34.68 17.73
CA ILE B 1827 22.18 -33.29 18.01
C ILE B 1827 23.22 -32.81 17.02
N GLY B 1828 24.17 -33.66 16.67
CA GLY B 1828 25.19 -33.29 15.71
C GLY B 1828 24.62 -32.82 14.40
N ALA B 1829 23.48 -33.37 14.01
CA ALA B 1829 22.78 -32.91 12.83
C ALA B 1829 22.02 -31.61 13.07
N TYR B 1830 21.35 -31.47 14.20
CA TYR B 1830 20.65 -30.21 14.49
C TYR B 1830 21.60 -29.04 14.58
N LEU B 1831 22.72 -29.21 15.26
CA LEU B 1831 23.73 -28.17 15.26
C LEU B 1831 24.06 -27.76 13.84
N VAL B 1832 24.31 -28.75 12.98
CA VAL B 1832 24.60 -28.46 11.58
C VAL B 1832 23.44 -27.68 10.97
N ARG B 1833 22.22 -28.12 11.23
CA ARG B 1833 21.07 -27.46 10.63
C ARG B 1833 20.88 -26.08 11.22
N LEU B 1834 21.25 -25.91 12.49
CA LEU B 1834 21.13 -24.60 13.10
C LEU B 1834 22.21 -23.65 12.61
N GLY B 1835 23.27 -24.17 12.00
CA GLY B 1835 24.20 -23.31 11.30
C GLY B 1835 23.64 -22.81 9.98
N GLN B 1836 22.86 -23.65 9.29
CA GLN B 1836 22.15 -23.36 8.05
C GLN B 1836 23.07 -23.26 6.84
N ARG B 1837 24.38 -23.37 7.02
CA ARG B 1837 25.34 -23.34 5.91
C ARG B 1837 26.15 -24.62 5.98
N THR B 1838 25.67 -25.63 5.25
CA THR B 1838 26.18 -26.99 5.36
C THR B 1838 26.98 -27.36 4.13
N ILE B 1839 28.22 -27.81 4.34
CA ILE B 1839 29.05 -28.44 3.33
C ILE B 1839 29.20 -29.90 3.74
N GLN B 1840 28.91 -30.80 2.82
CA GLN B 1840 28.84 -32.23 3.11
C GLN B 1840 29.79 -32.99 2.20
N VAL B 1841 30.63 -33.85 2.77
CA VAL B 1841 31.56 -34.65 2.00
C VAL B 1841 30.85 -35.89 1.46
N GLU B 1842 31.24 -36.33 0.27
CA GLU B 1842 30.70 -37.56 -0.30
C GLU B 1842 30.93 -38.76 0.61
N ASN B 1843 29.97 -39.68 0.58
CA ASN B 1843 29.98 -40.89 1.40
C ASN B 1843 29.93 -40.53 2.88
N SER B 1844 29.02 -39.62 3.21
CA SER B 1844 28.70 -39.23 4.57
C SER B 1844 27.19 -39.28 4.70
N HIS B 1845 26.69 -39.15 5.93
CA HIS B 1845 25.25 -39.11 6.09
C HIS B 1845 24.87 -38.34 7.35
N LEU B 1846 23.78 -37.57 7.22
CA LEU B 1846 23.16 -36.84 8.33
C LEU B 1846 21.87 -37.55 8.66
N ILE B 1847 21.84 -38.26 9.77
CA ILE B 1847 20.71 -39.10 10.13
C ILE B 1847 20.23 -38.71 11.52
N LEU B 1848 18.98 -39.05 11.79
CA LEU B 1848 18.41 -39.01 13.12
C LEU B 1848 18.22 -40.41 13.70
N THR B 1849 18.01 -41.40 12.83
CA THR B 1849 17.85 -42.79 13.25
C THR B 1849 18.58 -43.67 12.25
N GLY B 1850 19.21 -44.72 12.74
CA GLY B 1850 19.97 -45.60 11.88
C GLY B 1850 19.10 -46.59 11.15
N ALA B 1851 19.69 -47.19 10.12
CA ALA B 1851 18.97 -48.16 9.30
C ALA B 1851 18.51 -49.36 10.12
N GLY B 1852 19.34 -49.82 11.03
CA GLY B 1852 19.00 -51.01 11.81
C GLY B 1852 17.75 -50.83 12.64
N ALA B 1853 17.63 -49.69 13.32
CA ALA B 1853 16.47 -49.44 14.16
C ALA B 1853 15.19 -49.37 13.34
N LEU B 1854 15.26 -48.71 12.19
CA LEU B 1854 14.10 -48.62 11.32
C LEU B 1854 13.71 -49.99 10.77
N ASN B 1855 14.69 -50.79 10.39
CA ASN B 1855 14.41 -52.14 9.91
C ASN B 1855 13.83 -53.02 11.01
N LYS B 1856 14.23 -52.78 12.25
CA LYS B 1856 13.67 -53.53 13.37
C LYS B 1856 12.23 -53.13 13.64
N VAL B 1857 11.93 -51.84 13.57
CA VAL B 1857 10.55 -51.42 13.80
C VAL B 1857 9.65 -51.90 12.68
N LEU B 1858 10.12 -51.80 11.44
CA LEU B 1858 9.28 -52.13 10.29
C LEU B 1858 9.11 -53.62 10.08
N GLY B 1859 10.07 -54.43 10.53
CA GLY B 1859 9.95 -55.87 10.50
C GLY B 1859 10.68 -56.55 9.37
N ARG B 1860 11.30 -55.80 8.47
CA ARG B 1860 12.03 -56.39 7.36
C ARG B 1860 13.20 -55.48 7.01
N GLU B 1861 14.14 -56.04 6.25
CA GLU B 1861 15.30 -55.28 5.82
C GLU B 1861 14.90 -54.30 4.73
N VAL B 1862 14.33 -53.17 5.15
CA VAL B 1862 13.91 -52.14 4.21
C VAL B 1862 15.11 -51.39 3.68
N TYR B 1863 15.98 -50.94 4.58
CA TYR B 1863 17.14 -50.15 4.24
C TYR B 1863 18.40 -50.97 4.45
N THR B 1864 19.38 -50.77 3.57
CA THR B 1864 20.65 -51.48 3.59
C THR B 1864 21.82 -50.60 3.97
N SER B 1865 21.70 -49.29 3.84
CA SER B 1865 22.76 -48.36 4.14
C SER B 1865 22.16 -47.10 4.74
N ASN B 1866 22.96 -46.41 5.55
CA ASN B 1866 22.52 -45.13 6.09
C ASN B 1866 22.56 -44.01 5.05
N ASN B 1867 23.30 -44.20 3.96
CA ASN B 1867 23.35 -43.19 2.90
C ASN B 1867 22.02 -43.07 2.18
N GLN B 1868 21.20 -44.11 2.24
CA GLN B 1868 19.83 -44.00 1.75
C GLN B 1868 18.98 -43.06 2.58
N LEU B 1869 19.34 -42.86 3.85
CA LEU B 1869 18.53 -42.11 4.80
C LEU B 1869 18.96 -40.65 4.92
N GLY B 1870 20.25 -40.37 4.90
CA GLY B 1870 20.74 -39.02 5.03
C GLY B 1870 21.92 -38.72 4.13
N GLY B 1871 22.00 -39.44 3.02
CA GLY B 1871 23.06 -39.25 2.07
C GLY B 1871 22.82 -38.06 1.16
N ILE B 1872 23.78 -37.86 0.27
CA ILE B 1872 23.81 -36.67 -0.58
C ILE B 1872 22.67 -36.70 -1.59
N GLN B 1873 22.29 -37.88 -2.04
CA GLN B 1873 21.13 -38.02 -2.90
C GLN B 1873 19.83 -37.59 -2.24
N ILE B 1874 19.82 -37.42 -0.91
CA ILE B 1874 18.68 -36.95 -0.16
C ILE B 1874 18.88 -35.50 0.29
N MET B 1875 20.06 -35.21 0.85
CA MET B 1875 20.29 -33.93 1.48
C MET B 1875 20.55 -32.83 0.47
N HIS B 1876 21.19 -33.15 -0.65
CA HIS B 1876 21.53 -32.16 -1.65
C HIS B 1876 20.33 -31.79 -2.52
N ASN B 1877 19.37 -32.71 -2.67
CA ASN B 1877 18.20 -32.47 -3.49
C ASN B 1877 17.05 -31.85 -2.71
N ASN B 1878 17.05 -31.95 -1.37
CA ASN B 1878 16.04 -31.32 -0.53
C ASN B 1878 16.52 -30.02 0.12
N GLY B 1879 17.75 -29.61 -0.14
CA GLY B 1879 18.21 -28.30 0.26
C GLY B 1879 18.73 -28.13 1.67
N VAL B 1880 18.92 -29.22 2.40
CA VAL B 1880 19.59 -29.11 3.68
C VAL B 1880 21.07 -28.86 3.48
N THR B 1881 21.61 -29.44 2.41
CA THR B 1881 23.01 -29.32 2.06
C THR B 1881 23.18 -28.28 0.96
N HIS B 1882 23.99 -27.26 1.24
CA HIS B 1882 24.19 -26.18 0.28
C HIS B 1882 25.23 -26.56 -0.79
N CYS B 1883 26.18 -27.42 -0.43
CA CYS B 1883 27.26 -27.78 -1.33
C CYS B 1883 27.79 -29.16 -0.97
N THR B 1884 28.22 -29.90 -1.98
CA THR B 1884 28.82 -31.21 -1.82
C THR B 1884 30.25 -31.22 -2.33
N VAL B 1885 31.11 -31.97 -1.66
CA VAL B 1885 32.53 -32.02 -1.97
C VAL B 1885 33.00 -33.47 -1.89
N CYS B 1886 34.20 -33.70 -2.41
CA CYS B 1886 34.75 -35.06 -2.47
C CYS B 1886 35.55 -35.44 -1.24
N ASP B 1887 36.34 -34.54 -0.67
CA ASP B 1887 37.11 -34.86 0.53
C ASP B 1887 37.18 -33.63 1.43
N ASP B 1888 37.79 -33.82 2.62
CA ASP B 1888 37.75 -32.79 3.65
C ASP B 1888 38.53 -31.56 3.23
N PHE B 1889 39.58 -31.73 2.44
CA PHE B 1889 40.40 -30.59 2.06
C PHE B 1889 39.62 -29.64 1.18
N GLU B 1890 38.85 -30.20 0.24
CA GLU B 1890 37.97 -29.37 -0.58
C GLU B 1890 36.88 -28.73 0.27
N GLY B 1891 36.44 -29.41 1.33
CA GLY B 1891 35.50 -28.79 2.26
C GLY B 1891 36.05 -27.56 2.96
N VAL B 1892 37.28 -27.65 3.48
CA VAL B 1892 37.90 -26.49 4.11
C VAL B 1892 38.11 -25.39 3.10
N PHE B 1893 38.41 -25.77 1.85
CA PHE B 1893 38.53 -24.77 0.80
C PHE B 1893 37.20 -24.06 0.59
N THR B 1894 36.12 -24.83 0.51
CA THR B 1894 34.80 -24.25 0.30
C THR B 1894 34.41 -23.32 1.44
N VAL B 1895 34.78 -23.68 2.67
CA VAL B 1895 34.59 -22.78 3.81
C VAL B 1895 35.30 -21.45 3.54
N LEU B 1896 36.58 -21.51 3.19
CA LEU B 1896 37.33 -20.28 2.97
C LEU B 1896 36.78 -19.50 1.78
N HIS B 1897 36.29 -20.19 0.76
CA HIS B 1897 35.69 -19.54 -0.39
C HIS B 1897 34.46 -18.73 0.01
N TRP B 1898 33.55 -19.35 0.77
CA TRP B 1898 32.38 -18.62 1.25
C TRP B 1898 32.79 -17.47 2.17
N LEU B 1899 33.76 -17.68 3.05
CA LEU B 1899 34.22 -16.62 3.92
C LEU B 1899 34.85 -15.49 3.13
N SER B 1900 35.34 -15.78 1.92
CA SER B 1900 35.95 -14.77 1.06
C SER B 1900 35.00 -13.63 0.74
N TYR B 1901 33.70 -13.89 0.79
CA TYR B 1901 32.69 -12.95 0.37
C TYR B 1901 32.14 -12.09 1.50
N MET B 1902 32.48 -12.39 2.76
CA MET B 1902 31.79 -11.87 3.92
C MET B 1902 32.69 -11.06 4.84
N PRO B 1903 32.13 -10.20 5.70
CA PRO B 1903 32.98 -9.38 6.57
C PRO B 1903 33.71 -10.19 7.63
N LYS B 1904 34.79 -9.58 8.13
CA LYS B 1904 35.58 -10.20 9.19
C LYS B 1904 34.78 -10.34 10.47
N SER B 1905 33.79 -9.50 10.67
CA SER B 1905 33.06 -9.45 11.92
C SER B 1905 31.71 -8.81 11.66
N VAL B 1906 30.81 -8.97 12.63
CA VAL B 1906 29.50 -8.36 12.56
C VAL B 1906 29.53 -6.84 12.66
N HIS B 1907 30.66 -6.25 13.07
CA HIS B 1907 30.80 -4.81 13.18
C HIS B 1907 31.54 -4.19 12.01
N SER B 1908 31.81 -4.95 10.96
CA SER B 1908 32.63 -4.51 9.84
C SER B 1908 31.78 -4.36 8.58
N SER B 1909 32.32 -3.61 7.65
CA SER B 1909 31.72 -3.48 6.33
C SER B 1909 32.13 -4.65 5.45
N VAL B 1910 31.46 -4.75 4.32
CA VAL B 1910 31.72 -5.83 3.36
C VAL B 1910 33.08 -5.61 2.70
N PRO B 1911 33.86 -6.66 2.42
CA PRO B 1911 35.17 -6.42 1.81
C PRO B 1911 35.07 -6.02 0.35
N LEU B 1912 36.05 -5.23 -0.09
CA LEU B 1912 36.12 -4.74 -1.46
C LEU B 1912 37.44 -5.13 -2.09
N LEU B 1913 37.38 -5.63 -3.32
CA LEU B 1913 38.55 -5.98 -4.12
C LEU B 1913 38.77 -4.98 -5.24
N ASN B 1914 40.05 -4.78 -5.58
CA ASN B 1914 40.43 -4.10 -6.81
C ASN B 1914 40.39 -5.13 -7.94
N SER B 1915 39.18 -5.37 -8.42
CA SER B 1915 38.95 -6.48 -9.33
C SER B 1915 39.61 -6.27 -10.69
N LYS B 1916 39.87 -7.38 -11.37
CA LYS B 1916 40.44 -7.38 -12.71
C LYS B 1916 39.40 -7.33 -13.82
N ASP B 1917 38.11 -7.45 -13.49
CA ASP B 1917 37.05 -7.20 -14.46
C ASP B 1917 36.75 -5.70 -14.45
N PRO B 1918 36.78 -5.00 -15.59
CA PRO B 1918 36.52 -3.56 -15.55
C PRO B 1918 35.08 -3.26 -15.19
N ILE B 1919 34.88 -2.13 -14.50
CA ILE B 1919 33.52 -1.67 -14.19
C ILE B 1919 32.86 -1.01 -15.39
N ASP B 1920 33.63 -0.57 -16.38
CA ASP B 1920 33.12 0.27 -17.47
C ASP B 1920 32.90 -0.50 -18.75
N ARG B 1921 32.99 -1.83 -18.73
CA ARG B 1921 32.66 -2.62 -19.89
C ARG B 1921 31.15 -2.83 -19.98
N ILE B 1922 30.73 -3.47 -21.07
CA ILE B 1922 29.32 -3.75 -21.33
C ILE B 1922 29.06 -5.24 -21.16
N ILE B 1923 27.79 -5.56 -21.00
CA ILE B 1923 27.36 -6.95 -21.02
C ILE B 1923 27.22 -7.39 -22.48
N GLU B 1924 27.74 -8.57 -22.80
CA GLU B 1924 27.75 -9.11 -24.15
C GLU B 1924 26.58 -10.06 -24.37
N PHE B 1925 26.29 -10.91 -23.39
CA PHE B 1925 25.12 -11.77 -23.43
C PHE B 1925 23.85 -10.96 -23.23
N VAL B 1926 22.87 -11.22 -24.07
CA VAL B 1926 21.57 -10.54 -23.99
C VAL B 1926 20.52 -11.62 -23.74
N PRO B 1927 19.73 -11.53 -22.67
CA PRO B 1927 18.61 -12.45 -22.53
C PRO B 1927 17.65 -12.36 -23.70
N THR B 1928 17.16 -13.51 -24.14
CA THR B 1928 16.27 -13.62 -25.27
C THR B 1928 14.85 -13.98 -24.81
N LYS B 1929 13.97 -14.13 -25.80
CA LYS B 1929 12.58 -14.48 -25.54
C LYS B 1929 12.39 -15.98 -25.40
N THR B 1930 13.26 -16.78 -26.01
CA THR B 1930 13.22 -18.23 -25.87
C THR B 1930 13.89 -18.63 -24.56
N PRO B 1931 13.65 -19.85 -24.08
CA PRO B 1931 14.27 -20.27 -22.82
C PRO B 1931 15.79 -20.32 -22.90
N TYR B 1932 16.42 -19.95 -21.79
CA TYR B 1932 17.87 -19.92 -21.66
C TYR B 1932 18.22 -20.30 -20.23
N ASP B 1933 19.49 -20.62 -20.02
CA ASP B 1933 20.01 -20.87 -18.69
C ASP B 1933 20.35 -19.53 -18.02
N PRO B 1934 19.82 -19.22 -16.83
CA PRO B 1934 20.11 -17.93 -16.20
C PRO B 1934 21.57 -17.67 -15.98
N ARG B 1935 22.36 -18.71 -15.74
CA ARG B 1935 23.74 -18.55 -15.36
C ARG B 1935 24.56 -17.84 -16.43
N TRP B 1936 24.16 -17.95 -17.69
CA TRP B 1936 24.82 -17.21 -18.76
C TRP B 1936 24.69 -15.71 -18.57
N MET B 1937 23.50 -15.24 -18.19
CA MET B 1937 23.36 -13.81 -17.95
C MET B 1937 24.02 -13.38 -16.65
N LEU B 1938 24.30 -14.34 -15.77
CA LEU B 1938 24.95 -14.04 -14.50
C LEU B 1938 26.46 -14.06 -14.61
N ALA B 1939 27.01 -15.17 -15.10
CA ALA B 1939 28.46 -15.34 -15.23
C ALA B 1939 28.96 -15.17 -16.64
N GLY B 1940 28.27 -15.77 -17.61
CA GLY B 1940 28.65 -15.72 -19.01
C GLY B 1940 28.56 -17.08 -19.65
N ARG B 1941 28.98 -17.14 -20.91
CA ARG B 1941 28.96 -18.40 -21.64
C ARG B 1941 30.12 -18.45 -22.61
N PRO B 1942 30.55 -19.64 -23.04
CA PRO B 1942 31.47 -19.69 -24.17
C PRO B 1942 30.78 -19.16 -25.41
N HIS B 1943 31.51 -18.36 -26.17
CA HIS B 1943 30.99 -17.86 -27.44
C HIS B 1943 30.56 -19.07 -28.29
N PRO B 1944 29.28 -19.17 -28.69
CA PRO B 1944 28.80 -20.44 -29.29
C PRO B 1944 29.49 -20.82 -30.58
N THR B 1945 30.20 -19.88 -31.22
CA THR B 1945 30.89 -20.13 -32.48
C THR B 1945 32.37 -20.49 -32.30
N GLN B 1946 32.92 -20.32 -31.10
CA GLN B 1946 34.36 -20.35 -30.88
C GLN B 1946 34.73 -21.49 -29.95
N LYS B 1947 36.04 -21.76 -29.90
CA LYS B 1947 36.60 -22.72 -28.95
C LYS B 1947 37.01 -22.04 -27.65
N GLY B 1948 37.32 -20.75 -27.69
CA GLY B 1948 37.59 -19.96 -26.49
C GLY B 1948 36.54 -18.88 -26.30
N GLN B 1949 36.97 -17.64 -26.06
CA GLN B 1949 36.12 -16.48 -26.28
C GLN B 1949 34.88 -16.38 -25.39
N TRP B 1950 35.01 -15.79 -24.20
CA TRP B 1950 33.93 -15.76 -23.22
C TRP B 1950 33.01 -14.56 -23.42
N LEU B 1951 31.72 -14.85 -23.63
CA LEU B 1951 30.67 -13.83 -23.62
C LEU B 1951 30.36 -13.48 -22.16
N SER B 1952 30.76 -12.26 -21.76
CA SER B 1952 30.59 -11.82 -20.39
C SER B 1952 29.12 -11.81 -20.02
N GLY B 1953 28.85 -12.11 -18.74
CA GLY B 1953 27.58 -11.82 -18.14
C GLY B 1953 27.60 -10.58 -17.27
N PHE B 1954 26.60 -10.47 -16.41
CA PHE B 1954 26.49 -9.29 -15.53
C PHE B 1954 27.61 -9.22 -14.51
N PHE B 1955 28.01 -10.35 -13.93
CA PHE B 1955 28.88 -10.33 -12.76
C PHE B 1955 30.34 -10.54 -13.14
N ASP B 1956 31.22 -10.14 -12.22
CA ASP B 1956 32.66 -10.30 -12.41
C ASP B 1956 32.98 -11.75 -12.76
N TYR B 1957 33.80 -11.91 -13.79
CA TYR B 1957 34.07 -13.22 -14.38
C TYR B 1957 34.59 -14.20 -13.34
N GLY B 1958 33.92 -15.34 -13.24
CA GLY B 1958 34.28 -16.39 -12.33
C GLY B 1958 33.82 -16.19 -10.90
N SER B 1959 33.28 -15.04 -10.56
CA SER B 1959 32.96 -14.70 -9.17
C SER B 1959 31.66 -15.31 -8.68
N PHE B 1960 30.88 -15.96 -9.55
CA PHE B 1960 29.56 -16.44 -9.17
C PHE B 1960 29.67 -17.84 -8.60
N SER B 1961 29.06 -18.03 -7.43
CA SER B 1961 29.00 -19.33 -6.77
C SER B 1961 27.54 -19.67 -6.51
N GLU B 1962 27.15 -20.86 -6.95
CA GLU B 1962 25.81 -21.40 -6.72
C GLU B 1962 25.77 -22.23 -5.46
N ILE B 1963 24.56 -22.35 -4.90
CA ILE B 1963 24.31 -23.17 -3.73
C ILE B 1963 22.93 -23.80 -3.86
N MET B 1964 22.78 -24.96 -3.25
CA MET B 1964 21.55 -25.74 -3.28
C MET B 1964 21.13 -26.04 -4.71
N GLN B 1965 22.11 -26.50 -5.52
CA GLN B 1965 21.91 -26.58 -6.96
C GLN B 1965 20.75 -27.45 -7.38
N PRO B 1966 20.69 -28.74 -7.04
CA PRO B 1966 19.62 -29.59 -7.56
C PRO B 1966 18.30 -29.50 -6.80
N TRP B 1967 18.14 -28.56 -5.90
CA TRP B 1967 16.90 -28.34 -5.17
C TRP B 1967 16.20 -27.13 -5.74
N ALA B 1968 14.90 -27.29 -6.01
CA ALA B 1968 14.05 -26.26 -6.57
C ALA B 1968 14.70 -25.57 -7.78
N GLN B 1969 14.86 -26.33 -8.86
CA GLN B 1969 15.67 -25.89 -9.97
C GLN B 1969 15.05 -24.77 -10.80
N THR B 1970 13.86 -24.29 -10.46
CA THR B 1970 13.27 -23.14 -11.11
C THR B 1970 13.82 -21.80 -10.64
N VAL B 1971 14.62 -21.78 -9.57
CA VAL B 1971 15.21 -20.57 -9.04
C VAL B 1971 16.66 -20.88 -8.74
N VAL B 1972 17.52 -19.90 -8.96
CA VAL B 1972 18.97 -20.02 -8.79
C VAL B 1972 19.38 -18.98 -7.76
N VAL B 1973 20.19 -19.40 -6.79
CA VAL B 1973 20.57 -18.53 -5.70
C VAL B 1973 22.08 -18.69 -5.50
N GLY B 1974 22.72 -17.63 -5.04
CA GLY B 1974 24.15 -17.71 -4.86
C GLY B 1974 24.76 -16.39 -4.46
N ARG B 1975 26.07 -16.35 -4.57
CA ARG B 1975 26.88 -15.20 -4.21
C ARG B 1975 27.68 -14.79 -5.42
N ALA B 1976 28.00 -13.49 -5.51
CA ALA B 1976 28.83 -13.02 -6.59
C ALA B 1976 29.54 -11.75 -6.17
N ARG B 1977 30.33 -11.22 -7.10
CA ARG B 1977 31.06 -9.98 -6.92
C ARG B 1977 30.78 -9.08 -8.11
N LEU B 1978 30.59 -7.80 -7.83
CA LEU B 1978 30.23 -6.79 -8.82
C LEU B 1978 31.21 -5.64 -8.67
N GLY B 1979 32.15 -5.53 -9.60
CA GLY B 1979 33.27 -4.63 -9.39
C GLY B 1979 34.04 -4.92 -8.14
N GLY B 1980 34.03 -6.19 -7.70
CA GLY B 1980 34.60 -6.59 -6.45
C GLY B 1980 33.71 -6.43 -5.23
N ILE B 1981 32.45 -6.02 -5.41
CA ILE B 1981 31.52 -5.80 -4.29
C ILE B 1981 30.77 -7.11 -4.08
N PRO B 1982 30.92 -7.78 -2.93
CA PRO B 1982 30.17 -9.01 -2.70
C PRO B 1982 28.68 -8.74 -2.59
N VAL B 1983 27.88 -9.55 -3.26
CA VAL B 1983 26.44 -9.43 -3.27
C VAL B 1983 25.81 -10.81 -3.25
N GLY B 1984 24.56 -10.85 -2.85
CA GLY B 1984 23.74 -12.02 -3.00
C GLY B 1984 22.95 -11.94 -4.28
N VAL B 1985 22.71 -13.10 -4.87
CA VAL B 1985 22.16 -13.23 -6.22
C VAL B 1985 20.97 -14.16 -6.15
N VAL B 1986 19.88 -13.76 -6.77
CA VAL B 1986 18.74 -14.63 -7.02
C VAL B 1986 18.27 -14.39 -8.45
N ALA B 1987 18.07 -15.48 -9.18
CA ALA B 1987 17.73 -15.45 -10.59
C ALA B 1987 16.67 -16.51 -10.85
N VAL B 1988 16.04 -16.40 -12.02
CA VAL B 1988 14.87 -17.21 -12.36
C VAL B 1988 15.16 -18.02 -13.60
N GLU B 1989 14.87 -19.31 -13.54
CA GLU B 1989 15.06 -20.22 -14.65
C GLU B 1989 13.83 -20.19 -15.56
N THR B 1990 14.08 -20.05 -16.87
CA THR B 1990 13.02 -19.95 -17.85
C THR B 1990 12.74 -21.26 -18.59
N ARG B 1991 13.67 -22.20 -18.57
CA ARG B 1991 13.43 -23.51 -19.14
C ARG B 1991 12.54 -24.35 -18.24
N THR B 1992 11.97 -25.39 -18.83
CA THR B 1992 11.21 -26.37 -18.07
C THR B 1992 12.13 -27.43 -17.51
N VAL B 1993 11.92 -27.77 -16.24
CA VAL B 1993 12.80 -28.67 -15.51
C VAL B 1993 12.00 -29.88 -15.04
N GLU B 1994 12.72 -30.96 -14.76
CA GLU B 1994 12.13 -32.24 -14.41
C GLU B 1994 12.55 -32.62 -13.00
N LEU B 1995 11.58 -32.76 -12.11
CA LEU B 1995 11.80 -33.14 -10.73
C LEU B 1995 11.55 -34.64 -10.59
N SER B 1996 12.58 -35.38 -10.23
CA SER B 1996 12.47 -36.81 -10.00
C SER B 1996 12.23 -37.05 -8.52
N ILE B 1997 11.08 -37.63 -8.20
CA ILE B 1997 10.71 -37.99 -6.83
C ILE B 1997 11.00 -39.48 -6.65
N PRO B 1998 11.96 -39.87 -5.80
CA PRO B 1998 12.23 -41.30 -5.63
C PRO B 1998 11.17 -41.97 -4.75
N ALA B 1999 11.18 -43.29 -4.83
CA ALA B 1999 10.22 -44.12 -4.10
C ALA B 1999 10.73 -44.44 -2.71
N ASP B 2000 9.80 -44.60 -1.78
CA ASP B 2000 10.16 -45.04 -0.43
C ASP B 2000 10.24 -46.56 -0.41
N PRO B 2001 11.40 -47.16 -0.09
CA PRO B 2001 11.47 -48.64 -0.07
C PRO B 2001 10.53 -49.28 0.93
N ALA B 2002 10.05 -48.53 1.93
CA ALA B 2002 9.16 -49.10 2.92
C ALA B 2002 7.79 -49.46 2.36
N ASN B 2003 7.39 -48.84 1.26
CA ASN B 2003 6.10 -49.11 0.61
C ASN B 2003 6.38 -49.86 -0.69
N LEU B 2004 6.00 -51.14 -0.71
CA LEU B 2004 6.29 -51.99 -1.87
C LEU B 2004 5.50 -51.57 -3.11
N ASP B 2005 4.41 -50.83 -2.94
CA ASP B 2005 3.58 -50.38 -4.03
C ASP B 2005 3.85 -48.93 -4.42
N SER B 2006 4.91 -48.32 -3.90
CA SER B 2006 5.29 -46.98 -4.29
C SER B 2006 6.02 -46.99 -5.64
N GLU B 2007 6.00 -45.84 -6.29
CA GLU B 2007 6.68 -45.67 -7.57
C GLU B 2007 7.33 -44.29 -7.60
N ALA B 2008 8.51 -44.24 -8.22
CA ALA B 2008 9.17 -42.97 -8.46
C ALA B 2008 8.46 -42.23 -9.58
N LYS B 2009 8.42 -40.90 -9.47
CA LYS B 2009 7.63 -40.07 -10.36
C LYS B 2009 8.46 -38.94 -10.93
N ILE B 2010 7.97 -38.38 -12.04
CA ILE B 2010 8.53 -37.22 -12.68
C ILE B 2010 7.48 -36.11 -12.65
N ILE B 2011 7.88 -34.94 -12.19
CA ILE B 2011 7.04 -33.75 -12.17
C ILE B 2011 7.68 -32.73 -13.09
N GLN B 2012 6.89 -32.18 -14.01
CA GLN B 2012 7.35 -31.11 -14.86
C GLN B 2012 7.12 -29.78 -14.14
N GLN B 2013 8.18 -29.00 -13.98
CA GLN B 2013 8.12 -27.68 -13.35
C GLN B 2013 8.46 -26.63 -14.40
N ALA B 2014 7.48 -25.79 -14.69
CA ALA B 2014 7.63 -24.79 -15.73
C ALA B 2014 8.43 -23.59 -15.23
N GLY B 2015 9.12 -22.94 -16.17
CA GLY B 2015 9.88 -21.77 -15.84
C GLY B 2015 8.99 -20.57 -15.62
N GLN B 2016 9.56 -19.58 -14.94
CA GLN B 2016 8.91 -18.30 -14.68
C GLN B 2016 7.68 -18.47 -13.78
N VAL B 2017 7.69 -19.50 -12.93
CA VAL B 2017 6.62 -19.74 -11.96
C VAL B 2017 7.26 -20.05 -10.60
N TRP B 2018 6.71 -19.48 -9.54
CA TRP B 2018 7.05 -19.87 -8.18
C TRP B 2018 6.43 -21.20 -7.83
N PHE B 2019 7.18 -22.02 -7.10
CA PHE B 2019 6.70 -23.23 -6.48
C PHE B 2019 7.12 -23.21 -5.01
N PRO B 2020 6.46 -23.99 -4.15
CA PRO B 2020 6.80 -23.93 -2.72
C PRO B 2020 8.26 -24.21 -2.41
N ASP B 2021 8.90 -25.14 -3.12
CA ASP B 2021 10.32 -25.37 -2.94
C ASP B 2021 11.14 -24.15 -3.33
N SER B 2022 10.80 -23.51 -4.45
CA SER B 2022 11.55 -22.37 -4.91
C SER B 2022 11.29 -21.13 -4.07
N ALA B 2023 10.06 -20.97 -3.57
CA ALA B 2023 9.77 -19.88 -2.64
C ALA B 2023 10.51 -20.05 -1.32
N PHE B 2024 10.56 -21.28 -0.80
CA PHE B 2024 11.31 -21.57 0.40
C PHE B 2024 12.80 -21.34 0.18
N LYS B 2025 13.33 -21.81 -0.95
CA LYS B 2025 14.73 -21.58 -1.29
C LYS B 2025 15.07 -20.09 -1.36
N THR B 2026 14.22 -19.30 -2.01
CA THR B 2026 14.42 -17.86 -2.08
C THR B 2026 14.39 -17.22 -0.69
N TYR B 2027 13.43 -17.61 0.15
CA TYR B 2027 13.39 -17.12 1.52
C TYR B 2027 14.67 -17.46 2.29
N GLN B 2028 15.12 -18.70 2.18
CA GLN B 2028 16.33 -19.13 2.86
C GLN B 2028 17.53 -18.33 2.42
N ALA B 2029 17.66 -18.11 1.11
CA ALA B 2029 18.78 -17.32 0.61
C ALA B 2029 18.72 -15.88 1.10
N ILE B 2030 17.53 -15.28 1.12
CA ILE B 2030 17.39 -13.91 1.60
C ILE B 2030 17.81 -13.81 3.06
N LYS B 2031 17.27 -14.69 3.91
CA LYS B 2031 17.66 -14.70 5.32
C LYS B 2031 19.16 -14.91 5.49
N ASP B 2032 19.73 -15.87 4.76
CA ASP B 2032 21.16 -16.14 4.90
C ASP B 2032 21.99 -14.94 4.47
N PHE B 2033 21.75 -14.39 3.28
CA PHE B 2033 22.60 -13.30 2.80
C PHE B 2033 22.39 -12.04 3.63
N ASN B 2034 21.22 -11.85 4.23
CA ASN B 2034 21.07 -10.73 5.14
C ASN B 2034 21.90 -10.94 6.40
N ARG B 2035 21.81 -12.12 7.01
CA ARG B 2035 22.57 -12.40 8.23
C ARG B 2035 24.07 -12.43 7.98
N GLU B 2036 24.51 -12.77 6.77
CA GLU B 2036 25.92 -12.59 6.42
C GLU B 2036 26.27 -11.11 6.39
N GLY B 2037 25.30 -10.25 6.09
CA GLY B 2037 25.52 -8.83 5.97
C GLY B 2037 25.72 -8.33 4.56
N LEU B 2038 25.19 -9.02 3.56
CA LEU B 2038 25.45 -8.74 2.16
C LEU B 2038 24.26 -8.07 1.49
N PRO B 2039 24.48 -7.15 0.57
CA PRO B 2039 23.38 -6.65 -0.24
C PRO B 2039 22.91 -7.71 -1.22
N LEU B 2040 21.68 -7.53 -1.68
CA LEU B 2040 20.98 -8.53 -2.47
C LEU B 2040 20.63 -7.98 -3.84
N MET B 2041 21.10 -8.66 -4.88
CA MET B 2041 20.73 -8.39 -6.26
C MET B 2041 19.72 -9.46 -6.67
N VAL B 2042 18.50 -9.04 -6.97
CA VAL B 2042 17.44 -9.93 -7.41
C VAL B 2042 17.14 -9.64 -8.87
N PHE B 2043 17.10 -10.68 -9.69
CA PHE B 2043 16.80 -10.61 -11.11
C PHE B 2043 15.47 -11.32 -11.35
N ALA B 2044 14.39 -10.53 -11.41
CA ALA B 2044 13.04 -11.03 -11.27
C ALA B 2044 12.39 -11.25 -12.64
N ASN B 2045 11.98 -12.50 -12.89
CA ASN B 2045 11.29 -12.88 -14.11
C ASN B 2045 10.16 -13.85 -13.74
N TRP B 2046 9.38 -13.47 -12.73
CA TRP B 2046 8.31 -14.31 -12.20
C TRP B 2046 6.97 -13.87 -12.75
N ARG B 2047 6.27 -14.81 -13.40
CA ARG B 2047 4.91 -14.61 -13.88
C ARG B 2047 3.85 -14.83 -12.81
N GLY B 2048 4.23 -15.25 -11.61
CA GLY B 2048 3.33 -15.45 -10.50
C GLY B 2048 3.61 -16.74 -9.79
N PHE B 2049 2.69 -17.13 -8.90
CA PHE B 2049 2.76 -18.39 -8.19
C PHE B 2049 1.88 -19.44 -8.85
N SER B 2050 2.36 -20.67 -8.83
CA SER B 2050 1.53 -21.79 -9.27
C SER B 2050 0.32 -21.93 -8.36
N GLY B 2051 -0.87 -21.86 -8.93
CA GLY B 2051 -2.12 -21.96 -8.20
C GLY B 2051 -2.85 -23.27 -8.30
N GLY B 2052 -2.23 -24.33 -8.83
CA GLY B 2052 -2.88 -25.61 -8.92
C GLY B 2052 -3.21 -26.20 -7.57
N MET B 2053 -4.01 -27.27 -7.62
CA MET B 2053 -4.40 -27.97 -6.39
C MET B 2053 -3.18 -28.53 -5.67
N LYS B 2054 -2.25 -29.12 -6.42
CA LYS B 2054 -1.07 -29.72 -5.80
C LYS B 2054 -0.20 -28.68 -5.13
N ASP B 2055 -0.01 -27.52 -5.77
CA ASP B 2055 0.89 -26.51 -5.24
C ASP B 2055 0.25 -25.69 -4.14
N MET B 2056 -1.06 -25.50 -4.19
CA MET B 2056 -1.76 -24.86 -3.09
C MET B 2056 -1.82 -25.76 -1.88
N TYR B 2057 -2.07 -27.05 -2.08
CA TYR B 2057 -2.10 -27.99 -0.97
C TYR B 2057 -0.74 -28.08 -0.30
N ASP B 2058 0.33 -27.92 -1.08
CA ASP B 2058 1.69 -27.96 -0.58
C ASP B 2058 2.16 -26.59 -0.09
N GLN B 2059 1.22 -25.71 0.25
CA GLN B 2059 1.48 -24.56 1.12
C GLN B 2059 2.34 -23.48 0.48
N VAL B 2060 1.92 -23.01 -0.68
CA VAL B 2060 2.67 -21.96 -1.38
C VAL B 2060 2.44 -20.59 -0.73
N LEU B 2061 1.27 -20.37 -0.14
CA LEU B 2061 0.96 -19.07 0.48
C LEU B 2061 1.87 -18.78 1.66
N LYS B 2062 2.14 -19.79 2.49
CA LYS B 2062 3.00 -19.61 3.65
C LYS B 2062 4.41 -19.17 3.24
N PHE B 2063 4.99 -19.82 2.24
CA PHE B 2063 6.33 -19.45 1.81
C PHE B 2063 6.35 -18.10 1.10
N GLY B 2064 5.30 -17.79 0.35
CA GLY B 2064 5.18 -16.46 -0.21
C GLY B 2064 5.14 -15.38 0.85
N ALA B 2065 4.44 -15.63 1.96
CA ALA B 2065 4.42 -14.67 3.06
C ALA B 2065 5.74 -14.63 3.81
N TYR B 2066 6.43 -15.77 3.88
CA TYR B 2066 7.74 -15.78 4.49
C TYR B 2066 8.72 -14.92 3.72
N ILE B 2067 8.57 -14.85 2.38
CA ILE B 2067 9.40 -13.95 1.59
C ILE B 2067 9.22 -12.51 2.03
N VAL B 2068 7.97 -12.10 2.25
CA VAL B 2068 7.68 -10.74 2.74
C VAL B 2068 8.31 -10.52 4.10
N ASP B 2069 8.08 -11.46 5.02
CA ASP B 2069 8.66 -11.35 6.36
C ASP B 2069 10.17 -11.24 6.30
N GLY B 2070 10.80 -11.92 5.35
CA GLY B 2070 12.24 -11.84 5.22
C GLY B 2070 12.71 -10.49 4.72
N LEU B 2071 12.12 -10.03 3.62
CA LEU B 2071 12.59 -8.79 3.01
C LEU B 2071 12.32 -7.59 3.91
N ARG B 2072 11.27 -7.66 4.71
CA ARG B 2072 10.98 -6.59 5.64
C ARG B 2072 12.08 -6.39 6.67
N GLU B 2073 12.90 -7.41 6.94
CA GLU B 2073 13.93 -7.37 7.96
C GLU B 2073 15.31 -7.09 7.41
N CYS B 2074 15.44 -6.88 6.11
CA CYS B 2074 16.76 -6.63 5.54
C CYS B 2074 17.30 -5.29 6.00
N CYS B 2075 18.55 -5.31 6.43
CA CYS B 2075 19.25 -4.13 6.90
C CYS B 2075 20.25 -3.62 5.87
N GLN B 2076 20.31 -4.24 4.70
CA GLN B 2076 21.25 -3.94 3.64
C GLN B 2076 20.49 -3.65 2.35
N PRO B 2077 21.10 -2.95 1.40
CA PRO B 2077 20.39 -2.59 0.18
C PRO B 2077 19.87 -3.79 -0.60
N VAL B 2078 18.67 -3.63 -1.15
CA VAL B 2078 18.00 -4.68 -1.91
C VAL B 2078 17.66 -4.11 -3.28
N LEU B 2079 18.41 -4.52 -4.30
CA LEU B 2079 18.28 -4.00 -5.64
C LEU B 2079 17.61 -5.06 -6.50
N VAL B 2080 16.39 -4.75 -6.94
CA VAL B 2080 15.61 -5.61 -7.83
C VAL B 2080 15.73 -5.06 -9.23
N TYR B 2081 15.97 -5.94 -10.19
CA TYR B 2081 16.08 -5.57 -11.59
C TYR B 2081 15.28 -6.53 -12.45
N ILE B 2082 14.54 -5.98 -13.40
CA ILE B 2082 13.70 -6.77 -14.30
C ILE B 2082 14.45 -6.89 -15.63
N PRO B 2083 14.98 -8.06 -16.00
CA PRO B 2083 15.83 -8.13 -17.19
C PRO B 2083 15.03 -8.05 -18.48
N PRO B 2084 15.69 -7.96 -19.61
CA PRO B 2084 14.97 -7.90 -20.89
C PRO B 2084 14.26 -9.20 -21.20
N GLN B 2085 13.11 -9.05 -21.87
CA GLN B 2085 12.24 -10.18 -22.20
C GLN B 2085 11.82 -10.93 -20.94
N ALA B 2086 11.65 -10.19 -19.86
CA ALA B 2086 11.18 -10.69 -18.59
C ALA B 2086 9.90 -9.98 -18.23
N GLU B 2087 9.13 -10.59 -17.35
CA GLU B 2087 7.88 -10.01 -16.90
C GLU B 2087 7.73 -10.20 -15.40
N LEU B 2088 7.03 -9.25 -14.77
CA LEU B 2088 6.56 -9.41 -13.40
C LEU B 2088 5.06 -9.20 -13.33
N ARG B 2089 4.35 -10.20 -12.81
CA ARG B 2089 2.90 -10.23 -12.86
C ARG B 2089 2.33 -10.51 -11.47
N GLY B 2090 1.57 -9.56 -10.95
CA GLY B 2090 0.71 -9.77 -9.80
C GLY B 2090 1.37 -10.15 -8.51
N GLY B 2091 1.08 -11.36 -8.04
CA GLY B 2091 1.57 -11.84 -6.75
C GLY B 2091 3.08 -11.78 -6.63
N SER B 2092 3.77 -11.85 -7.75
CA SER B 2092 5.22 -11.67 -7.78
C SER B 2092 5.65 -10.24 -7.49
N TRP B 2093 4.74 -9.26 -7.55
CA TRP B 2093 5.12 -7.90 -7.21
C TRP B 2093 5.02 -7.67 -5.72
N VAL B 2094 3.89 -8.04 -5.12
CA VAL B 2094 3.59 -7.70 -3.74
C VAL B 2094 4.51 -8.35 -2.73
N VAL B 2095 5.34 -9.30 -3.15
CA VAL B 2095 6.25 -9.99 -2.23
C VAL B 2095 7.67 -9.45 -2.30
N ILE B 2096 8.01 -8.67 -3.32
CA ILE B 2096 9.33 -8.07 -3.47
C ILE B 2096 9.21 -6.57 -3.75
N ASP B 2097 8.04 -6.00 -3.50
CA ASP B 2097 7.83 -4.58 -3.74
C ASP B 2097 8.71 -3.74 -2.82
N SER B 2098 9.16 -2.59 -3.34
CA SER B 2098 10.01 -1.71 -2.56
C SER B 2098 9.29 -1.06 -1.39
N SER B 2099 7.95 -1.12 -1.36
CA SER B 2099 7.19 -0.60 -0.23
C SER B 2099 7.25 -1.50 1.00
N ILE B 2100 7.82 -2.70 0.90
CA ILE B 2100 7.93 -3.56 2.07
C ILE B 2100 8.97 -3.01 3.04
N ASN B 2101 10.08 -2.51 2.52
CA ASN B 2101 11.16 -1.94 3.32
C ASN B 2101 11.76 -0.80 2.52
N PRO B 2102 11.12 0.38 2.54
CA PRO B 2102 11.57 1.47 1.65
C PRO B 2102 12.97 1.96 1.93
N ARG B 2103 13.47 1.81 3.16
CA ARG B 2103 14.78 2.35 3.49
C ARG B 2103 15.91 1.66 2.74
N HIS B 2104 15.69 0.45 2.24
CA HIS B 2104 16.72 -0.35 1.60
C HIS B 2104 16.35 -0.89 0.23
N MET B 2105 15.08 -1.09 -0.08
CA MET B 2105 14.65 -1.67 -1.35
C MET B 2105 14.54 -0.63 -2.46
N GLU B 2106 15.00 -0.99 -3.65
CA GLU B 2106 14.84 -0.20 -4.86
C GLU B 2106 14.62 -1.13 -6.04
N MET B 2107 13.73 -0.73 -6.96
CA MET B 2107 13.39 -1.50 -8.15
C MET B 2107 13.81 -0.75 -9.39
N TYR B 2108 14.30 -1.50 -10.38
CA TYR B 2108 14.72 -0.98 -11.66
C TYR B 2108 14.25 -1.93 -12.75
N ALA B 2109 13.98 -1.39 -13.94
CA ALA B 2109 13.51 -2.17 -15.07
C ALA B 2109 14.28 -1.85 -16.33
N ASP B 2110 14.31 -2.82 -17.23
CA ASP B 2110 14.83 -2.65 -18.57
C ASP B 2110 13.74 -2.12 -19.49
N ARG B 2111 14.13 -1.72 -20.70
CA ARG B 2111 13.18 -1.21 -21.66
C ARG B 2111 12.39 -2.32 -22.33
N GLU B 2112 13.02 -3.48 -22.56
CA GLU B 2112 12.34 -4.67 -23.05
C GLU B 2112 11.91 -5.57 -21.90
N SER B 2113 11.23 -4.97 -20.93
CA SER B 2113 10.67 -5.65 -19.78
C SER B 2113 9.16 -5.40 -19.76
N ARG B 2114 8.44 -6.19 -18.96
CA ARG B 2114 7.00 -6.02 -18.84
C ARG B 2114 6.60 -6.21 -17.39
N GLY B 2115 5.48 -5.60 -17.03
CA GLY B 2115 5.02 -5.70 -15.67
C GLY B 2115 3.62 -5.18 -15.48
N SER B 2116 2.81 -5.95 -14.78
CA SER B 2116 1.41 -5.58 -14.61
C SER B 2116 0.83 -6.44 -13.50
N VAL B 2117 -0.48 -6.35 -13.34
CA VAL B 2117 -1.20 -7.16 -12.36
C VAL B 2117 -1.47 -8.52 -12.98
N LEU B 2118 -1.94 -8.52 -14.22
CA LEU B 2118 -2.20 -9.74 -14.97
C LEU B 2118 -1.49 -9.70 -16.32
N GLU B 2119 -1.31 -10.90 -16.88
CA GLU B 2119 -0.81 -11.00 -18.23
C GLU B 2119 -1.83 -10.40 -19.21
N PRO B 2120 -1.39 -10.04 -20.42
CA PRO B 2120 -2.33 -9.47 -21.39
C PRO B 2120 -3.53 -10.35 -21.72
N GLU B 2121 -3.33 -11.67 -21.80
CA GLU B 2121 -4.44 -12.56 -22.13
C GLU B 2121 -5.48 -12.59 -21.01
N GLY B 2122 -5.02 -12.63 -19.76
CA GLY B 2122 -5.95 -12.61 -18.64
C GLY B 2122 -6.73 -11.31 -18.56
N THR B 2123 -6.07 -10.20 -18.88
CA THR B 2123 -6.74 -8.91 -18.96
C THR B 2123 -7.77 -8.90 -20.09
N VAL B 2124 -7.43 -9.48 -21.24
CA VAL B 2124 -8.36 -9.50 -22.37
C VAL B 2124 -9.59 -10.33 -22.03
N GLU B 2125 -9.38 -11.49 -21.40
CA GLU B 2125 -10.48 -12.38 -21.04
C GLU B 2125 -11.50 -11.70 -20.15
N ILE B 2126 -11.10 -10.63 -19.45
CA ILE B 2126 -11.96 -9.91 -18.55
C ILE B 2126 -12.58 -8.69 -19.22
N LYS B 2127 -11.74 -7.86 -19.86
CA LYS B 2127 -12.19 -6.56 -20.32
C LYS B 2127 -12.69 -6.57 -21.77
N PHE B 2128 -12.17 -7.45 -22.60
CA PHE B 2128 -12.59 -7.60 -23.99
C PHE B 2128 -13.31 -8.93 -24.13
N ARG B 2129 -14.61 -8.93 -23.87
CA ARG B 2129 -15.44 -10.10 -24.15
C ARG B 2129 -15.74 -10.13 -25.65
N ARG B 2130 -16.58 -11.07 -26.08
CA ARG B 2130 -16.97 -11.11 -27.49
C ARG B 2130 -17.68 -9.84 -27.91
N LYS B 2131 -18.51 -9.29 -27.02
CA LYS B 2131 -19.32 -8.13 -27.39
C LYS B 2131 -18.45 -6.89 -27.57
N ASP B 2132 -17.37 -6.77 -26.81
CA ASP B 2132 -16.47 -5.64 -27.03
C ASP B 2132 -15.66 -5.80 -28.30
N LEU B 2133 -15.28 -7.03 -28.64
CA LEU B 2133 -14.64 -7.27 -29.92
C LEU B 2133 -15.57 -6.91 -31.07
N VAL B 2134 -16.86 -7.21 -30.93
CA VAL B 2134 -17.81 -6.85 -31.98
C VAL B 2134 -18.00 -5.34 -32.04
N LYS B 2135 -18.09 -4.69 -30.88
CA LYS B 2135 -18.22 -3.23 -30.85
C LYS B 2135 -17.03 -2.57 -31.52
N THR B 2136 -15.84 -3.14 -31.34
CA THR B 2136 -14.65 -2.59 -32.00
C THR B 2136 -14.69 -2.88 -33.50
N MET B 2137 -15.12 -4.09 -33.89
CA MET B 2137 -15.32 -4.40 -35.30
C MET B 2137 -16.27 -3.41 -35.96
N ARG B 2138 -17.26 -2.93 -35.22
CA ARG B 2138 -18.27 -2.05 -35.76
C ARG B 2138 -17.68 -0.77 -36.36
N ARG B 2139 -16.50 -0.35 -35.93
CA ARG B 2139 -15.89 0.89 -36.38
C ARG B 2139 -14.60 0.70 -37.16
N VAL B 2140 -14.22 -0.53 -37.51
CA VAL B 2140 -12.98 -0.82 -38.22
C VAL B 2140 -13.22 -1.62 -39.49
N ASP B 2141 -13.97 -2.71 -39.40
CA ASP B 2141 -14.00 -3.67 -40.50
C ASP B 2141 -14.91 -3.15 -41.62
N PRO B 2142 -14.39 -2.90 -42.83
CA PRO B 2142 -15.27 -2.34 -43.88
C PRO B 2142 -16.44 -3.22 -44.27
N VAL B 2143 -16.24 -4.54 -44.30
CA VAL B 2143 -17.31 -5.45 -44.68
C VAL B 2143 -18.42 -5.42 -43.63
N TYR B 2144 -18.03 -5.57 -42.36
CA TYR B 2144 -19.00 -5.52 -41.28
C TYR B 2144 -19.70 -4.17 -41.24
N ILE B 2145 -18.95 -3.09 -41.48
CA ILE B 2145 -19.55 -1.76 -41.47
C ILE B 2145 -20.59 -1.64 -42.57
N HIS B 2146 -20.24 -2.10 -43.77
CA HIS B 2146 -21.18 -2.07 -44.89
C HIS B 2146 -22.46 -2.83 -44.56
N LEU B 2147 -22.31 -4.07 -44.07
CA LEU B 2147 -23.48 -4.89 -43.77
C LEU B 2147 -24.32 -4.29 -42.65
N ALA B 2148 -23.67 -3.74 -41.63
CA ALA B 2148 -24.41 -3.21 -40.49
C ALA B 2148 -25.09 -1.89 -40.84
N GLU B 2149 -24.46 -1.07 -41.66
CA GLU B 2149 -25.10 0.16 -42.12
C GLU B 2149 -26.29 -0.16 -43.02
N ARG B 2150 -26.20 -1.24 -43.80
CA ARG B 2150 -27.33 -1.62 -44.64
C ARG B 2150 -28.47 -2.20 -43.81
N LEU B 2151 -28.16 -3.07 -42.85
CA LEU B 2151 -29.23 -3.68 -42.07
C LEU B 2151 -29.97 -2.65 -41.24
N GLY B 2152 -29.27 -1.65 -40.74
CA GLY B 2152 -29.89 -0.56 -40.00
C GLY B 2152 -30.60 0.47 -40.84
N THR B 2153 -30.63 0.31 -42.16
CA THR B 2153 -31.31 1.25 -43.04
C THR B 2153 -32.80 0.91 -43.11
N PRO B 2154 -33.71 1.86 -42.90
CA PRO B 2154 -35.13 1.52 -42.91
C PRO B 2154 -35.67 1.33 -44.31
N GLU B 2155 -36.82 0.64 -44.38
CA GLU B 2155 -37.63 0.53 -45.58
C GLU B 2155 -36.87 -0.14 -46.73
N LEU B 2156 -36.19 -1.24 -46.43
CA LEU B 2156 -35.54 -2.02 -47.49
C LEU B 2156 -36.40 -3.20 -47.94
N SER B 2157 -36.59 -4.16 -47.04
CA SER B 2157 -37.37 -5.37 -47.27
C SER B 2157 -37.12 -6.30 -46.10
N THR B 2158 -37.93 -7.35 -46.00
CA THR B 2158 -37.71 -8.35 -44.95
C THR B 2158 -36.57 -9.28 -45.30
N ALA B 2159 -36.57 -9.81 -46.53
CA ALA B 2159 -35.58 -10.81 -46.92
C ALA B 2159 -34.17 -10.21 -46.94
N GLU B 2160 -34.05 -8.97 -47.41
CA GLU B 2160 -32.74 -8.31 -47.40
C GLU B 2160 -32.21 -8.16 -45.97
N ARG B 2161 -33.07 -7.78 -45.03
CA ARG B 2161 -32.64 -7.66 -43.64
C ARG B 2161 -32.21 -9.00 -43.08
N LYS B 2162 -32.95 -10.07 -43.39
CA LYS B 2162 -32.56 -11.39 -42.91
C LYS B 2162 -31.21 -11.81 -43.46
N GLU B 2163 -30.99 -11.59 -44.76
CA GLU B 2163 -29.71 -11.95 -45.36
C GLU B 2163 -28.56 -11.17 -44.75
N LEU B 2164 -28.74 -9.85 -44.57
CA LEU B 2164 -27.70 -9.02 -43.97
C LEU B 2164 -27.42 -9.46 -42.54
N GLU B 2165 -28.46 -9.82 -41.78
CA GLU B 2165 -28.26 -10.28 -40.42
C GLU B 2165 -27.42 -11.56 -40.37
N ASN B 2166 -27.75 -12.52 -41.25
CA ASN B 2166 -26.98 -13.77 -41.25
C ASN B 2166 -25.54 -13.53 -41.67
N LYS B 2167 -25.31 -12.67 -42.66
CA LYS B 2167 -23.94 -12.35 -43.06
C LYS B 2167 -23.19 -11.64 -41.92
N LEU B 2168 -23.89 -10.79 -41.18
CA LEU B 2168 -23.26 -10.12 -40.04
C LEU B 2168 -22.85 -11.12 -38.97
N LYS B 2169 -23.72 -12.08 -38.67
CA LYS B 2169 -23.36 -13.12 -37.71
C LYS B 2169 -22.13 -13.90 -38.19
N GLU B 2170 -22.09 -14.20 -39.49
CA GLU B 2170 -20.94 -14.94 -40.02
C GLU B 2170 -19.66 -14.13 -39.88
N ARG B 2171 -19.70 -12.83 -40.18
CA ARG B 2171 -18.50 -12.01 -40.01
C ARG B 2171 -18.11 -11.88 -38.55
N GLU B 2172 -19.10 -11.72 -37.66
CA GLU B 2172 -18.82 -11.60 -36.24
C GLU B 2172 -18.06 -12.81 -35.72
N GLU B 2173 -18.53 -14.02 -36.06
CA GLU B 2173 -17.84 -15.20 -35.57
C GLU B 2173 -16.55 -15.46 -36.36
N PHE B 2174 -16.48 -15.00 -37.62
CA PHE B 2174 -15.30 -15.23 -38.44
C PHE B 2174 -14.10 -14.41 -37.96
N LEU B 2175 -14.34 -13.14 -37.63
CA LEU B 2175 -13.26 -12.20 -37.38
C LEU B 2175 -12.64 -12.31 -35.99
N ILE B 2176 -13.13 -13.23 -35.14
CA ILE B 2176 -12.73 -13.23 -33.73
C ILE B 2176 -11.23 -13.32 -33.53
N PRO B 2177 -10.48 -14.23 -34.20
CA PRO B 2177 -9.05 -14.38 -33.85
C PRO B 2177 -8.19 -13.15 -34.05
N ILE B 2178 -8.41 -12.39 -35.12
CA ILE B 2178 -7.57 -11.25 -35.43
C ILE B 2178 -7.77 -10.13 -34.43
N TYR B 2179 -9.03 -9.87 -34.10
CA TYR B 2179 -9.35 -8.83 -33.15
C TYR B 2179 -9.04 -9.25 -31.72
N HIS B 2180 -9.03 -10.55 -31.44
CA HIS B 2180 -8.49 -11.03 -30.17
C HIS B 2180 -7.01 -10.72 -30.06
N GLN B 2181 -6.25 -11.01 -31.11
CA GLN B 2181 -4.83 -10.66 -31.14
C GLN B 2181 -4.62 -9.16 -30.96
N VAL B 2182 -5.45 -8.36 -31.64
CA VAL B 2182 -5.36 -6.91 -31.55
C VAL B 2182 -5.61 -6.45 -30.12
N ALA B 2183 -6.63 -7.02 -29.46
CA ALA B 2183 -6.93 -6.64 -28.09
C ALA B 2183 -5.80 -7.07 -27.15
N VAL B 2184 -5.16 -8.20 -27.43
CA VAL B 2184 -4.04 -8.61 -26.60
C VAL B 2184 -2.90 -7.62 -26.75
N GLN B 2185 -2.65 -7.15 -27.97
CA GLN B 2185 -1.64 -6.11 -28.15
C GLN B 2185 -2.02 -4.85 -27.41
N PHE B 2186 -3.29 -4.48 -27.46
CA PHE B 2186 -3.78 -3.30 -26.77
C PHE B 2186 -3.51 -3.37 -25.27
N ALA B 2187 -3.80 -4.52 -24.68
CA ALA B 2187 -3.51 -4.71 -23.25
C ALA B 2187 -2.01 -4.76 -22.99
N ASP B 2188 -1.23 -5.30 -23.93
CA ASP B 2188 0.22 -5.34 -23.78
C ASP B 2188 0.82 -3.94 -23.76
N LEU B 2189 0.19 -2.99 -24.43
CA LEU B 2189 0.77 -1.65 -24.53
C LEU B 2189 0.78 -0.91 -23.21
N HIS B 2190 -0.09 -1.26 -22.26
CA HIS B 2190 -0.17 -0.55 -20.99
C HIS B 2190 0.59 -1.26 -19.87
N ASP B 2191 1.43 -2.23 -20.19
CA ASP B 2191 2.23 -2.94 -19.20
C ASP B 2191 3.69 -2.54 -19.27
N THR B 2192 3.99 -1.41 -19.87
CA THR B 2192 5.34 -1.07 -20.27
C THR B 2192 6.08 -0.38 -19.13
N PRO B 2193 7.41 -0.36 -19.18
CA PRO B 2193 8.17 0.36 -18.15
C PRO B 2193 7.94 1.87 -18.13
N GLY B 2194 7.54 2.46 -19.26
CA GLY B 2194 7.22 3.87 -19.27
C GLY B 2194 6.13 4.25 -18.30
N ARG B 2195 5.10 3.43 -18.18
CA ARG B 2195 4.02 3.70 -17.23
C ARG B 2195 4.49 3.52 -15.80
N MET B 2196 5.30 2.48 -15.54
CA MET B 2196 5.82 2.29 -14.20
C MET B 2196 6.71 3.44 -13.78
N GLN B 2197 7.40 4.06 -14.74
CA GLN B 2197 8.17 5.26 -14.44
C GLN B 2197 7.24 6.44 -14.17
N GLU B 2198 6.23 6.65 -15.01
CA GLU B 2198 5.34 7.78 -14.82
C GLU B 2198 4.60 7.73 -13.49
N LYS B 2199 4.22 6.54 -13.05
CA LYS B 2199 3.50 6.42 -11.78
C LYS B 2199 4.40 6.50 -10.56
N GLY B 2200 5.66 6.10 -10.67
CA GLY B 2200 6.57 6.11 -9.54
C GLY B 2200 6.67 4.82 -8.77
N VAL B 2201 6.56 3.67 -9.44
CA VAL B 2201 6.79 2.37 -8.81
C VAL B 2201 8.17 1.80 -9.14
N ILE B 2202 8.88 2.38 -10.10
CA ILE B 2202 10.27 2.05 -10.36
C ILE B 2202 11.09 3.33 -10.31
N SER B 2203 12.33 3.20 -9.89
CA SER B 2203 13.19 4.38 -9.73
C SER B 2203 13.76 4.84 -11.06
N ASP B 2204 14.04 3.93 -11.99
CA ASP B 2204 14.54 4.32 -13.30
C ASP B 2204 14.37 3.16 -14.28
N ILE B 2205 14.58 3.46 -15.56
CA ILE B 2205 14.57 2.49 -16.65
C ILE B 2205 15.98 2.43 -17.21
N LEU B 2206 16.51 1.22 -17.37
CA LEU B 2206 17.92 0.99 -17.63
C LEU B 2206 18.12 0.25 -18.94
N ASP B 2207 19.27 0.49 -19.55
CA ASP B 2207 19.72 -0.29 -20.69
C ASP B 2207 20.60 -1.43 -20.22
N TRP B 2208 20.36 -2.63 -20.76
CA TRP B 2208 20.98 -3.86 -20.29
C TRP B 2208 22.50 -3.79 -20.35
N LYS B 2209 23.04 -3.42 -21.52
CA LYS B 2209 24.48 -3.50 -21.76
C LYS B 2209 25.30 -2.69 -20.74
N THR B 2210 24.79 -1.54 -20.31
CA THR B 2210 25.52 -0.66 -19.39
C THR B 2210 25.04 -0.80 -17.94
N SER B 2211 24.17 -1.77 -17.66
CA SER B 2211 23.56 -1.88 -16.33
C SER B 2211 24.59 -2.10 -15.22
N ARG B 2212 25.66 -2.86 -15.49
CA ARG B 2212 26.73 -3.01 -14.51
C ARG B 2212 27.25 -1.65 -14.07
N THR B 2213 27.54 -0.76 -15.03
CA THR B 2213 28.06 0.55 -14.68
C THR B 2213 27.07 1.29 -13.80
N PHE B 2214 25.79 1.03 -13.99
CA PHE B 2214 24.81 1.59 -13.08
C PHE B 2214 24.94 0.93 -11.71
N PHE B 2215 24.83 -0.39 -11.66
CA PHE B 2215 24.58 -1.06 -10.39
C PHE B 2215 25.78 -1.06 -9.45
N TYR B 2216 27.01 -1.12 -9.95
CA TYR B 2216 28.15 -0.86 -9.08
C TYR B 2216 28.02 0.52 -8.44
N TRP B 2217 27.97 1.56 -9.27
CA TRP B 2217 28.12 2.91 -8.75
C TRP B 2217 26.93 3.28 -7.90
N ARG B 2218 25.77 2.68 -8.18
CA ARG B 2218 24.65 2.81 -7.27
C ARG B 2218 24.95 2.15 -5.94
N LEU B 2219 25.30 0.86 -5.98
CA LEU B 2219 25.47 0.08 -4.76
C LEU B 2219 26.50 0.70 -3.84
N ARG B 2220 27.67 1.03 -4.37
CA ARG B 2220 28.73 1.63 -3.58
C ARG B 2220 28.24 2.86 -2.84
N ARG B 2221 27.50 3.74 -3.54
CA ARG B 2221 26.97 4.94 -2.90
C ARG B 2221 26.18 4.57 -1.66
N LEU B 2222 25.22 3.67 -1.81
CA LEU B 2222 24.38 3.30 -0.68
C LEU B 2222 25.24 2.73 0.44
N LEU B 2223 26.23 1.90 0.08
CA LEU B 2223 27.12 1.37 1.11
C LEU B 2223 27.81 2.50 1.84
N LEU B 2224 28.35 3.46 1.09
CA LEU B 2224 28.99 4.59 1.72
C LEU B 2224 28.00 5.37 2.55
N GLU B 2225 26.79 5.59 2.02
CA GLU B 2225 25.77 6.27 2.80
C GLU B 2225 25.42 5.46 4.03
N ASP B 2226 25.35 4.13 3.88
CA ASP B 2226 25.01 3.29 5.02
C ASP B 2226 26.06 3.40 6.11
N LEU B 2227 27.30 3.71 5.74
CA LEU B 2227 28.28 4.01 6.78
C LEU B 2227 27.90 5.30 7.51
N VAL B 2228 27.77 6.41 6.77
CA VAL B 2228 27.70 7.69 7.47
C VAL B 2228 26.40 7.81 8.24
N LYS B 2229 25.29 7.32 7.66
CA LYS B 2229 24.02 7.35 8.38
C LYS B 2229 24.14 6.59 9.69
N LYS B 2230 24.83 5.44 9.67
CA LYS B 2230 25.01 4.69 10.90
C LYS B 2230 25.71 5.54 11.95
N LYS B 2231 26.79 6.22 11.55
CA LYS B 2231 27.47 7.12 12.46
C LYS B 2231 26.52 8.17 12.97
N ILE B 2232 25.71 8.75 12.07
CA ILE B 2232 24.76 9.76 12.49
C ILE B 2232 23.75 9.15 13.44
N HIS B 2233 23.35 7.91 13.19
CA HIS B 2233 22.39 7.26 14.06
C HIS B 2233 22.98 7.02 15.43
N ASN B 2234 24.28 6.72 15.50
CA ASN B 2234 24.93 6.61 16.79
C ASN B 2234 25.06 7.98 17.46
N ALA B 2235 25.16 9.04 16.66
CA ALA B 2235 25.25 10.39 17.23
C ALA B 2235 23.96 10.77 17.94
N ASN B 2236 22.82 10.41 17.38
CA ASN B 2236 21.52 10.76 17.94
C ASN B 2236 20.55 9.62 17.62
N PRO B 2237 20.49 8.60 18.48
CA PRO B 2237 19.59 7.47 18.22
C PRO B 2237 18.10 7.80 18.14
N GLU B 2238 17.68 9.04 18.42
CA GLU B 2238 16.27 9.40 18.33
C GLU B 2238 15.87 9.88 16.94
N LEU B 2239 16.79 9.99 15.99
CA LEU B 2239 16.46 10.47 14.66
C LEU B 2239 15.98 9.32 13.78
N THR B 2240 15.03 9.62 12.89
CA THR B 2240 14.57 8.69 11.88
C THR B 2240 15.38 8.87 10.59
N ASP B 2241 14.97 8.14 9.56
CA ASP B 2241 15.77 8.05 8.33
C ASP B 2241 15.52 9.21 7.38
N GLY B 2242 14.28 9.71 7.30
CA GLY B 2242 14.04 10.89 6.49
C GLY B 2242 14.79 12.11 7.01
N GLN B 2243 14.82 12.28 8.33
CA GLN B 2243 15.63 13.32 8.93
C GLN B 2243 17.11 13.17 8.58
N ILE B 2244 17.63 11.95 8.62
CA ILE B 2244 19.05 11.75 8.38
C ILE B 2244 19.38 11.99 6.92
N GLN B 2245 18.49 11.58 6.01
CA GLN B 2245 18.71 11.87 4.60
C GLN B 2245 18.70 13.38 4.35
N ALA B 2246 17.77 14.08 5.00
CA ALA B 2246 17.71 15.53 4.87
C ALA B 2246 18.96 16.20 5.44
N MET B 2247 19.45 15.71 6.58
CA MET B 2247 20.68 16.24 7.17
C MET B 2247 21.85 16.05 6.23
N LEU B 2248 21.97 14.87 5.62
CA LEU B 2248 23.09 14.62 4.73
C LEU B 2248 23.01 15.52 3.50
N ARG B 2249 21.80 15.66 2.96
CA ARG B 2249 21.54 16.62 1.88
C ARG B 2249 22.06 18.00 2.24
N ARG B 2250 21.60 18.52 3.38
CA ARG B 2250 21.97 19.85 3.81
C ARG B 2250 23.46 19.98 4.04
N TRP B 2251 24.08 18.95 4.61
CA TRP B 2251 25.52 19.01 4.87
C TRP B 2251 26.29 19.12 3.57
N PHE B 2252 25.89 18.34 2.56
CA PHE B 2252 26.55 18.43 1.26
C PHE B 2252 26.44 19.83 0.70
N VAL B 2253 25.21 20.36 0.66
CA VAL B 2253 25.01 21.68 0.07
C VAL B 2253 25.76 22.75 0.84
N GLU B 2254 25.78 22.63 2.17
CA GLU B 2254 26.40 23.65 3.01
C GLU B 2254 27.91 23.69 2.84
N VAL B 2255 28.54 22.52 2.78
CA VAL B 2255 30.01 22.52 2.73
C VAL B 2255 30.52 22.76 1.31
N GLU B 2256 29.81 22.26 0.29
CA GLU B 2256 30.28 22.47 -1.07
C GLU B 2256 29.79 23.78 -1.66
N GLY B 2257 28.56 24.16 -1.39
CA GLY B 2257 27.97 25.38 -1.88
C GLY B 2257 26.75 25.10 -2.74
N THR B 2258 25.87 26.11 -2.86
CA THR B 2258 24.60 25.93 -3.54
C THR B 2258 24.76 25.67 -5.03
N VAL B 2259 25.80 26.24 -5.66
CA VAL B 2259 26.00 26.03 -7.09
C VAL B 2259 26.29 24.56 -7.38
N LYS B 2260 26.90 23.86 -6.44
CA LYS B 2260 27.21 22.45 -6.58
C LYS B 2260 26.08 21.55 -6.09
N ALA B 2261 24.93 22.12 -5.70
CA ALA B 2261 23.87 21.36 -5.07
C ALA B 2261 23.28 20.32 -6.03
N TYR B 2262 23.40 20.54 -7.33
CA TYR B 2262 22.92 19.57 -8.30
C TYR B 2262 23.74 18.29 -8.31
N VAL B 2263 24.95 18.31 -7.75
CA VAL B 2263 25.77 17.11 -7.74
C VAL B 2263 25.39 16.31 -6.50
N TRP B 2264 24.19 15.72 -6.53
CA TRP B 2264 23.71 14.84 -5.46
C TRP B 2264 23.22 13.54 -6.07
N ASP B 2265 22.39 13.65 -7.10
CA ASP B 2265 21.86 12.49 -7.83
C ASP B 2265 22.84 12.04 -8.93
N ASN B 2266 24.09 11.83 -8.52
CA ASN B 2266 25.15 11.40 -9.42
C ASN B 2266 26.02 10.47 -8.59
N ASN B 2267 25.90 9.17 -8.84
CA ASN B 2267 26.36 8.19 -7.87
C ASN B 2267 27.89 8.14 -7.81
N LYS B 2268 28.56 8.27 -8.94
CA LYS B 2268 30.03 8.32 -8.94
C LYS B 2268 30.54 9.53 -8.15
N ASP B 2269 29.98 10.71 -8.42
CA ASP B 2269 30.49 11.92 -7.79
C ASP B 2269 30.19 11.94 -6.30
N LEU B 2270 28.99 11.50 -5.90
CA LEU B 2270 28.66 11.53 -4.48
C LEU B 2270 29.40 10.43 -3.74
N ALA B 2271 29.66 9.31 -4.42
CA ALA B 2271 30.49 8.27 -3.83
C ALA B 2271 31.90 8.77 -3.56
N GLU B 2272 32.50 9.47 -4.53
CA GLU B 2272 33.83 10.03 -4.32
C GLU B 2272 33.83 11.04 -3.19
N TRP B 2273 32.81 11.89 -3.12
CA TRP B 2273 32.72 12.88 -2.06
C TRP B 2273 32.61 12.21 -0.68
N LEU B 2274 31.73 11.21 -0.56
CA LEU B 2274 31.59 10.50 0.71
C LEU B 2274 32.88 9.78 1.08
N GLU B 2275 33.57 9.18 0.11
CA GLU B 2275 34.83 8.53 0.40
C GLU B 2275 35.85 9.52 0.94
N LYS B 2276 36.00 10.67 0.27
CA LYS B 2276 36.94 11.68 0.73
C LYS B 2276 36.58 12.16 2.12
N GLN B 2277 35.29 12.24 2.43
CA GLN B 2277 34.89 12.75 3.74
C GLN B 2277 35.06 11.73 4.85
N LEU B 2278 34.97 10.44 4.54
CA LEU B 2278 34.98 9.40 5.57
C LEU B 2278 36.36 8.77 5.77
N THR B 2279 37.19 8.68 4.73
CA THR B 2279 38.44 7.95 4.81
C THR B 2279 39.66 8.83 5.06
N GLU B 2280 39.56 10.14 4.86
CA GLU B 2280 40.71 11.02 4.96
C GLU B 2280 40.89 11.51 6.39
N GLU B 2281 42.10 11.36 6.92
CA GLU B 2281 42.46 11.82 8.25
C GLU B 2281 43.82 12.49 8.21
N ASP B 2282 44.06 13.36 9.19
CA ASP B 2282 45.29 14.16 9.26
C ASP B 2282 45.52 14.92 7.96
N GLY B 2283 44.42 15.40 7.38
CA GLY B 2283 44.39 16.08 6.10
C GLY B 2283 43.47 17.27 6.14
N VAL B 2284 42.48 17.29 5.25
CA VAL B 2284 41.44 18.32 5.30
C VAL B 2284 40.57 18.18 6.55
N HIS B 2285 40.63 17.05 7.24
CA HIS B 2285 40.07 16.82 8.58
C HIS B 2285 38.56 16.64 8.60
N SER B 2286 37.94 16.36 7.45
CA SER B 2286 36.59 15.79 7.40
C SER B 2286 35.51 16.60 8.10
N VAL B 2287 35.12 17.74 7.50
CA VAL B 2287 34.13 18.65 8.09
C VAL B 2287 32.86 17.91 8.54
N ILE B 2288 32.47 16.85 7.83
CA ILE B 2288 31.31 16.07 8.24
C ILE B 2288 31.57 15.38 9.56
N GLU B 2289 32.81 14.97 9.82
CA GLU B 2289 33.15 14.42 11.13
C GLU B 2289 32.87 15.43 12.24
N GLU B 2290 33.22 16.70 12.01
CA GLU B 2290 32.94 17.73 12.99
C GLU B 2290 31.43 17.92 13.17
N ASN B 2291 30.67 17.86 12.08
CA ASN B 2291 29.22 17.98 12.20
C ASN B 2291 28.65 16.82 13.02
N ILE B 2292 29.18 15.62 12.84
CA ILE B 2292 28.70 14.46 13.59
C ILE B 2292 29.03 14.62 15.07
N LYS B 2293 30.24 15.09 15.38
CA LYS B 2293 30.59 15.38 16.76
C LYS B 2293 29.65 16.40 17.38
N CYS B 2294 29.25 17.41 16.60
CA CYS B 2294 28.34 18.43 17.11
C CYS B 2294 26.97 17.84 17.43
N ILE B 2295 26.43 17.02 16.51
CA ILE B 2295 25.16 16.35 16.76
C ILE B 2295 25.25 15.48 18.01
N SER B 2296 26.38 14.78 18.16
CA SER B 2296 26.59 13.91 19.31
C SER B 2296 26.56 14.70 20.63
N ARG B 2297 27.34 15.78 20.70
CA ARG B 2297 27.39 16.57 21.94
C ARG B 2297 26.03 17.15 22.27
N ASP B 2298 25.31 17.64 21.25
CA ASP B 2298 23.98 18.17 21.49
C ASP B 2298 23.05 17.09 22.02
N TYR B 2299 23.15 15.87 21.49
CA TYR B 2299 22.31 14.79 21.99
C TYR B 2299 22.63 14.46 23.44
N VAL B 2300 23.92 14.39 23.79
CA VAL B 2300 24.31 14.10 25.17
C VAL B 2300 23.74 15.14 26.12
N LEU B 2301 23.86 16.42 25.75
CA LEU B 2301 23.34 17.49 26.59
C LEU B 2301 21.83 17.39 26.75
N LYS B 2302 21.12 17.14 25.63
CA LYS B 2302 19.68 17.01 25.68
C LYS B 2302 19.26 15.85 26.56
N GLN B 2303 20.01 14.75 26.53
CA GLN B 2303 19.67 13.61 27.36
C GLN B 2303 19.89 13.89 28.85
N ILE B 2304 20.97 14.60 29.18
CA ILE B 2304 21.21 14.95 30.58
C ILE B 2304 20.06 15.81 31.10
N ARG B 2305 19.72 16.87 30.36
CA ARG B 2305 18.65 17.76 30.79
C ARG B 2305 17.31 17.04 30.80
N SER B 2306 17.11 16.11 29.86
CA SER B 2306 15.85 15.37 29.81
C SER B 2306 15.71 14.45 31.02
N LEU B 2307 16.79 13.76 31.37
CA LEU B 2307 16.75 12.84 32.50
C LEU B 2307 16.47 13.58 33.80
N VAL B 2308 17.14 14.72 34.01
CA VAL B 2308 16.91 15.41 35.28
C VAL B 2308 15.57 16.14 35.29
N GLN B 2309 15.12 16.67 34.14
CA GLN B 2309 13.84 17.37 34.10
C GLN B 2309 12.69 16.46 34.49
N ALA B 2310 12.73 15.21 34.06
CA ALA B 2310 11.68 14.25 34.39
C ALA B 2310 11.76 13.75 35.82
N ASN B 2311 12.92 13.88 36.46
CA ASN B 2311 13.12 13.43 37.84
C ASN B 2311 13.95 14.48 38.58
N PRO B 2312 13.32 15.59 39.01
CA PRO B 2312 14.09 16.65 39.69
C PRO B 2312 14.80 16.21 40.95
N GLU B 2313 14.36 15.10 41.55
CA GLU B 2313 14.79 14.69 42.88
C GLU B 2313 16.29 14.42 42.98
N VAL B 2314 17.00 14.29 41.87
CA VAL B 2314 18.43 13.97 41.86
C VAL B 2314 19.28 15.18 41.48
N ALA B 2315 18.66 16.33 41.21
CA ALA B 2315 19.36 17.44 40.58
C ALA B 2315 20.55 17.92 41.43
N MET B 2316 20.34 18.11 42.72
CA MET B 2316 21.40 18.59 43.59
C MET B 2316 22.59 17.63 43.66
N ASP B 2317 22.39 16.35 43.33
CA ASP B 2317 23.50 15.40 43.34
C ASP B 2317 24.26 15.42 42.03
N SER B 2318 23.60 15.76 40.92
CA SER B 2318 24.29 15.84 39.64
C SER B 2318 25.08 17.14 39.51
N ILE B 2319 24.65 18.19 40.22
CA ILE B 2319 25.40 19.45 40.19
C ILE B 2319 26.79 19.25 40.76
N ILE B 2320 26.87 18.69 41.97
CA ILE B 2320 28.12 18.65 42.73
C ILE B 2320 29.19 17.88 41.97
N HIS B 2321 28.83 16.70 41.46
CA HIS B 2321 29.78 15.88 40.72
C HIS B 2321 30.36 16.63 39.52
N MET B 2322 29.55 17.49 38.91
CA MET B 2322 30.02 18.23 37.74
C MET B 2322 30.80 19.49 38.10
N THR B 2323 30.99 19.78 39.39
CA THR B 2323 31.85 20.86 39.83
C THR B 2323 33.21 20.36 40.30
N GLN B 2324 33.47 19.06 40.16
CA GLN B 2324 34.71 18.45 40.62
C GLN B 2324 35.77 18.36 39.53
N HIS B 2325 35.41 18.61 38.26
CA HIS B 2325 36.32 18.46 37.13
C HIS B 2325 36.20 19.65 36.17
N ILE B 2326 36.09 20.85 36.75
CA ILE B 2326 35.95 22.08 35.99
C ILE B 2326 37.04 23.06 36.43
N SER B 2327 37.35 24.00 35.53
CA SER B 2327 38.36 24.99 35.84
C SER B 2327 37.82 26.03 36.81
N PRO B 2328 38.70 26.79 37.48
CA PRO B 2328 38.20 27.82 38.41
C PRO B 2328 37.33 28.88 37.75
N THR B 2329 37.61 29.24 36.49
CA THR B 2329 36.76 30.19 35.81
C THR B 2329 35.36 29.62 35.56
N GLN B 2330 35.29 28.33 35.26
CA GLN B 2330 33.98 27.68 35.14
C GLN B 2330 33.26 27.67 36.49
N ARG B 2331 34.01 27.49 37.58
CA ARG B 2331 33.37 27.52 38.90
C ARG B 2331 32.85 28.91 39.22
N ALA B 2332 33.60 29.94 38.85
CA ALA B 2332 33.12 31.31 39.01
C ALA B 2332 31.86 31.55 38.18
N GLU B 2333 31.83 31.03 36.95
CA GLU B 2333 30.62 31.14 36.13
C GLU B 2333 29.45 30.43 36.81
N VAL B 2334 29.72 29.28 37.43
CA VAL B 2334 28.68 28.52 38.11
C VAL B 2334 28.11 29.34 39.27
N ILE B 2335 28.98 29.99 40.04
CA ILE B 2335 28.52 30.70 41.23
C ILE B 2335 27.82 32.00 40.83
N ARG B 2336 28.37 32.74 39.87
CA ARG B 2336 27.84 34.06 39.55
C ARG B 2336 26.53 33.96 38.80
N ILE B 2337 26.44 33.05 37.83
CA ILE B 2337 25.25 32.97 36.98
C ILE B 2337 24.15 32.28 37.76
N1A ACO C . -10.14 -5.61 -10.59
C2A ACO C . -10.85 -4.60 -11.12
N3A ACO C . -12.01 -4.76 -11.77
C4A ACO C . -12.55 -6.00 -11.94
C5A ACO C . -11.82 -7.16 -11.39
C6A ACO C . -10.55 -6.90 -10.68
N6A ACO C . -9.82 -7.90 -10.15
N7A ACO C . -12.56 -8.25 -11.68
C8A ACO C . -13.65 -7.83 -12.37
N9A ACO C . -13.65 -6.49 -12.52
C1B ACO C . -14.69 -5.69 -13.22
C2B ACO C . -14.81 -6.15 -14.65
O2B ACO C . -14.54 -5.07 -15.55
C3B ACO C . -16.25 -6.63 -14.82
O3B ACO C . -16.90 -5.85 -15.82
P3B ACO C . -18.48 -6.00 -16.06
O7A ACO C . -19.09 -5.45 -14.79
O8A ACO C . -18.75 -5.17 -17.29
O9A ACO C . -18.69 -7.48 -16.25
C4B ACO C . -16.91 -6.43 -13.48
O4B ACO C . -15.95 -5.88 -12.58
C5B ACO C . -17.45 -7.74 -12.92
O5B ACO C . -16.54 -8.79 -13.23
P1A ACO C . -17.08 -10.26 -13.60
O1A ACO C . -16.70 -10.56 -15.03
O2A ACO C . -18.52 -10.35 -13.18
O3A ACO C . -16.21 -11.21 -12.64
P2A ACO C . -16.87 -12.50 -11.94
O4A ACO C . -18.07 -12.04 -11.15
O5A ACO C . -17.04 -13.57 -12.99
O6A ACO C . -15.74 -12.98 -10.91
CBP ACO C . -13.45 -12.82 -10.16
CCP ACO C . -14.38 -13.09 -11.34
CDP ACO C . -13.61 -13.92 -9.11
CEP ACO C . -13.78 -11.47 -9.53
CAP ACO C . -12.01 -12.81 -10.65
OAP ACO C . -11.73 -14.02 -11.36
C9P ACO C . -11.80 -11.64 -11.58
O9P ACO C . -12.74 -11.08 -12.10
N8P ACO C . -10.53 -11.27 -11.77
C7P ACO C . -9.69 -10.84 -10.68
C6P ACO C . -8.47 -10.04 -11.16
C5P ACO C . -7.30 -10.32 -10.26
O5P ACO C . -6.84 -11.44 -10.17
N4P ACO C . -6.81 -9.28 -9.60
C3P ACO C . -5.38 -9.11 -9.40
C2P ACO C . -4.92 -9.69 -8.06
S1P ACO C . -3.16 -9.90 -8.10
C ACO C . -2.74 -8.95 -6.79
O ACO C . -1.68 -8.36 -6.82
CH3 ACO C . -3.67 -8.89 -5.61
N1A ACO D . 27.05 -43.04 22.50
C2A ACO D . 27.84 -43.69 23.37
N3A ACO D . 28.57 -44.79 23.05
C4A ACO D . 28.53 -45.29 21.79
C5A ACO D . 27.69 -44.63 20.78
C6A ACO D . 26.93 -43.43 21.21
N6A ACO D . 26.14 -42.76 20.35
N7A ACO D . 27.85 -45.32 19.64
C8A ACO D . 28.70 -46.35 19.89
N9A ACO D . 29.11 -46.32 21.17
C1B ACO D . 30.05 -47.29 21.79
C2B ACO D . 29.39 -48.66 21.89
O2B ACO D . 29.34 -49.08 23.26
C3B ACO D . 30.25 -49.61 21.08
O3B ACO D . 30.75 -50.64 21.91
P3B ACO D . 32.04 -51.49 21.47
O7A ACO D . 33.21 -50.67 21.97
O8A ACO D . 31.87 -52.82 22.17
O9A ACO D . 31.93 -51.56 19.96
C4B ACO D . 31.39 -48.77 20.52
O4B ACO D . 31.22 -47.43 20.98
C5B ACO D . 31.41 -48.81 19.00
O5B ACO D . 30.07 -48.76 18.51
P1A ACO D . 29.64 -49.67 17.25
O1A ACO D . 28.17 -50.00 17.39
O2A ACO D . 30.64 -50.79 17.09
O3A ACO D . 29.80 -48.66 16.01
P2A ACO D . 29.10 -48.96 14.60
O4A ACO D . 30.19 -49.21 13.58
O5A ACO D . 28.02 -50.00 14.82
O6A ACO D . 28.39 -47.56 14.25
CBP ACO D . 26.82 -45.81 14.76
CCP ACO D . 27.04 -47.31 14.65
CDP ACO D . 26.98 -45.17 13.39
CEP ACO D . 27.81 -45.20 15.73
CAP ACO D . 25.40 -45.56 15.27
OAP ACO D . 24.46 -46.24 14.42
C9P ACO D . 25.26 -46.06 16.67
O9P ACO D . 26.05 -46.87 17.13
N8P ACO D . 24.23 -45.59 17.37
C7P ACO D . 23.77 -44.21 17.20
C6P ACO D . 23.74 -43.45 18.52
C5P ACO D . 22.55 -42.53 18.54
O5P ACO D . 21.45 -42.95 18.25
N4P ACO D . 22.77 -41.27 18.92
C3P ACO D . 21.97 -40.63 19.93
C2P ACO D . 20.93 -39.69 19.33
S1P ACO D . 20.10 -38.83 20.63
C ACO D . 20.59 -37.27 20.30
O ACO D . 19.82 -36.35 20.50
CH3 ACO D . 21.98 -37.04 19.78
#